data_1PSF
# 
_entry.id   1PSF 
# 
_audit_conform.dict_name       mmcif_pdbx.dic 
_audit_conform.dict_version    5.391 
_audit_conform.dict_location   http://mmcif.pdb.org/dictionaries/ascii/mmcif_pdbx.dic 
# 
loop_
_database_2.database_id 
_database_2.database_code 
_database_2.pdbx_database_accession 
_database_2.pdbx_DOI 
PDB   1PSF         pdb_00001psf 10.2210/pdb1psf/pdb 
WWPDB D_1000175823 ?            ?                   
# 
loop_
_pdbx_audit_revision_history.ordinal 
_pdbx_audit_revision_history.data_content_type 
_pdbx_audit_revision_history.major_revision 
_pdbx_audit_revision_history.minor_revision 
_pdbx_audit_revision_history.revision_date 
1 'Structure model' 1 0 1995-04-20 
2 'Structure model' 1 1 2008-03-24 
3 'Structure model' 1 2 2011-07-13 
4 'Structure model' 1 3 2024-05-01 
# 
_pdbx_audit_revision_details.ordinal             1 
_pdbx_audit_revision_details.revision_ordinal    1 
_pdbx_audit_revision_details.data_content_type   'Structure model' 
_pdbx_audit_revision_details.provider            repository 
_pdbx_audit_revision_details.type                'Initial release' 
_pdbx_audit_revision_details.description         ? 
_pdbx_audit_revision_details.details             ? 
# 
loop_
_pdbx_audit_revision_group.ordinal 
_pdbx_audit_revision_group.revision_ordinal 
_pdbx_audit_revision_group.data_content_type 
_pdbx_audit_revision_group.group 
1 2 'Structure model' 'Version format compliance' 
2 3 'Structure model' 'Source and taxonomy'       
3 3 'Structure model' 'Version format compliance' 
4 4 'Structure model' 'Data collection'           
5 4 'Structure model' 'Database references'       
6 4 'Structure model' Other                       
# 
loop_
_pdbx_audit_revision_category.ordinal 
_pdbx_audit_revision_category.revision_ordinal 
_pdbx_audit_revision_category.data_content_type 
_pdbx_audit_revision_category.category 
1 4 'Structure model' chem_comp_atom       
2 4 'Structure model' chem_comp_bond       
3 4 'Structure model' database_2           
4 4 'Structure model' pdbx_database_status 
# 
loop_
_pdbx_audit_revision_item.ordinal 
_pdbx_audit_revision_item.revision_ordinal 
_pdbx_audit_revision_item.data_content_type 
_pdbx_audit_revision_item.item 
1 4 'Structure model' '_database_2.pdbx_DOI'                
2 4 'Structure model' '_database_2.pdbx_database_accession' 
3 4 'Structure model' '_pdbx_database_status.process_site'  
# 
_pdbx_database_status.status_code                     REL 
_pdbx_database_status.entry_id                        1PSF 
_pdbx_database_status.recvd_initial_deposition_date   1994-04-13 
_pdbx_database_status.deposit_site                    ? 
_pdbx_database_status.process_site                    BNL 
_pdbx_database_status.SG_entry                        . 
_pdbx_database_status.pdb_format_compatible           Y 
_pdbx_database_status.status_code_mr                  ? 
_pdbx_database_status.status_code_sf                  ? 
_pdbx_database_status.status_code_cs                  ? 
_pdbx_database_status.status_code_nmr_data            ? 
_pdbx_database_status.methods_development_category    ? 
# 
_pdbx_database_related.db_name        PDB 
_pdbx_database_related.db_id          1PSE 
_pdbx_database_related.details        . 
_pdbx_database_related.content_type   ensemble 
# 
loop_
_audit_author.name 
_audit_author.pdbx_ordinal 
'Falzone, C.J.'   1 
'Kao, Y.-H.'      2 
'Zhao, J.'        3 
'Bryant, D.A.'    4 
'Lecomte, J.T.J.' 5 
# 
loop_
_citation.id 
_citation.title 
_citation.journal_abbrev 
_citation.journal_volume 
_citation.page_first 
_citation.page_last 
_citation.year 
_citation.journal_id_ASTM 
_citation.country 
_citation.journal_id_ISSN 
_citation.journal_id_CSD 
_citation.book_publisher 
_citation.pdbx_database_id_PubMed 
_citation.pdbx_database_id_DOI 
primary 
;Three-dimensional solution structure of PsaE from the cyanobacterium Synechococcus sp. strain PCC 7002, a photosystem I protein that shows structural homology with SH3 domains.
;
Biochemistry 33 6052 6062 1994 BICHAW US 0006-2960 0033 ? 8193119 10.1021/bi00186a004 
1       '1H and 15N NMR Assignments of Psae, a Photosystem I Subunit from the Cyanobacterium Synechococcus Sp. Strain Pcc 7002' 
Biochemistry 33 6043 ?    1994 BICHAW US 0006-2960 0033 ? ?       ?                   
# 
loop_
_citation_author.citation_id 
_citation_author.name 
_citation_author.ordinal 
_citation_author.identifier_ORCID 
primary 'Falzone, C.J.'     1  ? 
primary 'Kao, Y.H.'         2  ? 
primary 'Zhao, J.'          3  ? 
primary 'Bryant, D.A.'      4  ? 
primary 'Lecomte, J.T.'     5  ? 
1       'Falzone, C.J.'     6  ? 
1       'Kao, Y.-H.'        7  ? 
1       'Zhao, J.'          8  ? 
1       'Maclaughlin, K.L.' 9  ? 
1       'Bryant, D.A.'      10 ? 
1       'Lecomte, J.T.J.'   11 ? 
# 
_entity.id                         1 
_entity.type                       polymer 
_entity.src_method                 man 
_entity.pdbx_description           'PHOTOSYSTEM I ACCESSORY PROTEIN E' 
_entity.formula_weight             7545.463 
_entity.pdbx_number_of_molecules   1 
_entity.pdbx_ec                    ? 
_entity.pdbx_mutation              ? 
_entity.pdbx_fragment              ? 
_entity.details                    ? 
# 
_entity_poly.entity_id                      1 
_entity_poly.type                           'polypeptide(L)' 
_entity_poly.nstd_linkage                   no 
_entity_poly.nstd_monomer                   no 
_entity_poly.pdbx_seq_one_letter_code       AIERGSKVKILRKESYWYGDVGTVASIDKSGIIYPVIVRFNKVNYNGFSGSAGGLNTNNFAEHELEVVG 
_entity_poly.pdbx_seq_one_letter_code_can   AIERGSKVKILRKESYWYGDVGTVASIDKSGIIYPVIVRFNKVNYNGFSGSAGGLNTNNFAEHELEVVG 
_entity_poly.pdbx_strand_id                 A 
_entity_poly.pdbx_target_identifier         ? 
# 
loop_
_entity_poly_seq.entity_id 
_entity_poly_seq.num 
_entity_poly_seq.mon_id 
_entity_poly_seq.hetero 
1 1  ALA n 
1 2  ILE n 
1 3  GLU n 
1 4  ARG n 
1 5  GLY n 
1 6  SER n 
1 7  LYS n 
1 8  VAL n 
1 9  LYS n 
1 10 ILE n 
1 11 LEU n 
1 12 ARG n 
1 13 LYS n 
1 14 GLU n 
1 15 SER n 
1 16 TYR n 
1 17 TRP n 
1 18 TYR n 
1 19 GLY n 
1 20 ASP n 
1 21 VAL n 
1 22 GLY n 
1 23 THR n 
1 24 VAL n 
1 25 ALA n 
1 26 SER n 
1 27 ILE n 
1 28 ASP n 
1 29 LYS n 
1 30 SER n 
1 31 GLY n 
1 32 ILE n 
1 33 ILE n 
1 34 TYR n 
1 35 PRO n 
1 36 VAL n 
1 37 ILE n 
1 38 VAL n 
1 39 ARG n 
1 40 PHE n 
1 41 ASN n 
1 42 LYS n 
1 43 VAL n 
1 44 ASN n 
1 45 TYR n 
1 46 ASN n 
1 47 GLY n 
1 48 PHE n 
1 49 SER n 
1 50 GLY n 
1 51 SER n 
1 52 ALA n 
1 53 GLY n 
1 54 GLY n 
1 55 LEU n 
1 56 ASN n 
1 57 THR n 
1 58 ASN n 
1 59 ASN n 
1 60 PHE n 
1 61 ALA n 
1 62 GLU n 
1 63 HIS n 
1 64 GLU n 
1 65 LEU n 
1 66 GLU n 
1 67 VAL n 
1 68 VAL n 
1 69 GLY n 
# 
_entity_src_gen.entity_id                          1 
_entity_src_gen.pdbx_src_id                        1 
_entity_src_gen.pdbx_alt_source_flag               sample 
_entity_src_gen.pdbx_seq_type                      ? 
_entity_src_gen.pdbx_beg_seq_num                   ? 
_entity_src_gen.pdbx_end_seq_num                   ? 
_entity_src_gen.gene_src_common_name               ? 
_entity_src_gen.gene_src_genus                     Synechococcus 
_entity_src_gen.pdbx_gene_src_gene                 ? 
_entity_src_gen.gene_src_species                   ? 
_entity_src_gen.gene_src_strain                    'PCC 7002' 
_entity_src_gen.gene_src_tissue                    ? 
_entity_src_gen.gene_src_tissue_fraction           ? 
_entity_src_gen.gene_src_details                   ? 
_entity_src_gen.pdbx_gene_src_fragment             ? 
_entity_src_gen.pdbx_gene_src_scientific_name      'Synechococcus sp.' 
_entity_src_gen.pdbx_gene_src_ncbi_taxonomy_id     32049 
_entity_src_gen.pdbx_gene_src_variant              ? 
_entity_src_gen.pdbx_gene_src_cell_line            ? 
_entity_src_gen.pdbx_gene_src_atcc                 ? 
_entity_src_gen.pdbx_gene_src_organ                ? 
_entity_src_gen.pdbx_gene_src_organelle            ? 
_entity_src_gen.pdbx_gene_src_cell                 ? 
_entity_src_gen.pdbx_gene_src_cellular_location    ? 
_entity_src_gen.host_org_common_name               ? 
_entity_src_gen.pdbx_host_org_scientific_name      ? 
_entity_src_gen.pdbx_host_org_ncbi_taxonomy_id     ? 
_entity_src_gen.host_org_genus                     ? 
_entity_src_gen.pdbx_host_org_gene                 ? 
_entity_src_gen.pdbx_host_org_organ                ? 
_entity_src_gen.host_org_species                   ? 
_entity_src_gen.pdbx_host_org_tissue               ? 
_entity_src_gen.pdbx_host_org_tissue_fraction      ? 
_entity_src_gen.pdbx_host_org_strain               ? 
_entity_src_gen.pdbx_host_org_variant              ? 
_entity_src_gen.pdbx_host_org_cell_line            ? 
_entity_src_gen.pdbx_host_org_atcc                 ? 
_entity_src_gen.pdbx_host_org_culture_collection   ? 
_entity_src_gen.pdbx_host_org_cell                 ? 
_entity_src_gen.pdbx_host_org_organelle            ? 
_entity_src_gen.pdbx_host_org_cellular_location    ? 
_entity_src_gen.pdbx_host_org_vector_type          ? 
_entity_src_gen.pdbx_host_org_vector               ? 
_entity_src_gen.host_org_details                   ? 
_entity_src_gen.expression_system_id               ? 
_entity_src_gen.plasmid_name                       ? 
_entity_src_gen.plasmid_details                    ? 
_entity_src_gen.pdbx_description                   ? 
# 
loop_
_chem_comp.id 
_chem_comp.type 
_chem_comp.mon_nstd_flag 
_chem_comp.name 
_chem_comp.pdbx_synonyms 
_chem_comp.formula 
_chem_comp.formula_weight 
ALA 'L-peptide linking' y ALANINE         ? 'C3 H7 N O2'     89.093  
ARG 'L-peptide linking' y ARGININE        ? 'C6 H15 N4 O2 1' 175.209 
ASN 'L-peptide linking' y ASPARAGINE      ? 'C4 H8 N2 O3'    132.118 
ASP 'L-peptide linking' y 'ASPARTIC ACID' ? 'C4 H7 N O4'     133.103 
GLU 'L-peptide linking' y 'GLUTAMIC ACID' ? 'C5 H9 N O4'     147.129 
GLY 'peptide linking'   y GLYCINE         ? 'C2 H5 N O2'     75.067  
HIS 'L-peptide linking' y HISTIDINE       ? 'C6 H10 N3 O2 1' 156.162 
ILE 'L-peptide linking' y ISOLEUCINE      ? 'C6 H13 N O2'    131.173 
LEU 'L-peptide linking' y LEUCINE         ? 'C6 H13 N O2'    131.173 
LYS 'L-peptide linking' y LYSINE          ? 'C6 H15 N2 O2 1' 147.195 
PHE 'L-peptide linking' y PHENYLALANINE   ? 'C9 H11 N O2'    165.189 
PRO 'L-peptide linking' y PROLINE         ? 'C5 H9 N O2'     115.130 
SER 'L-peptide linking' y SERINE          ? 'C3 H7 N O3'     105.093 
THR 'L-peptide linking' y THREONINE       ? 'C4 H9 N O3'     119.119 
TRP 'L-peptide linking' y TRYPTOPHAN      ? 'C11 H12 N2 O2'  204.225 
TYR 'L-peptide linking' y TYROSINE        ? 'C9 H11 N O3'    181.189 
VAL 'L-peptide linking' y VALINE          ? 'C5 H11 N O2'    117.146 
# 
loop_
_pdbx_poly_seq_scheme.asym_id 
_pdbx_poly_seq_scheme.entity_id 
_pdbx_poly_seq_scheme.seq_id 
_pdbx_poly_seq_scheme.mon_id 
_pdbx_poly_seq_scheme.ndb_seq_num 
_pdbx_poly_seq_scheme.pdb_seq_num 
_pdbx_poly_seq_scheme.auth_seq_num 
_pdbx_poly_seq_scheme.pdb_mon_id 
_pdbx_poly_seq_scheme.auth_mon_id 
_pdbx_poly_seq_scheme.pdb_strand_id 
_pdbx_poly_seq_scheme.pdb_ins_code 
_pdbx_poly_seq_scheme.hetero 
A 1 1  ALA 1  1  1  ALA ALA A . n 
A 1 2  ILE 2  2  2  ILE ILE A . n 
A 1 3  GLU 3  3  3  GLU GLU A . n 
A 1 4  ARG 4  4  4  ARG ARG A . n 
A 1 5  GLY 5  5  5  GLY GLY A . n 
A 1 6  SER 6  6  6  SER SER A . n 
A 1 7  LYS 7  7  7  LYS LYS A . n 
A 1 8  VAL 8  8  8  VAL VAL A . n 
A 1 9  LYS 9  9  9  LYS LYS A . n 
A 1 10 ILE 10 10 10 ILE ILE A . n 
A 1 11 LEU 11 11 11 LEU LEU A . n 
A 1 12 ARG 12 12 12 ARG ARG A . n 
A 1 13 LYS 13 13 13 LYS LYS A . n 
A 1 14 GLU 14 14 14 GLU GLU A . n 
A 1 15 SER 15 15 15 SER SER A . n 
A 1 16 TYR 16 16 16 TYR TYR A . n 
A 1 17 TRP 17 17 17 TRP TRP A . n 
A 1 18 TYR 18 18 18 TYR TYR A . n 
A 1 19 GLY 19 19 19 GLY GLY A . n 
A 1 20 ASP 20 20 20 ASP ASP A . n 
A 1 21 VAL 21 21 21 VAL VAL A . n 
A 1 22 GLY 22 22 22 GLY GLY A . n 
A 1 23 THR 23 23 23 THR THR A . n 
A 1 24 VAL 24 24 24 VAL VAL A . n 
A 1 25 ALA 25 25 25 ALA ALA A . n 
A 1 26 SER 26 26 26 SER SER A . n 
A 1 27 ILE 27 27 27 ILE ILE A . n 
A 1 28 ASP 28 28 28 ASP ASP A . n 
A 1 29 LYS 29 29 29 LYS LYS A . n 
A 1 30 SER 30 30 30 SER SER A . n 
A 1 31 GLY 31 31 31 GLY GLY A . n 
A 1 32 ILE 32 32 32 ILE ILE A . n 
A 1 33 ILE 33 33 33 ILE ILE A . n 
A 1 34 TYR 34 34 34 TYR TYR A . n 
A 1 35 PRO 35 35 35 PRO PRO A . n 
A 1 36 VAL 36 36 36 VAL VAL A . n 
A 1 37 ILE 37 37 37 ILE ILE A . n 
A 1 38 VAL 38 38 38 VAL VAL A . n 
A 1 39 ARG 39 39 39 ARG ARG A . n 
A 1 40 PHE 40 40 40 PHE PHE A . n 
A 1 41 ASN 41 41 41 ASN ASN A . n 
A 1 42 LYS 42 42 42 LYS LYS A . n 
A 1 43 VAL 43 43 43 VAL VAL A . n 
A 1 44 ASN 44 44 44 ASN ASN A . n 
A 1 45 TYR 45 45 45 TYR TYR A . n 
A 1 46 ASN 46 46 46 ASN ASN A . n 
A 1 47 GLY 47 47 47 GLY GLY A . n 
A 1 48 PHE 48 48 48 PHE PHE A . n 
A 1 49 SER 49 49 49 SER SER A . n 
A 1 50 GLY 50 50 50 GLY GLY A . n 
A 1 51 SER 51 51 51 SER SER A . n 
A 1 52 ALA 52 52 52 ALA ALA A . n 
A 1 53 GLY 53 53 53 GLY GLY A . n 
A 1 54 GLY 54 54 54 GLY GLY A . n 
A 1 55 LEU 55 55 55 LEU LEU A . n 
A 1 56 ASN 56 56 56 ASN ASN A . n 
A 1 57 THR 57 57 57 THR THR A . n 
A 1 58 ASN 58 58 58 ASN ASN A . n 
A 1 59 ASN 59 59 59 ASN ASN A . n 
A 1 60 PHE 60 60 60 PHE PHE A . n 
A 1 61 ALA 61 61 61 ALA ALA A . n 
A 1 62 GLU 62 62 62 GLU GLU A . n 
A 1 63 HIS 63 63 63 HIS HIS A . n 
A 1 64 GLU 64 64 64 GLU GLU A . n 
A 1 65 LEU 65 65 65 LEU LEU A . n 
A 1 66 GLU 66 66 66 GLU GLU A . n 
A 1 67 VAL 67 67 67 VAL VAL A . n 
A 1 68 VAL 68 68 68 VAL VAL A . n 
A 1 69 GLY 69 69 69 GLY GLY A . n 
# 
loop_
_software.name 
_software.classification 
_software.version 
_software.citation_id 
_software.pdbx_ordinal 
X-PLOR 'model building' . ? 1 
X-PLOR refinement       . ? 2 
X-PLOR phasing          . ? 3 
# 
_cell.entry_id           1PSF 
_cell.length_a           1.000 
_cell.length_b           1.000 
_cell.length_c           1.000 
_cell.angle_alpha        90.00 
_cell.angle_beta         90.00 
_cell.angle_gamma        90.00 
_cell.Z_PDB              1 
_cell.pdbx_unique_axis   ? 
# 
_symmetry.entry_id                         1PSF 
_symmetry.space_group_name_H-M             'P 1' 
_symmetry.pdbx_full_space_group_name_H-M   ? 
_symmetry.cell_setting                     ? 
_symmetry.Int_Tables_number                1 
# 
_exptl.entry_id          1PSF 
_exptl.method            'SOLUTION NMR' 
_exptl.crystals_number   ? 
# 
_struct.entry_id                  1PSF 
_struct.title                     
;THE THREE-DIMENSIONAL SOLUTION STRUCTURE OF PSAE FROM THE CYANOBACTERIUM SYNECHOCOCCUS SP. STRAIN PCC 7002: A PHOTOSYSTEM I PROTEIN THAT SHOWS STRUCTURAL HOMOLOGY WITH SH3 DOMAINS
;
_struct.pdbx_model_details        ? 
_struct.pdbx_CASP_flag            ? 
_struct.pdbx_model_type_details   ? 
# 
_struct_keywords.entry_id        1PSF 
_struct_keywords.pdbx_keywords   'PHOTOSYSTEM I' 
_struct_keywords.text            'PHOTOSYSTEM I' 
# 
_struct_asym.id                            A 
_struct_asym.pdbx_blank_PDB_chainid_flag   Y 
_struct_asym.pdbx_modified                 N 
_struct_asym.entity_id                     1 
_struct_asym.details                       ? 
# 
_struct_ref.id                         1 
_struct_ref.db_name                    UNP 
_struct_ref.db_code                    PSAE_SYNP2 
_struct_ref.entity_id                  1 
_struct_ref.pdbx_db_accession          P31969 
_struct_ref.pdbx_align_begin           1 
_struct_ref.pdbx_seq_one_letter_code   AIERGSKVKILRKESYWYGDVGTVASIDKSGIIYPVIVRFNKVNYNGFSGSAGGLNTNNFAEHELEVVG 
_struct_ref.pdbx_db_isoform            ? 
# 
_struct_ref_seq.align_id                      1 
_struct_ref_seq.ref_id                        1 
_struct_ref_seq.pdbx_PDB_id_code              1PSF 
_struct_ref_seq.pdbx_strand_id                A 
_struct_ref_seq.seq_align_beg                 1 
_struct_ref_seq.pdbx_seq_align_beg_ins_code   ? 
_struct_ref_seq.seq_align_end                 69 
_struct_ref_seq.pdbx_seq_align_end_ins_code   ? 
_struct_ref_seq.pdbx_db_accession             P31969 
_struct_ref_seq.db_align_beg                  1 
_struct_ref_seq.pdbx_db_align_beg_ins_code    ? 
_struct_ref_seq.db_align_end                  69 
_struct_ref_seq.pdbx_db_align_end_ins_code    ? 
_struct_ref_seq.pdbx_auth_seq_align_beg       1 
_struct_ref_seq.pdbx_auth_seq_align_end       69 
# 
_pdbx_struct_assembly.id                   1 
_pdbx_struct_assembly.details              author_defined_assembly 
_pdbx_struct_assembly.method_details       ? 
_pdbx_struct_assembly.oligomeric_details   monomeric 
_pdbx_struct_assembly.oligomeric_count     1 
# 
_pdbx_struct_assembly_gen.assembly_id       1 
_pdbx_struct_assembly_gen.oper_expression   1 
_pdbx_struct_assembly_gen.asym_id_list      A 
# 
_pdbx_struct_oper_list.id                   1 
_pdbx_struct_oper_list.type                 'identity operation' 
_pdbx_struct_oper_list.name                 1_555 
_pdbx_struct_oper_list.symmetry_operation   x,y,z 
_pdbx_struct_oper_list.matrix[1][1]         1.0000000000 
_pdbx_struct_oper_list.matrix[1][2]         0.0000000000 
_pdbx_struct_oper_list.matrix[1][3]         0.0000000000 
_pdbx_struct_oper_list.vector[1]            0.0000000000 
_pdbx_struct_oper_list.matrix[2][1]         0.0000000000 
_pdbx_struct_oper_list.matrix[2][2]         1.0000000000 
_pdbx_struct_oper_list.matrix[2][3]         0.0000000000 
_pdbx_struct_oper_list.vector[2]            0.0000000000 
_pdbx_struct_oper_list.matrix[3][1]         0.0000000000 
_pdbx_struct_oper_list.matrix[3][2]         0.0000000000 
_pdbx_struct_oper_list.matrix[3][3]         1.0000000000 
_pdbx_struct_oper_list.vector[3]            0.0000000000 
# 
_struct_biol.id   1 
# 
_struct_sheet.id               A 
_struct_sheet.type             ? 
_struct_sheet.number_strands   5 
_struct_sheet.details          ? 
# 
loop_
_struct_sheet_order.sheet_id 
_struct_sheet_order.range_id_1 
_struct_sheet_order.range_id_2 
_struct_sheet_order.offset 
_struct_sheet_order.sense 
A 1 2 ? anti-parallel 
A 2 3 ? anti-parallel 
A 3 4 ? anti-parallel 
A 4 5 ? anti-parallel 
# 
loop_
_struct_sheet_range.sheet_id 
_struct_sheet_range.id 
_struct_sheet_range.beg_label_comp_id 
_struct_sheet_range.beg_label_asym_id 
_struct_sheet_range.beg_label_seq_id 
_struct_sheet_range.pdbx_beg_PDB_ins_code 
_struct_sheet_range.end_label_comp_id 
_struct_sheet_range.end_label_asym_id 
_struct_sheet_range.end_label_seq_id 
_struct_sheet_range.pdbx_end_PDB_ins_code 
_struct_sheet_range.beg_auth_comp_id 
_struct_sheet_range.beg_auth_asym_id 
_struct_sheet_range.beg_auth_seq_id 
_struct_sheet_range.end_auth_comp_id 
_struct_sheet_range.end_auth_asym_id 
_struct_sheet_range.end_auth_seq_id 
A 1 THR A 57 ? PHE A 60 ? THR A 57 PHE A 60 
A 2 VAL A 36 ? ARG A 39 ? VAL A 36 ARG A 39 
A 3 VAL A 21 ? SER A 26 ? VAL A 21 SER A 26 
A 4 LYS A 7  ? ILE A 10 ? LYS A 7  ILE A 10 
A 5 LEU A 65 ? VAL A 67 ? LEU A 65 VAL A 67 
# 
loop_
_pdbx_struct_sheet_hbond.sheet_id 
_pdbx_struct_sheet_hbond.range_id_1 
_pdbx_struct_sheet_hbond.range_id_2 
_pdbx_struct_sheet_hbond.range_1_label_atom_id 
_pdbx_struct_sheet_hbond.range_1_label_comp_id 
_pdbx_struct_sheet_hbond.range_1_label_asym_id 
_pdbx_struct_sheet_hbond.range_1_label_seq_id 
_pdbx_struct_sheet_hbond.range_1_PDB_ins_code 
_pdbx_struct_sheet_hbond.range_1_auth_atom_id 
_pdbx_struct_sheet_hbond.range_1_auth_comp_id 
_pdbx_struct_sheet_hbond.range_1_auth_asym_id 
_pdbx_struct_sheet_hbond.range_1_auth_seq_id 
_pdbx_struct_sheet_hbond.range_2_label_atom_id 
_pdbx_struct_sheet_hbond.range_2_label_comp_id 
_pdbx_struct_sheet_hbond.range_2_label_asym_id 
_pdbx_struct_sheet_hbond.range_2_label_seq_id 
_pdbx_struct_sheet_hbond.range_2_PDB_ins_code 
_pdbx_struct_sheet_hbond.range_2_auth_atom_id 
_pdbx_struct_sheet_hbond.range_2_auth_comp_id 
_pdbx_struct_sheet_hbond.range_2_auth_asym_id 
_pdbx_struct_sheet_hbond.range_2_auth_seq_id 
A 1 2 O PHE A 60 ? O PHE A 60 N VAL A 36 ? N VAL A 36 
A 2 3 O ARG A 39 ? O ARG A 39 N THR A 23 ? N THR A 23 
A 3 4 O GLY A 22 ? O GLY A 22 N VAL A 8  ? N VAL A 8  
A 4 5 N LYS A 9  ? N LYS A 9  O GLU A 66 ? O GLU A 66 
# 
loop_
_pdbx_validate_torsion.id 
_pdbx_validate_torsion.PDB_model_num 
_pdbx_validate_torsion.auth_comp_id 
_pdbx_validate_torsion.auth_asym_id 
_pdbx_validate_torsion.auth_seq_id 
_pdbx_validate_torsion.PDB_ins_code 
_pdbx_validate_torsion.label_alt_id 
_pdbx_validate_torsion.phi 
_pdbx_validate_torsion.psi 
1 1 ILE A 2  ? ? -62.76  97.53  
2 1 LYS A 29 ? ? -97.06  39.38  
3 1 SER A 49 ? ? -176.53 125.35 
4 1 LEU A 55 ? ? -115.92 -76.25 
5 1 VAL A 67 ? ? -58.47  106.81 
# 
loop_
_pdbx_validate_planes.id 
_pdbx_validate_planes.PDB_model_num 
_pdbx_validate_planes.auth_comp_id 
_pdbx_validate_planes.auth_asym_id 
_pdbx_validate_planes.auth_seq_id 
_pdbx_validate_planes.PDB_ins_code 
_pdbx_validate_planes.label_alt_id 
_pdbx_validate_planes.rmsd 
_pdbx_validate_planes.type 
1 1 ARG A 4  ? ? 0.281 'SIDE CHAIN' 
2 1 ARG A 12 ? ? 0.273 'SIDE CHAIN' 
3 1 ARG A 39 ? ? 0.243 'SIDE CHAIN' 
# 
_pdbx_nmr_ensemble.entry_id                             1PSF 
_pdbx_nmr_ensemble.conformers_calculated_total_number   ? 
_pdbx_nmr_ensemble.conformers_submitted_total_number    1 
_pdbx_nmr_ensemble.conformer_selection_criteria         ? 
# 
loop_
_chem_comp_atom.comp_id 
_chem_comp_atom.atom_id 
_chem_comp_atom.type_symbol 
_chem_comp_atom.pdbx_aromatic_flag 
_chem_comp_atom.pdbx_stereo_config 
_chem_comp_atom.pdbx_ordinal 
ALA N    N N N 1   
ALA CA   C N S 2   
ALA C    C N N 3   
ALA O    O N N 4   
ALA CB   C N N 5   
ALA OXT  O N N 6   
ALA H    H N N 7   
ALA H2   H N N 8   
ALA HA   H N N 9   
ALA HB1  H N N 10  
ALA HB2  H N N 11  
ALA HB3  H N N 12  
ALA HXT  H N N 13  
ARG N    N N N 14  
ARG CA   C N S 15  
ARG C    C N N 16  
ARG O    O N N 17  
ARG CB   C N N 18  
ARG CG   C N N 19  
ARG CD   C N N 20  
ARG NE   N N N 21  
ARG CZ   C N N 22  
ARG NH1  N N N 23  
ARG NH2  N N N 24  
ARG OXT  O N N 25  
ARG H    H N N 26  
ARG H2   H N N 27  
ARG HA   H N N 28  
ARG HB2  H N N 29  
ARG HB3  H N N 30  
ARG HG2  H N N 31  
ARG HG3  H N N 32  
ARG HD2  H N N 33  
ARG HD3  H N N 34  
ARG HE   H N N 35  
ARG HH11 H N N 36  
ARG HH12 H N N 37  
ARG HH21 H N N 38  
ARG HH22 H N N 39  
ARG HXT  H N N 40  
ASN N    N N N 41  
ASN CA   C N S 42  
ASN C    C N N 43  
ASN O    O N N 44  
ASN CB   C N N 45  
ASN CG   C N N 46  
ASN OD1  O N N 47  
ASN ND2  N N N 48  
ASN OXT  O N N 49  
ASN H    H N N 50  
ASN H2   H N N 51  
ASN HA   H N N 52  
ASN HB2  H N N 53  
ASN HB3  H N N 54  
ASN HD21 H N N 55  
ASN HD22 H N N 56  
ASN HXT  H N N 57  
ASP N    N N N 58  
ASP CA   C N S 59  
ASP C    C N N 60  
ASP O    O N N 61  
ASP CB   C N N 62  
ASP CG   C N N 63  
ASP OD1  O N N 64  
ASP OD2  O N N 65  
ASP OXT  O N N 66  
ASP H    H N N 67  
ASP H2   H N N 68  
ASP HA   H N N 69  
ASP HB2  H N N 70  
ASP HB3  H N N 71  
ASP HD2  H N N 72  
ASP HXT  H N N 73  
GLU N    N N N 74  
GLU CA   C N S 75  
GLU C    C N N 76  
GLU O    O N N 77  
GLU CB   C N N 78  
GLU CG   C N N 79  
GLU CD   C N N 80  
GLU OE1  O N N 81  
GLU OE2  O N N 82  
GLU OXT  O N N 83  
GLU H    H N N 84  
GLU H2   H N N 85  
GLU HA   H N N 86  
GLU HB2  H N N 87  
GLU HB3  H N N 88  
GLU HG2  H N N 89  
GLU HG3  H N N 90  
GLU HE2  H N N 91  
GLU HXT  H N N 92  
GLY N    N N N 93  
GLY CA   C N N 94  
GLY C    C N N 95  
GLY O    O N N 96  
GLY OXT  O N N 97  
GLY H    H N N 98  
GLY H2   H N N 99  
GLY HA2  H N N 100 
GLY HA3  H N N 101 
GLY HXT  H N N 102 
HIS N    N N N 103 
HIS CA   C N S 104 
HIS C    C N N 105 
HIS O    O N N 106 
HIS CB   C N N 107 
HIS CG   C Y N 108 
HIS ND1  N Y N 109 
HIS CD2  C Y N 110 
HIS CE1  C Y N 111 
HIS NE2  N Y N 112 
HIS OXT  O N N 113 
HIS H    H N N 114 
HIS H2   H N N 115 
HIS HA   H N N 116 
HIS HB2  H N N 117 
HIS HB3  H N N 118 
HIS HD1  H N N 119 
HIS HD2  H N N 120 
HIS HE1  H N N 121 
HIS HE2  H N N 122 
HIS HXT  H N N 123 
ILE N    N N N 124 
ILE CA   C N S 125 
ILE C    C N N 126 
ILE O    O N N 127 
ILE CB   C N S 128 
ILE CG1  C N N 129 
ILE CG2  C N N 130 
ILE CD1  C N N 131 
ILE OXT  O N N 132 
ILE H    H N N 133 
ILE H2   H N N 134 
ILE HA   H N N 135 
ILE HB   H N N 136 
ILE HG12 H N N 137 
ILE HG13 H N N 138 
ILE HG21 H N N 139 
ILE HG22 H N N 140 
ILE HG23 H N N 141 
ILE HD11 H N N 142 
ILE HD12 H N N 143 
ILE HD13 H N N 144 
ILE HXT  H N N 145 
LEU N    N N N 146 
LEU CA   C N S 147 
LEU C    C N N 148 
LEU O    O N N 149 
LEU CB   C N N 150 
LEU CG   C N N 151 
LEU CD1  C N N 152 
LEU CD2  C N N 153 
LEU OXT  O N N 154 
LEU H    H N N 155 
LEU H2   H N N 156 
LEU HA   H N N 157 
LEU HB2  H N N 158 
LEU HB3  H N N 159 
LEU HG   H N N 160 
LEU HD11 H N N 161 
LEU HD12 H N N 162 
LEU HD13 H N N 163 
LEU HD21 H N N 164 
LEU HD22 H N N 165 
LEU HD23 H N N 166 
LEU HXT  H N N 167 
LYS N    N N N 168 
LYS CA   C N S 169 
LYS C    C N N 170 
LYS O    O N N 171 
LYS CB   C N N 172 
LYS CG   C N N 173 
LYS CD   C N N 174 
LYS CE   C N N 175 
LYS NZ   N N N 176 
LYS OXT  O N N 177 
LYS H    H N N 178 
LYS H2   H N N 179 
LYS HA   H N N 180 
LYS HB2  H N N 181 
LYS HB3  H N N 182 
LYS HG2  H N N 183 
LYS HG3  H N N 184 
LYS HD2  H N N 185 
LYS HD3  H N N 186 
LYS HE2  H N N 187 
LYS HE3  H N N 188 
LYS HZ1  H N N 189 
LYS HZ2  H N N 190 
LYS HZ3  H N N 191 
LYS HXT  H N N 192 
PHE N    N N N 193 
PHE CA   C N S 194 
PHE C    C N N 195 
PHE O    O N N 196 
PHE CB   C N N 197 
PHE CG   C Y N 198 
PHE CD1  C Y N 199 
PHE CD2  C Y N 200 
PHE CE1  C Y N 201 
PHE CE2  C Y N 202 
PHE CZ   C Y N 203 
PHE OXT  O N N 204 
PHE H    H N N 205 
PHE H2   H N N 206 
PHE HA   H N N 207 
PHE HB2  H N N 208 
PHE HB3  H N N 209 
PHE HD1  H N N 210 
PHE HD2  H N N 211 
PHE HE1  H N N 212 
PHE HE2  H N N 213 
PHE HZ   H N N 214 
PHE HXT  H N N 215 
PRO N    N N N 216 
PRO CA   C N S 217 
PRO C    C N N 218 
PRO O    O N N 219 
PRO CB   C N N 220 
PRO CG   C N N 221 
PRO CD   C N N 222 
PRO OXT  O N N 223 
PRO H    H N N 224 
PRO HA   H N N 225 
PRO HB2  H N N 226 
PRO HB3  H N N 227 
PRO HG2  H N N 228 
PRO HG3  H N N 229 
PRO HD2  H N N 230 
PRO HD3  H N N 231 
PRO HXT  H N N 232 
SER N    N N N 233 
SER CA   C N S 234 
SER C    C N N 235 
SER O    O N N 236 
SER CB   C N N 237 
SER OG   O N N 238 
SER OXT  O N N 239 
SER H    H N N 240 
SER H2   H N N 241 
SER HA   H N N 242 
SER HB2  H N N 243 
SER HB3  H N N 244 
SER HG   H N N 245 
SER HXT  H N N 246 
THR N    N N N 247 
THR CA   C N S 248 
THR C    C N N 249 
THR O    O N N 250 
THR CB   C N R 251 
THR OG1  O N N 252 
THR CG2  C N N 253 
THR OXT  O N N 254 
THR H    H N N 255 
THR H2   H N N 256 
THR HA   H N N 257 
THR HB   H N N 258 
THR HG1  H N N 259 
THR HG21 H N N 260 
THR HG22 H N N 261 
THR HG23 H N N 262 
THR HXT  H N N 263 
TRP N    N N N 264 
TRP CA   C N S 265 
TRP C    C N N 266 
TRP O    O N N 267 
TRP CB   C N N 268 
TRP CG   C Y N 269 
TRP CD1  C Y N 270 
TRP CD2  C Y N 271 
TRP NE1  N Y N 272 
TRP CE2  C Y N 273 
TRP CE3  C Y N 274 
TRP CZ2  C Y N 275 
TRP CZ3  C Y N 276 
TRP CH2  C Y N 277 
TRP OXT  O N N 278 
TRP H    H N N 279 
TRP H2   H N N 280 
TRP HA   H N N 281 
TRP HB2  H N N 282 
TRP HB3  H N N 283 
TRP HD1  H N N 284 
TRP HE1  H N N 285 
TRP HE3  H N N 286 
TRP HZ2  H N N 287 
TRP HZ3  H N N 288 
TRP HH2  H N N 289 
TRP HXT  H N N 290 
TYR N    N N N 291 
TYR CA   C N S 292 
TYR C    C N N 293 
TYR O    O N N 294 
TYR CB   C N N 295 
TYR CG   C Y N 296 
TYR CD1  C Y N 297 
TYR CD2  C Y N 298 
TYR CE1  C Y N 299 
TYR CE2  C Y N 300 
TYR CZ   C Y N 301 
TYR OH   O N N 302 
TYR OXT  O N N 303 
TYR H    H N N 304 
TYR H2   H N N 305 
TYR HA   H N N 306 
TYR HB2  H N N 307 
TYR HB3  H N N 308 
TYR HD1  H N N 309 
TYR HD2  H N N 310 
TYR HE1  H N N 311 
TYR HE2  H N N 312 
TYR HH   H N N 313 
TYR HXT  H N N 314 
VAL N    N N N 315 
VAL CA   C N S 316 
VAL C    C N N 317 
VAL O    O N N 318 
VAL CB   C N N 319 
VAL CG1  C N N 320 
VAL CG2  C N N 321 
VAL OXT  O N N 322 
VAL H    H N N 323 
VAL H2   H N N 324 
VAL HA   H N N 325 
VAL HB   H N N 326 
VAL HG11 H N N 327 
VAL HG12 H N N 328 
VAL HG13 H N N 329 
VAL HG21 H N N 330 
VAL HG22 H N N 331 
VAL HG23 H N N 332 
VAL HXT  H N N 333 
# 
loop_
_chem_comp_bond.comp_id 
_chem_comp_bond.atom_id_1 
_chem_comp_bond.atom_id_2 
_chem_comp_bond.value_order 
_chem_comp_bond.pdbx_aromatic_flag 
_chem_comp_bond.pdbx_stereo_config 
_chem_comp_bond.pdbx_ordinal 
ALA N   CA   sing N N 1   
ALA N   H    sing N N 2   
ALA N   H2   sing N N 3   
ALA CA  C    sing N N 4   
ALA CA  CB   sing N N 5   
ALA CA  HA   sing N N 6   
ALA C   O    doub N N 7   
ALA C   OXT  sing N N 8   
ALA CB  HB1  sing N N 9   
ALA CB  HB2  sing N N 10  
ALA CB  HB3  sing N N 11  
ALA OXT HXT  sing N N 12  
ARG N   CA   sing N N 13  
ARG N   H    sing N N 14  
ARG N   H2   sing N N 15  
ARG CA  C    sing N N 16  
ARG CA  CB   sing N N 17  
ARG CA  HA   sing N N 18  
ARG C   O    doub N N 19  
ARG C   OXT  sing N N 20  
ARG CB  CG   sing N N 21  
ARG CB  HB2  sing N N 22  
ARG CB  HB3  sing N N 23  
ARG CG  CD   sing N N 24  
ARG CG  HG2  sing N N 25  
ARG CG  HG3  sing N N 26  
ARG CD  NE   sing N N 27  
ARG CD  HD2  sing N N 28  
ARG CD  HD3  sing N N 29  
ARG NE  CZ   sing N N 30  
ARG NE  HE   sing N N 31  
ARG CZ  NH1  sing N N 32  
ARG CZ  NH2  doub N N 33  
ARG NH1 HH11 sing N N 34  
ARG NH1 HH12 sing N N 35  
ARG NH2 HH21 sing N N 36  
ARG NH2 HH22 sing N N 37  
ARG OXT HXT  sing N N 38  
ASN N   CA   sing N N 39  
ASN N   H    sing N N 40  
ASN N   H2   sing N N 41  
ASN CA  C    sing N N 42  
ASN CA  CB   sing N N 43  
ASN CA  HA   sing N N 44  
ASN C   O    doub N N 45  
ASN C   OXT  sing N N 46  
ASN CB  CG   sing N N 47  
ASN CB  HB2  sing N N 48  
ASN CB  HB3  sing N N 49  
ASN CG  OD1  doub N N 50  
ASN CG  ND2  sing N N 51  
ASN ND2 HD21 sing N N 52  
ASN ND2 HD22 sing N N 53  
ASN OXT HXT  sing N N 54  
ASP N   CA   sing N N 55  
ASP N   H    sing N N 56  
ASP N   H2   sing N N 57  
ASP CA  C    sing N N 58  
ASP CA  CB   sing N N 59  
ASP CA  HA   sing N N 60  
ASP C   O    doub N N 61  
ASP C   OXT  sing N N 62  
ASP CB  CG   sing N N 63  
ASP CB  HB2  sing N N 64  
ASP CB  HB3  sing N N 65  
ASP CG  OD1  doub N N 66  
ASP CG  OD2  sing N N 67  
ASP OD2 HD2  sing N N 68  
ASP OXT HXT  sing N N 69  
GLU N   CA   sing N N 70  
GLU N   H    sing N N 71  
GLU N   H2   sing N N 72  
GLU CA  C    sing N N 73  
GLU CA  CB   sing N N 74  
GLU CA  HA   sing N N 75  
GLU C   O    doub N N 76  
GLU C   OXT  sing N N 77  
GLU CB  CG   sing N N 78  
GLU CB  HB2  sing N N 79  
GLU CB  HB3  sing N N 80  
GLU CG  CD   sing N N 81  
GLU CG  HG2  sing N N 82  
GLU CG  HG3  sing N N 83  
GLU CD  OE1  doub N N 84  
GLU CD  OE2  sing N N 85  
GLU OE2 HE2  sing N N 86  
GLU OXT HXT  sing N N 87  
GLY N   CA   sing N N 88  
GLY N   H    sing N N 89  
GLY N   H2   sing N N 90  
GLY CA  C    sing N N 91  
GLY CA  HA2  sing N N 92  
GLY CA  HA3  sing N N 93  
GLY C   O    doub N N 94  
GLY C   OXT  sing N N 95  
GLY OXT HXT  sing N N 96  
HIS N   CA   sing N N 97  
HIS N   H    sing N N 98  
HIS N   H2   sing N N 99  
HIS CA  C    sing N N 100 
HIS CA  CB   sing N N 101 
HIS CA  HA   sing N N 102 
HIS C   O    doub N N 103 
HIS C   OXT  sing N N 104 
HIS CB  CG   sing N N 105 
HIS CB  HB2  sing N N 106 
HIS CB  HB3  sing N N 107 
HIS CG  ND1  sing Y N 108 
HIS CG  CD2  doub Y N 109 
HIS ND1 CE1  doub Y N 110 
HIS ND1 HD1  sing N N 111 
HIS CD2 NE2  sing Y N 112 
HIS CD2 HD2  sing N N 113 
HIS CE1 NE2  sing Y N 114 
HIS CE1 HE1  sing N N 115 
HIS NE2 HE2  sing N N 116 
HIS OXT HXT  sing N N 117 
ILE N   CA   sing N N 118 
ILE N   H    sing N N 119 
ILE N   H2   sing N N 120 
ILE CA  C    sing N N 121 
ILE CA  CB   sing N N 122 
ILE CA  HA   sing N N 123 
ILE C   O    doub N N 124 
ILE C   OXT  sing N N 125 
ILE CB  CG1  sing N N 126 
ILE CB  CG2  sing N N 127 
ILE CB  HB   sing N N 128 
ILE CG1 CD1  sing N N 129 
ILE CG1 HG12 sing N N 130 
ILE CG1 HG13 sing N N 131 
ILE CG2 HG21 sing N N 132 
ILE CG2 HG22 sing N N 133 
ILE CG2 HG23 sing N N 134 
ILE CD1 HD11 sing N N 135 
ILE CD1 HD12 sing N N 136 
ILE CD1 HD13 sing N N 137 
ILE OXT HXT  sing N N 138 
LEU N   CA   sing N N 139 
LEU N   H    sing N N 140 
LEU N   H2   sing N N 141 
LEU CA  C    sing N N 142 
LEU CA  CB   sing N N 143 
LEU CA  HA   sing N N 144 
LEU C   O    doub N N 145 
LEU C   OXT  sing N N 146 
LEU CB  CG   sing N N 147 
LEU CB  HB2  sing N N 148 
LEU CB  HB3  sing N N 149 
LEU CG  CD1  sing N N 150 
LEU CG  CD2  sing N N 151 
LEU CG  HG   sing N N 152 
LEU CD1 HD11 sing N N 153 
LEU CD1 HD12 sing N N 154 
LEU CD1 HD13 sing N N 155 
LEU CD2 HD21 sing N N 156 
LEU CD2 HD22 sing N N 157 
LEU CD2 HD23 sing N N 158 
LEU OXT HXT  sing N N 159 
LYS N   CA   sing N N 160 
LYS N   H    sing N N 161 
LYS N   H2   sing N N 162 
LYS CA  C    sing N N 163 
LYS CA  CB   sing N N 164 
LYS CA  HA   sing N N 165 
LYS C   O    doub N N 166 
LYS C   OXT  sing N N 167 
LYS CB  CG   sing N N 168 
LYS CB  HB2  sing N N 169 
LYS CB  HB3  sing N N 170 
LYS CG  CD   sing N N 171 
LYS CG  HG2  sing N N 172 
LYS CG  HG3  sing N N 173 
LYS CD  CE   sing N N 174 
LYS CD  HD2  sing N N 175 
LYS CD  HD3  sing N N 176 
LYS CE  NZ   sing N N 177 
LYS CE  HE2  sing N N 178 
LYS CE  HE3  sing N N 179 
LYS NZ  HZ1  sing N N 180 
LYS NZ  HZ2  sing N N 181 
LYS NZ  HZ3  sing N N 182 
LYS OXT HXT  sing N N 183 
PHE N   CA   sing N N 184 
PHE N   H    sing N N 185 
PHE N   H2   sing N N 186 
PHE CA  C    sing N N 187 
PHE CA  CB   sing N N 188 
PHE CA  HA   sing N N 189 
PHE C   O    doub N N 190 
PHE C   OXT  sing N N 191 
PHE CB  CG   sing N N 192 
PHE CB  HB2  sing N N 193 
PHE CB  HB3  sing N N 194 
PHE CG  CD1  doub Y N 195 
PHE CG  CD2  sing Y N 196 
PHE CD1 CE1  sing Y N 197 
PHE CD1 HD1  sing N N 198 
PHE CD2 CE2  doub Y N 199 
PHE CD2 HD2  sing N N 200 
PHE CE1 CZ   doub Y N 201 
PHE CE1 HE1  sing N N 202 
PHE CE2 CZ   sing Y N 203 
PHE CE2 HE2  sing N N 204 
PHE CZ  HZ   sing N N 205 
PHE OXT HXT  sing N N 206 
PRO N   CA   sing N N 207 
PRO N   CD   sing N N 208 
PRO N   H    sing N N 209 
PRO CA  C    sing N N 210 
PRO CA  CB   sing N N 211 
PRO CA  HA   sing N N 212 
PRO C   O    doub N N 213 
PRO C   OXT  sing N N 214 
PRO CB  CG   sing N N 215 
PRO CB  HB2  sing N N 216 
PRO CB  HB3  sing N N 217 
PRO CG  CD   sing N N 218 
PRO CG  HG2  sing N N 219 
PRO CG  HG3  sing N N 220 
PRO CD  HD2  sing N N 221 
PRO CD  HD3  sing N N 222 
PRO OXT HXT  sing N N 223 
SER N   CA   sing N N 224 
SER N   H    sing N N 225 
SER N   H2   sing N N 226 
SER CA  C    sing N N 227 
SER CA  CB   sing N N 228 
SER CA  HA   sing N N 229 
SER C   O    doub N N 230 
SER C   OXT  sing N N 231 
SER CB  OG   sing N N 232 
SER CB  HB2  sing N N 233 
SER CB  HB3  sing N N 234 
SER OG  HG   sing N N 235 
SER OXT HXT  sing N N 236 
THR N   CA   sing N N 237 
THR N   H    sing N N 238 
THR N   H2   sing N N 239 
THR CA  C    sing N N 240 
THR CA  CB   sing N N 241 
THR CA  HA   sing N N 242 
THR C   O    doub N N 243 
THR C   OXT  sing N N 244 
THR CB  OG1  sing N N 245 
THR CB  CG2  sing N N 246 
THR CB  HB   sing N N 247 
THR OG1 HG1  sing N N 248 
THR CG2 HG21 sing N N 249 
THR CG2 HG22 sing N N 250 
THR CG2 HG23 sing N N 251 
THR OXT HXT  sing N N 252 
TRP N   CA   sing N N 253 
TRP N   H    sing N N 254 
TRP N   H2   sing N N 255 
TRP CA  C    sing N N 256 
TRP CA  CB   sing N N 257 
TRP CA  HA   sing N N 258 
TRP C   O    doub N N 259 
TRP C   OXT  sing N N 260 
TRP CB  CG   sing N N 261 
TRP CB  HB2  sing N N 262 
TRP CB  HB3  sing N N 263 
TRP CG  CD1  doub Y N 264 
TRP CG  CD2  sing Y N 265 
TRP CD1 NE1  sing Y N 266 
TRP CD1 HD1  sing N N 267 
TRP CD2 CE2  doub Y N 268 
TRP CD2 CE3  sing Y N 269 
TRP NE1 CE2  sing Y N 270 
TRP NE1 HE1  sing N N 271 
TRP CE2 CZ2  sing Y N 272 
TRP CE3 CZ3  doub Y N 273 
TRP CE3 HE3  sing N N 274 
TRP CZ2 CH2  doub Y N 275 
TRP CZ2 HZ2  sing N N 276 
TRP CZ3 CH2  sing Y N 277 
TRP CZ3 HZ3  sing N N 278 
TRP CH2 HH2  sing N N 279 
TRP OXT HXT  sing N N 280 
TYR N   CA   sing N N 281 
TYR N   H    sing N N 282 
TYR N   H2   sing N N 283 
TYR CA  C    sing N N 284 
TYR CA  CB   sing N N 285 
TYR CA  HA   sing N N 286 
TYR C   O    doub N N 287 
TYR C   OXT  sing N N 288 
TYR CB  CG   sing N N 289 
TYR CB  HB2  sing N N 290 
TYR CB  HB3  sing N N 291 
TYR CG  CD1  doub Y N 292 
TYR CG  CD2  sing Y N 293 
TYR CD1 CE1  sing Y N 294 
TYR CD1 HD1  sing N N 295 
TYR CD2 CE2  doub Y N 296 
TYR CD2 HD2  sing N N 297 
TYR CE1 CZ   doub Y N 298 
TYR CE1 HE1  sing N N 299 
TYR CE2 CZ   sing Y N 300 
TYR CE2 HE2  sing N N 301 
TYR CZ  OH   sing N N 302 
TYR OH  HH   sing N N 303 
TYR OXT HXT  sing N N 304 
VAL N   CA   sing N N 305 
VAL N   H    sing N N 306 
VAL N   H2   sing N N 307 
VAL CA  C    sing N N 308 
VAL CA  CB   sing N N 309 
VAL CA  HA   sing N N 310 
VAL C   O    doub N N 311 
VAL C   OXT  sing N N 312 
VAL CB  CG1  sing N N 313 
VAL CB  CG2  sing N N 314 
VAL CB  HB   sing N N 315 
VAL CG1 HG11 sing N N 316 
VAL CG1 HG12 sing N N 317 
VAL CG1 HG13 sing N N 318 
VAL CG2 HG21 sing N N 319 
VAL CG2 HG22 sing N N 320 
VAL CG2 HG23 sing N N 321 
VAL OXT HXT  sing N N 322 
# 
_atom_sites.entry_id                    1PSF 
_atom_sites.fract_transf_matrix[1][1]   1.000000 
_atom_sites.fract_transf_matrix[1][2]   0.000000 
_atom_sites.fract_transf_matrix[1][3]   0.000000 
_atom_sites.fract_transf_matrix[2][1]   0.000000 
_atom_sites.fract_transf_matrix[2][2]   1.000000 
_atom_sites.fract_transf_matrix[2][3]   0.000000 
_atom_sites.fract_transf_matrix[3][1]   0.000000 
_atom_sites.fract_transf_matrix[3][2]   0.000000 
_atom_sites.fract_transf_matrix[3][3]   1.000000 
_atom_sites.fract_transf_vector[1]      0.00000 
_atom_sites.fract_transf_vector[2]      0.00000 
_atom_sites.fract_transf_vector[3]      0.00000 
# 
loop_
_atom_type.symbol 
C 
H 
N 
O 
# 
loop_
_atom_site.group_PDB 
_atom_site.id 
_atom_site.type_symbol 
_atom_site.label_atom_id 
_atom_site.label_alt_id 
_atom_site.label_comp_id 
_atom_site.label_asym_id 
_atom_site.label_entity_id 
_atom_site.label_seq_id 
_atom_site.pdbx_PDB_ins_code 
_atom_site.Cartn_x 
_atom_site.Cartn_y 
_atom_site.Cartn_z 
_atom_site.occupancy 
_atom_site.B_iso_or_equiv 
_atom_site.pdbx_formal_charge 
_atom_site.auth_seq_id 
_atom_site.auth_comp_id 
_atom_site.auth_asym_id 
_atom_site.auth_atom_id 
_atom_site.pdbx_PDB_model_num 
ATOM 1    N N    . ALA A 1 1  ? -1.846  -16.088 -0.035  1.00 2.12 ? 1  ALA A N    1 
ATOM 2    C CA   . ALA A 1 1  ? -2.122  -15.110 1.056   1.00 1.66 ? 1  ALA A CA   1 
ATOM 3    C C    . ALA A 1 1  ? -1.072  -13.999 1.023   1.00 1.38 ? 1  ALA A C    1 
ATOM 4    O O    . ALA A 1 1  ? 0.064   -14.219 0.646   1.00 2.09 ? 1  ALA A O    1 
ATOM 5    C CB   . ALA A 1 1  ? -2.064  -15.825 2.407   1.00 2.13 ? 1  ALA A CB   1 
ATOM 6    H H1   . ALA A 1 1  ? -0.819  -16.236 -0.114  1.00 2.48 ? 1  ALA A H1   1 
ATOM 7    H H2   . ALA A 1 1  ? -2.312  -16.990 0.182   1.00 2.61 ? 1  ALA A H2   1 
ATOM 8    H H3   . ALA A 1 1  ? -2.215  -15.716 -0.934  1.00 2.47 ? 1  ALA A H3   1 
ATOM 9    H HA   . ALA A 1 1  ? -3.104  -14.683 0.917   1.00 2.23 ? 1  ALA A HA   1 
ATOM 10   H HB1  . ALA A 1 1  ? -1.282  -16.569 2.388   1.00 2.54 ? 1  ALA A HB1  1 
ATOM 11   H HB2  . ALA A 1 1  ? -1.858  -15.107 3.188   1.00 2.51 ? 1  ALA A HB2  1 
ATOM 12   H HB3  . ALA A 1 1  ? -3.012  -16.304 2.602   1.00 2.64 ? 1  ALA A HB3  1 
ATOM 13   N N    . ILE A 1 2  ? -1.445  -12.807 1.414   1.00 0.99 ? 2  ILE A N    1 
ATOM 14   C CA   . ILE A 1 2  ? -0.477  -11.671 1.410   1.00 0.63 ? 2  ILE A CA   1 
ATOM 15   C C    . ILE A 1 2  ? 0.667   -11.973 2.380   1.00 0.58 ? 2  ILE A C    1 
ATOM 16   O O    . ILE A 1 2  ? 0.551   -11.761 3.573   1.00 0.74 ? 2  ILE A O    1 
ATOM 17   C CB   . ILE A 1 2  ? -1.194  -10.388 1.841   1.00 0.67 ? 2  ILE A CB   1 
ATOM 18   C CG1  . ILE A 1 2  ? -2.424  -10.159 0.943   1.00 0.96 ? 2  ILE A CG1  1 
ATOM 19   C CG2  . ILE A 1 2  ? -0.234  -9.201  1.712   1.00 1.04 ? 2  ILE A CG2  1 
ATOM 20   C CD1  . ILE A 1 2  ? -3.705  -10.332 1.762   1.00 0.86 ? 2  ILE A CD1  1 
ATOM 21   H H    . ILE A 1 2  ? -2.367  -12.659 1.713   1.00 1.54 ? 2  ILE A H    1 
ATOM 22   H HA   . ILE A 1 2  ? -0.079  -11.541 0.414   1.00 0.72 ? 2  ILE A HA   1 
ATOM 23   H HB   . ILE A 1 2  ? -1.506  -10.482 2.871   1.00 1.00 ? 2  ILE A HB   1 
ATOM 24   H HG12 . ILE A 1 2  ? -2.394  -9.158  0.536   1.00 1.57 ? 2  ILE A HG12 1 
ATOM 25   H HG13 . ILE A 1 2  ? -2.422  -10.873 0.132   1.00 1.76 ? 2  ILE A HG13 1 
ATOM 26   H HG21 . ILE A 1 2  ? 0.786   -9.551  1.782   1.00 1.54 ? 2  ILE A HG21 1 
ATOM 27   H HG22 . ILE A 1 2  ? -0.384  -8.717  0.758   1.00 1.56 ? 2  ILE A HG22 1 
ATOM 28   H HG23 . ILE A 1 2  ? -0.426  -8.495  2.507   1.00 1.56 ? 2  ILE A HG23 1 
ATOM 29   H HD11 . ILE A 1 2  ? -3.653  -11.256 2.319   1.00 1.39 ? 2  ILE A HD11 1 
ATOM 30   H HD12 . ILE A 1 2  ? -3.809  -9.505  2.449   1.00 1.46 ? 2  ILE A HD12 1 
ATOM 31   H HD13 . ILE A 1 2  ? -4.557  -10.359 1.099   1.00 1.46 ? 2  ILE A HD13 1 
ATOM 32   N N    . GLU A 1 3  ? 1.770   -12.463 1.875   1.00 0.65 ? 3  GLU A N    1 
ATOM 33   C CA   . GLU A 1 3  ? 2.931   -12.782 2.759   1.00 0.80 ? 3  GLU A CA   1 
ATOM 34   C C    . GLU A 1 3  ? 3.696   -11.497 3.077   1.00 0.62 ? 3  GLU A C    1 
ATOM 35   O O    . GLU A 1 3  ? 3.317   -10.419 2.656   1.00 0.58 ? 3  GLU A O    1 
ATOM 36   C CB   . GLU A 1 3  ? 3.860   -13.767 2.047   1.00 1.14 ? 3  GLU A CB   1 
ATOM 37   C CG   . GLU A 1 3  ? 3.277   -15.179 2.141   1.00 1.35 ? 3  GLU A CG   1 
ATOM 38   C CD   . GLU A 1 3  ? 4.416   -16.199 2.170   1.00 1.90 ? 3  GLU A CD   1 
ATOM 39   O OE1  . GLU A 1 3  ? 5.289   -16.108 1.322   1.00 2.27 ? 3  GLU A OE1  1 
ATOM 40   O OE2  . GLU A 1 3  ? 4.394   -17.056 3.038   1.00 2.57 ? 3  GLU A OE2  1 
ATOM 41   H H    . GLU A 1 3  ? 1.836   -12.622 0.910   1.00 0.76 ? 3  GLU A H    1 
ATOM 42   H HA   . GLU A 1 3  ? 2.572   -13.224 3.676   1.00 1.00 ? 3  GLU A HA   1 
ATOM 43   H HB2  . GLU A 1 3  ? 3.955   -13.484 1.007   1.00 1.19 ? 3  GLU A HB2  1 
ATOM 44   H HB3  . GLU A 1 3  ? 4.832   -13.748 2.516   1.00 1.33 ? 3  GLU A HB3  1 
ATOM 45   H HG2  . GLU A 1 3  ? 2.690   -15.266 3.043   1.00 1.42 ? 3  GLU A HG2  1 
ATOM 46   H HG3  . GLU A 1 3  ? 2.649   -15.366 1.284   1.00 1.53 ? 3  GLU A HG3  1 
ATOM 47   N N    . ARG A 1 4  ? 4.770   -11.603 3.817   1.00 0.83 ? 4  ARG A N    1 
ATOM 48   C CA   . ARG A 1 4  ? 5.568   -10.392 4.169   1.00 0.74 ? 4  ARG A CA   1 
ATOM 49   C C    . ARG A 1 4  ? 6.642   -10.160 3.103   1.00 0.55 ? 4  ARG A C    1 
ATOM 50   O O    . ARG A 1 4  ? 7.299   -11.083 2.659   1.00 0.76 ? 4  ARG A O    1 
ATOM 51   C CB   . ARG A 1 4  ? 6.236   -10.599 5.529   1.00 1.07 ? 4  ARG A CB   1 
ATOM 52   C CG   . ARG A 1 4  ? 6.433   -9.244  6.212   1.00 1.07 ? 4  ARG A CG   1 
ATOM 53   C CD   . ARG A 1 4  ? 7.316   -9.420  7.450   1.00 1.71 ? 4  ARG A CD   1 
ATOM 54   N NE   . ARG A 1 4  ? 6.455   -9.618  8.650   1.00 2.31 ? 4  ARG A NE   1 
ATOM 55   C CZ   . ARG A 1 4  ? 6.990   -9.642  9.839   1.00 2.83 ? 4  ARG A CZ   1 
ATOM 56   N NH1  . ARG A 1 4  ? 7.595   -8.584  10.304  1.00 3.40 ? 4  ARG A NH1  1 
ATOM 57   N NH2  . ARG A 1 4  ? 6.919   -10.725 10.564  1.00 3.30 ? 4  ARG A NH2  1 
ATOM 58   H H    . ARG A 1 4  ? 5.051   -12.484 4.142   1.00 1.13 ? 4  ARG A H    1 
ATOM 59   H HA   . ARG A 1 4  ? 4.914   -9.533  4.215   1.00 0.74 ? 4  ARG A HA   1 
ATOM 60   H HB2  . ARG A 1 4  ? 5.608   -11.226 6.147   1.00 1.59 ? 4  ARG A HB2  1 
ATOM 61   H HB3  . ARG A 1 4  ? 7.195   -11.074 5.392   1.00 1.61 ? 4  ARG A HB3  1 
ATOM 62   H HG2  . ARG A 1 4  ? 6.909   -8.561  5.524   1.00 1.42 ? 4  ARG A HG2  1 
ATOM 63   H HG3  . ARG A 1 4  ? 5.474   -8.847  6.510   1.00 1.42 ? 4  ARG A HG3  1 
ATOM 64   H HD2  . ARG A 1 4  ? 7.953   -10.282 7.318   1.00 2.07 ? 4  ARG A HD2  1 
ATOM 65   H HD3  . ARG A 1 4  ? 7.925   -8.539  7.584   1.00 2.27 ? 4  ARG A HD3  1 
ATOM 66   H HE   . ARG A 1 4  ? 5.487   -9.729  8.545   1.00 2.77 ? 4  ARG A HE   1 
ATOM 67   H HH11 . ARG A 1 4  ? 7.650   -7.755  9.750   1.00 3.59 ? 4  ARG A HH11 1 
ATOM 68   H HH12 . ARG A 1 4  ? 8.006   -8.603  11.216  1.00 3.94 ? 4  ARG A HH12 1 
ATOM 69   H HH21 . ARG A 1 4  ? 6.454   -11.536 10.207  1.00 3.44 ? 4  ARG A HH21 1 
ATOM 70   H HH22 . ARG A 1 4  ? 7.328   -10.744 11.476  1.00 3.82 ? 4  ARG A HH22 1 
ATOM 71   N N    . GLY A 1 5  ? 6.822   -8.932  2.692   1.00 0.43 ? 5  GLY A N    1 
ATOM 72   C CA   . GLY A 1 5  ? 7.850   -8.620  1.655   1.00 0.53 ? 5  GLY A CA   1 
ATOM 73   C C    . GLY A 1 5  ? 7.535   -9.370  0.355   1.00 0.42 ? 5  GLY A C    1 
ATOM 74   O O    . GLY A 1 5  ? 8.403   -9.577  -0.472  1.00 0.41 ? 5  GLY A O    1 
ATOM 75   H H    . GLY A 1 5  ? 6.277   -8.209  3.069   1.00 0.57 ? 5  GLY A H    1 
ATOM 76   H HA2  . GLY A 1 5  ? 7.855   -7.557  1.464   1.00 0.75 ? 5  GLY A HA2  1 
ATOM 77   H HA3  . GLY A 1 5  ? 8.823   -8.925  2.013   1.00 0.64 ? 5  GLY A HA3  1 
ATOM 78   N N    . SER A 1 6  ? 6.301   -9.776  0.166   1.00 0.38 ? 6  SER A N    1 
ATOM 79   C CA   . SER A 1 6  ? 5.932   -10.508 -1.082  1.00 0.30 ? 6  SER A CA   1 
ATOM 80   C C    . SER A 1 6  ? 5.482   -9.506  -2.147  1.00 0.27 ? 6  SER A C    1 
ATOM 81   O O    . SER A 1 6  ? 5.116   -8.386  -1.840  1.00 0.45 ? 6  SER A O    1 
ATOM 82   C CB   . SER A 1 6  ? 4.792   -11.482 -0.783  1.00 0.29 ? 6  SER A CB   1 
ATOM 83   O OG   . SER A 1 6  ? 4.329   -12.049 -2.001  1.00 0.44 ? 6  SER A OG   1 
ATOM 84   H H    . SER A 1 6  ? 5.617   -9.595  0.843   1.00 0.43 ? 6  SER A H    1 
ATOM 85   H HA   . SER A 1 6  ? 6.790   -11.057 -1.443  1.00 0.31 ? 6  SER A HA   1 
ATOM 86   H HB2  . SER A 1 6  ? 5.147   -12.267 -0.137  1.00 0.36 ? 6  SER A HB2  1 
ATOM 87   H HB3  . SER A 1 6  ? 3.987   -10.950 -0.291  1.00 0.32 ? 6  SER A HB3  1 
ATOM 88   H HG   . SER A 1 6  ? 4.826   -12.855 -2.160  1.00 0.98 ? 6  SER A HG   1 
ATOM 89   N N    . LYS A 1 7  ? 5.504   -9.902  -3.394  1.00 0.17 ? 7  LYS A N    1 
ATOM 90   C CA   . LYS A 1 7  ? 5.073   -8.980  -4.485  1.00 0.19 ? 7  LYS A CA   1 
ATOM 91   C C    . LYS A 1 7  ? 3.549   -9.020  -4.607  1.00 0.16 ? 7  LYS A C    1 
ATOM 92   O O    . LYS A 1 7  ? 2.973   -10.048 -4.913  1.00 0.23 ? 7  LYS A O    1 
ATOM 93   C CB   . LYS A 1 7  ? 5.704   -9.421  -5.807  1.00 0.24 ? 7  LYS A CB   1 
ATOM 94   C CG   . LYS A 1 7  ? 7.218   -9.212  -5.746  1.00 0.41 ? 7  LYS A CG   1 
ATOM 95   C CD   . LYS A 1 7  ? 7.745   -8.876  -7.141  1.00 1.10 ? 7  LYS A CD   1 
ATOM 96   C CE   . LYS A 1 7  ? 8.947   -7.937  -7.023  1.00 1.47 ? 7  LYS A CE   1 
ATOM 97   N NZ   . LYS A 1 7  ? 9.856   -8.145  -8.185  1.00 2.03 ? 7  LYS A NZ   1 
ATOM 98   H H    . LYS A 1 7  ? 5.800   -10.809 -3.612  1.00 0.26 ? 7  LYS A H    1 
ATOM 99   H HA   . LYS A 1 7  ? 5.388   -7.972  -4.251  1.00 0.23 ? 7  LYS A HA   1 
ATOM 100  H HB2  . LYS A 1 7  ? 5.490   -10.466 -5.977  1.00 0.33 ? 7  LYS A HB2  1 
ATOM 101  H HB3  . LYS A 1 7  ? 5.294   -8.834  -6.615  1.00 0.31 ? 7  LYS A HB3  1 
ATOM 102  H HG2  . LYS A 1 7  ? 7.441   -8.399  -5.069  1.00 0.96 ? 7  LYS A HG2  1 
ATOM 103  H HG3  . LYS A 1 7  ? 7.691   -10.115 -5.392  1.00 1.02 ? 7  LYS A HG3  1 
ATOM 104  H HD2  . LYS A 1 7  ? 8.044   -9.785  -7.642  1.00 1.76 ? 7  LYS A HD2  1 
ATOM 105  H HD3  . LYS A 1 7  ? 6.968   -8.391  -7.712  1.00 1.76 ? 7  LYS A HD3  1 
ATOM 106  H HE2  . LYS A 1 7  ? 8.605   -6.913  -7.011  1.00 1.93 ? 7  LYS A HE2  1 
ATOM 107  H HE3  . LYS A 1 7  ? 9.479   -8.148  -6.106  1.00 2.03 ? 7  LYS A HE3  1 
ATOM 108  H HZ1  . LYS A 1 7  ? 9.882   -9.156  -8.428  1.00 2.44 ? 7  LYS A HZ1  1 
ATOM 109  H HZ2  . LYS A 1 7  ? 9.507   -7.601  -9.000  1.00 2.54 ? 7  LYS A HZ2  1 
ATOM 110  H HZ3  . LYS A 1 7  ? 10.813  -7.821  -7.939  1.00 2.37 ? 7  LYS A HZ3  1 
ATOM 111  N N    . VAL A 1 8  ? 2.893   -7.912  -4.367  1.00 0.11 ? 8  VAL A N    1 
ATOM 112  C CA   . VAL A 1 8  ? 1.402   -7.888  -4.465  1.00 0.09 ? 8  VAL A CA   1 
ATOM 113  C C    . VAL A 1 8  ? 0.964   -6.824  -5.473  1.00 0.09 ? 8  VAL A C    1 
ATOM 114  O O    . VAL A 1 8  ? 1.272   -5.657  -5.331  1.00 0.12 ? 8  VAL A O    1 
ATOM 115  C CB   . VAL A 1 8  ? 0.796   -7.579  -3.088  1.00 0.10 ? 8  VAL A CB   1 
ATOM 116  C CG1  . VAL A 1 8  ? 1.219   -8.667  -2.097  1.00 0.13 ? 8  VAL A CG1  1 
ATOM 117  C CG2  . VAL A 1 8  ? 1.278   -6.208  -2.587  1.00 0.13 ? 8  VAL A CG2  1 
ATOM 118  H H    . VAL A 1 8  ? 3.381   -7.100  -4.120  1.00 0.17 ? 8  VAL A H    1 
ATOM 119  H HA   . VAL A 1 8  ? 1.054   -8.853  -4.798  1.00 0.10 ? 8  VAL A HA   1 
ATOM 120  H HB   . VAL A 1 8  ? -0.282  -7.574  -3.169  1.00 0.12 ? 8  VAL A HB   1 
ATOM 121  H HG11 . VAL A 1 8  ? 0.894   -9.630  -2.461  1.00 1.03 ? 8  VAL A HG11 1 
ATOM 122  H HG12 . VAL A 1 8  ? 2.294   -8.664  -1.998  1.00 1.03 ? 8  VAL A HG12 1 
ATOM 123  H HG13 . VAL A 1 8  ? 0.766   -8.473  -1.136  1.00 1.00 ? 8  VAL A HG13 1 
ATOM 124  H HG21 . VAL A 1 8  ? 2.141   -5.896  -3.156  1.00 0.96 ? 8  VAL A HG21 1 
ATOM 125  H HG22 . VAL A 1 8  ? 0.487   -5.482  -2.711  1.00 1.00 ? 8  VAL A HG22 1 
ATOM 126  H HG23 . VAL A 1 8  ? 1.542   -6.274  -1.541  1.00 1.00 ? 8  VAL A HG23 1 
ATOM 127  N N    . LYS A 1 9  ? 0.236   -7.225  -6.484  1.00 0.11 ? 9  LYS A N    1 
ATOM 128  C CA   . LYS A 1 9  ? -0.240  -6.246  -7.500  1.00 0.12 ? 9  LYS A CA   1 
ATOM 129  C C    . LYS A 1 9  ? -1.453  -5.510  -6.935  1.00 0.11 ? 9  LYS A C    1 
ATOM 130  O O    . LYS A 1 9  ? -2.471  -6.109  -6.647  1.00 0.17 ? 9  LYS A O    1 
ATOM 131  C CB   . LYS A 1 9  ? -0.640  -6.984  -8.780  1.00 0.16 ? 9  LYS A CB   1 
ATOM 132  C CG   . LYS A 1 9  ? -0.915  -5.968  -9.892  1.00 0.21 ? 9  LYS A CG   1 
ATOM 133  C CD   . LYS A 1 9  ? -1.512  -6.679  -11.115 1.00 0.36 ? 9  LYS A CD   1 
ATOM 134  C CE   . LYS A 1 9  ? -3.011  -6.371  -11.231 1.00 0.40 ? 9  LYS A CE   1 
ATOM 135  N NZ   . LYS A 1 9  ? -3.305  -5.856  -12.599 1.00 0.90 ? 9  LYS A NZ   1 
ATOM 136  H H    . LYS A 1 9  ? -0.004  -8.170  -6.568  1.00 0.14 ? 9  LYS A H    1 
ATOM 137  H HA   . LYS A 1 9  ? 0.545   -5.537  -7.718  1.00 0.12 ? 9  LYS A HA   1 
ATOM 138  H HB2  . LYS A 1 9  ? 0.163   -7.642  -9.082  1.00 0.20 ? 9  LYS A HB2  1 
ATOM 139  H HB3  . LYS A 1 9  ? -1.532  -7.565  -8.598  1.00 0.20 ? 9  LYS A HB3  1 
ATOM 140  H HG2  . LYS A 1 9  ? -1.609  -5.221  -9.530  1.00 0.39 ? 9  LYS A HG2  1 
ATOM 141  H HG3  . LYS A 1 9  ? 0.010   -5.487  -10.175 1.00 0.38 ? 9  LYS A HG3  1 
ATOM 142  H HD2  . LYS A 1 9  ? -1.008  -6.335  -12.007 1.00 0.66 ? 9  LYS A HD2  1 
ATOM 143  H HD3  . LYS A 1 9  ? -1.375  -7.745  -11.017 1.00 0.75 ? 9  LYS A HD3  1 
ATOM 144  H HE2  . LYS A 1 9  ? -3.578  -7.273  -11.058 1.00 0.72 ? 9  LYS A HE2  1 
ATOM 145  H HE3  . LYS A 1 9  ? -3.290  -5.625  -10.501 1.00 0.35 ? 9  LYS A HE3  1 
ATOM 146  H HZ1  . LYS A 1 9  ? -2.600  -5.139  -12.860 1.00 1.41 ? 9  LYS A HZ1  1 
ATOM 147  H HZ2  . LYS A 1 9  ? -3.267  -6.642  -13.280 1.00 1.44 ? 9  LYS A HZ2  1 
ATOM 148  H HZ3  . LYS A 1 9  ? -4.256  -5.430  -12.612 1.00 1.35 ? 9  LYS A HZ3  1 
ATOM 149  N N    . ILE A 1 10 ? -1.345  -4.220  -6.764  1.00 0.11 ? 10 ILE A N    1 
ATOM 150  C CA   . ILE A 1 10 ? -2.482  -3.438  -6.206  1.00 0.10 ? 10 ILE A CA   1 
ATOM 151  C C    . ILE A 1 10 ? -3.667  -3.493  -7.172  1.00 0.12 ? 10 ILE A C    1 
ATOM 152  O O    . ILE A 1 10 ? -3.517  -3.269  -8.358  1.00 0.12 ? 10 ILE A O    1 
ATOM 153  C CB   . ILE A 1 10 ? -2.062  -1.975  -6.012  1.00 0.10 ? 10 ILE A CB   1 
ATOM 154  C CG1  . ILE A 1 10 ? -0.716  -1.878  -5.266  1.00 0.10 ? 10 ILE A CG1  1 
ATOM 155  C CG2  . ILE A 1 10 ? -3.136  -1.252  -5.204  1.00 0.11 ? 10 ILE A CG2  1 
ATOM 156  C CD1  . ILE A 1 10 ? -0.729  -2.721  -3.980  1.00 0.10 ? 10 ILE A CD1  1 
ATOM 157  H H    . ILE A 1 10 ? -0.509  -3.770  -6.995  1.00 0.17 ? 10 ILE A H    1 
ATOM 158  H HA   . ILE A 1 10 ? -2.775  -3.856  -5.255  1.00 0.10 ? 10 ILE A HA   1 
ATOM 159  H HB   . ILE A 1 10 ? -1.968  -1.502  -6.983  1.00 0.11 ? 10 ILE A HB   1 
ATOM 160  H HG12 . ILE A 1 10 ? 0.079   -2.223  -5.908  1.00 0.12 ? 10 ILE A HG12 1 
ATOM 161  H HG13 . ILE A 1 10 ? -0.535  -0.845  -5.005  1.00 0.11 ? 10 ILE A HG13 1 
ATOM 162  H HG21 . ILE A 1 10 ? -4.087  -1.739  -5.353  1.00 0.98 ? 10 ILE A HG21 1 
ATOM 163  H HG22 . ILE A 1 10 ? -2.877  -1.285  -4.160  1.00 1.00 ? 10 ILE A HG22 1 
ATOM 164  H HG23 . ILE A 1 10 ? -3.202  -0.224  -5.530  1.00 0.99 ? 10 ILE A HG23 1 
ATOM 165  H HD11 . ILE A 1 10 ? -0.957  -3.749  -4.227  1.00 1.01 ? 10 ILE A HD11 1 
ATOM 166  H HD12 . ILE A 1 10 ? 0.242   -2.673  -3.509  1.00 1.03 ? 10 ILE A HD12 1 
ATOM 167  H HD13 . ILE A 1 10 ? -1.478  -2.338  -3.305  1.00 1.00 ? 10 ILE A HD13 1 
ATOM 168  N N    . LEU A 1 11 ? -4.845  -3.780  -6.672  1.00 0.14 ? 11 LEU A N    1 
ATOM 169  C CA   . LEU A 1 11 ? -6.041  -3.839  -7.563  1.00 0.17 ? 11 LEU A CA   1 
ATOM 170  C C    . LEU A 1 11 ? -7.071  -2.803  -7.111  1.00 0.19 ? 11 LEU A C    1 
ATOM 171  O O    . LEU A 1 11 ? -8.265  -2.994  -7.262  1.00 0.30 ? 11 LEU A O    1 
ATOM 172  C CB   . LEU A 1 11 ? -6.671  -5.240  -7.510  1.00 0.20 ? 11 LEU A CB   1 
ATOM 173  C CG   . LEU A 1 11 ? -6.160  -6.115  -8.666  1.00 0.19 ? 11 LEU A CG   1 
ATOM 174  C CD1  . LEU A 1 11 ? -6.453  -5.448  -10.017 1.00 0.25 ? 11 LEU A CD1  1 
ATOM 175  C CD2  . LEU A 1 11 ? -4.652  -6.322  -8.517  1.00 0.23 ? 11 LEU A CD2  1 
ATOM 176  H H    . LEU A 1 11 ? -4.941  -3.949  -5.710  1.00 0.14 ? 11 LEU A H    1 
ATOM 177  H HA   . LEU A 1 11 ? -5.736  -3.620  -8.571  1.00 0.19 ? 11 LEU A HA   1 
ATOM 178  H HB2  . LEU A 1 11 ? -6.419  -5.708  -6.570  1.00 0.25 ? 11 LEU A HB2  1 
ATOM 179  H HB3  . LEU A 1 11 ? -7.746  -5.151  -7.585  1.00 0.26 ? 11 LEU A HB3  1 
ATOM 180  H HG   . LEU A 1 11 ? -6.654  -7.074  -8.629  1.00 0.22 ? 11 LEU A HG   1 
ATOM 181  H HD11 . LEU A 1 11 ? -7.366  -4.875  -9.945  1.00 0.99 ? 11 LEU A HD11 1 
ATOM 182  H HD12 . LEU A 1 11 ? -5.636  -4.790  -10.278 1.00 1.09 ? 11 LEU A HD12 1 
ATOM 183  H HD13 . LEU A 1 11 ? -6.561  -6.206  -10.777 1.00 1.06 ? 11 LEU A HD13 1 
ATOM 184  H HD21 . LEU A 1 11 ? -4.437  -6.654  -7.513  1.00 1.03 ? 11 LEU A HD21 1 
ATOM 185  H HD22 . LEU A 1 11 ? -4.321  -7.070  -9.222  1.00 0.98 ? 11 LEU A HD22 1 
ATOM 186  H HD23 . LEU A 1 11 ? -4.139  -5.392  -8.710  1.00 1.07 ? 11 LEU A HD23 1 
ATOM 187  N N    . ARG A 1 12 ? -6.621  -1.705  -6.563  1.00 0.21 ? 12 ARG A N    1 
ATOM 188  C CA   . ARG A 1 12 ? -7.563  -0.646  -6.102  1.00 0.25 ? 12 ARG A CA   1 
ATOM 189  C C    . ARG A 1 12 ? -7.805  0.340   -7.245  1.00 0.28 ? 12 ARG A C    1 
ATOM 190  O O    . ARG A 1 12 ? -6.886  0.957   -7.743  1.00 0.31 ? 12 ARG A O    1 
ATOM 191  C CB   . ARG A 1 12 ? -6.953  0.093   -4.908  1.00 0.28 ? 12 ARG A CB   1 
ATOM 192  C CG   . ARG A 1 12 ? -8.060  0.489   -3.930  1.00 0.59 ? 12 ARG A CG   1 
ATOM 193  C CD   . ARG A 1 12 ? -8.886  1.627   -4.528  1.00 0.49 ? 12 ARG A CD   1 
ATOM 194  N NE   . ARG A 1 12 ? -10.005 1.968   -3.605  1.00 0.63 ? 12 ARG A NE   1 
ATOM 195  C CZ   . ARG A 1 12 ? -10.423 3.201   -3.511  1.00 1.22 ? 12 ARG A CZ   1 
ATOM 196  N NH1  . ARG A 1 12 ? -9.605  4.139   -3.124  1.00 1.96 ? 12 ARG A NH1  1 
ATOM 197  N NH2  . ARG A 1 12 ? -11.660 3.495   -3.809  1.00 2.09 ? 12 ARG A NH2  1 
ATOM 198  H H    . ARG A 1 12 ? -5.656  -1.575  -6.460  1.00 0.28 ? 12 ARG A H    1 
ATOM 199  H HA   . ARG A 1 12 ? -8.499  -1.098  -5.809  1.00 0.28 ? 12 ARG A HA   1 
ATOM 200  H HB2  . ARG A 1 12 ? -6.246  -0.554  -4.410  1.00 0.48 ? 12 ARG A HB2  1 
ATOM 201  H HB3  . ARG A 1 12 ? -6.447  0.981   -5.254  1.00 0.49 ? 12 ARG A HB3  1 
ATOM 202  H HG2  . ARG A 1 12 ? -8.698  -0.363  -3.745  1.00 1.04 ? 12 ARG A HG2  1 
ATOM 203  H HG3  . ARG A 1 12 ? -7.619  0.816   -3.001  1.00 1.06 ? 12 ARG A HG3  1 
ATOM 204  H HD2  . ARG A 1 12 ? -8.258  2.494   -4.667  1.00 0.82 ? 12 ARG A HD2  1 
ATOM 205  H HD3  . ARG A 1 12 ? -9.288  1.318   -5.481  1.00 0.74 ? 12 ARG A HD3  1 
ATOM 206  H HE   . ARG A 1 12 ? -10.427 1.266   -3.066  1.00 1.14 ? 12 ARG A HE   1 
ATOM 207  H HH11 . ARG A 1 12 ? -8.657  3.915   -2.897  1.00 2.29 ? 12 ARG A HH11 1 
ATOM 208  H HH12 . ARG A 1 12 ? -9.925  5.085   -3.052  1.00 2.62 ? 12 ARG A HH12 1 
ATOM 209  H HH21 . ARG A 1 12 ? -12.287 2.775   -4.106  1.00 2.44 ? 12 ARG A HH21 1 
ATOM 210  H HH22 . ARG A 1 12 ? -11.980 4.440   -3.738  1.00 2.76 ? 12 ARG A HH22 1 
ATOM 211  N N    . LYS A 1 13 ? -9.037  0.492   -7.666  1.00 0.31 ? 13 LYS A N    1 
ATOM 212  C CA   . LYS A 1 13 ? -9.343  1.438   -8.784  1.00 0.37 ? 13 LYS A CA   1 
ATOM 213  C C    . LYS A 1 13 ? -8.880  2.852   -8.415  1.00 0.42 ? 13 LYS A C    1 
ATOM 214  O O    . LYS A 1 13 ? -8.028  3.422   -9.070  1.00 0.47 ? 13 LYS A O    1 
ATOM 215  C CB   . LYS A 1 13 ? -10.851 1.447   -9.038  1.00 0.41 ? 13 LYS A CB   1 
ATOM 216  C CG   . LYS A 1 13 ? -11.306 0.053   -9.482  1.00 0.42 ? 13 LYS A CG   1 
ATOM 217  C CD   . LYS A 1 13 ? -12.684 -0.249  -8.888  1.00 1.26 ? 13 LYS A CD   1 
ATOM 218  C CE   . LYS A 1 13 ? -13.495 -1.085  -9.880  1.00 1.70 ? 13 LYS A CE   1 
ATOM 219  N NZ   . LYS A 1 13 ? -14.616 -1.757  -9.162  1.00 2.38 ? 13 LYS A NZ   1 
ATOM 220  H H    . LYS A 1 13 ? -9.761  -0.018  -7.247  1.00 0.33 ? 13 LYS A H    1 
ATOM 221  H HA   . LYS A 1 13 ? -8.829  1.114   -9.678  1.00 0.38 ? 13 LYS A HA   1 
ATOM 222  H HB2  . LYS A 1 13 ? -11.366 1.724   -8.129  1.00 0.45 ? 13 LYS A HB2  1 
ATOM 223  H HB3  . LYS A 1 13 ? -11.081 2.162   -9.814  1.00 0.47 ? 13 LYS A HB3  1 
ATOM 224  H HG2  . LYS A 1 13 ? -11.363 0.021   -10.561 1.00 0.96 ? 13 LYS A HG2  1 
ATOM 225  H HG3  . LYS A 1 13 ? -10.598 -0.684  -9.136  1.00 1.01 ? 13 LYS A HG3  1 
ATOM 226  H HD2  . LYS A 1 13 ? -12.565 -0.799  -7.965  1.00 1.79 ? 13 LYS A HD2  1 
ATOM 227  H HD3  . LYS A 1 13 ? -13.203 0.677   -8.692  1.00 1.71 ? 13 LYS A HD3  1 
ATOM 228  H HE2  . LYS A 1 13 ? -13.896 -0.441  -10.651 1.00 2.07 ? 13 LYS A HE2  1 
ATOM 229  H HE3  . LYS A 1 13 ? -12.857 -1.831  -10.329 1.00 2.01 ? 13 LYS A HE3  1 
ATOM 230  H HZ1  . LYS A 1 13 ? -15.055 -1.086  -8.501  1.00 2.88 ? 13 LYS A HZ1  1 
ATOM 231  H HZ2  . LYS A 1 13 ? -15.325 -2.078  -9.854  1.00 2.71 ? 13 LYS A HZ2  1 
ATOM 232  H HZ3  . LYS A 1 13 ? -14.250 -2.573  -8.634  1.00 2.77 ? 13 LYS A HZ3  1 
ATOM 233  N N    . GLU A 1 14 ? -9.434  3.414   -7.372  1.00 0.49 ? 14 GLU A N    1 
ATOM 234  C CA   . GLU A 1 14 ? -9.031  4.789   -6.955  1.00 0.57 ? 14 GLU A CA   1 
ATOM 235  C C    . GLU A 1 14 ? -7.761  4.708   -6.104  1.00 0.52 ? 14 GLU A C    1 
ATOM 236  O O    . GLU A 1 14 ? -7.812  4.772   -4.889  1.00 0.54 ? 14 GLU A O    1 
ATOM 237  C CB   . GLU A 1 14 ? -10.157 5.427   -6.137  1.00 0.66 ? 14 GLU A CB   1 
ATOM 238  C CG   . GLU A 1 14 ? -11.107 6.174   -7.075  1.00 0.73 ? 14 GLU A CG   1 
ATOM 239  C CD   . GLU A 1 14 ? -12.357 6.598   -6.303  1.00 1.13 ? 14 GLU A CD   1 
ATOM 240  O OE1  . GLU A 1 14 ? -13.271 5.795   -6.209  1.00 1.64 ? 14 GLU A OE1  1 
ATOM 241  O OE2  . GLU A 1 14 ? -12.381 7.718   -5.819  1.00 1.89 ? 14 GLU A OE2  1 
ATOM 242  H H    . GLU A 1 14 ? -10.118 2.931   -6.863  1.00 0.55 ? 14 GLU A H    1 
ATOM 243  H HA   . GLU A 1 14 ? -8.838  5.389   -7.832  1.00 0.60 ? 14 GLU A HA   1 
ATOM 244  H HB2  . GLU A 1 14 ? -10.701 4.654   -5.613  1.00 0.66 ? 14 GLU A HB2  1 
ATOM 245  H HB3  . GLU A 1 14 ? -9.737  6.120   -5.425  1.00 0.78 ? 14 GLU A HB3  1 
ATOM 246  H HG2  . GLU A 1 14 ? -10.610 7.051   -7.467  1.00 1.05 ? 14 GLU A HG2  1 
ATOM 247  H HG3  . GLU A 1 14 ? -11.392 5.528   -7.891  1.00 1.02 ? 14 GLU A HG3  1 
ATOM 248  N N    . SER A 1 15 ? -6.621  4.566   -6.736  1.00 0.52 ? 15 SER A N    1 
ATOM 249  C CA   . SER A 1 15 ? -5.343  4.478   -5.971  1.00 0.48 ? 15 SER A CA   1 
ATOM 250  C C    . SER A 1 15 ? -4.224  5.166   -6.759  1.00 0.46 ? 15 SER A C    1 
ATOM 251  O O    . SER A 1 15 ? -4.137  5.045   -7.966  1.00 0.44 ? 15 SER A O    1 
ATOM 252  C CB   . SER A 1 15 ? -4.986  3.006   -5.742  1.00 0.40 ? 15 SER A CB   1 
ATOM 253  O OG   . SER A 1 15 ? -5.252  2.666   -4.387  1.00 1.13 ? 15 SER A OG   1 
ATOM 254  H H    . SER A 1 15 ? -6.609  4.515   -7.714  1.00 0.59 ? 15 SER A H    1 
ATOM 255  H HA   . SER A 1 15 ? -5.463  4.970   -5.016  1.00 0.56 ? 15 SER A HA   1 
ATOM 256  H HB2  . SER A 1 15 ? -5.585  2.385   -6.386  1.00 1.02 ? 15 SER A HB2  1 
ATOM 257  H HB3  . SER A 1 15 ? -3.938  2.846   -5.964  1.00 1.01 ? 15 SER A HB3  1 
ATOM 258  H HG   . SER A 1 15 ? -4.658  3.177   -3.832  1.00 1.40 ? 15 SER A HG   1 
ATOM 259  N N    . TYR A 1 16 ? -3.370  5.885   -6.078  1.00 0.49 ? 16 TYR A N    1 
ATOM 260  C CA   . TYR A 1 16 ? -2.250  6.589   -6.767  1.00 0.50 ? 16 TYR A CA   1 
ATOM 261  C C    . TYR A 1 16 ? -1.281  5.561   -7.374  1.00 0.39 ? 16 TYR A C    1 
ATOM 262  O O    . TYR A 1 16 ? -0.520  5.879   -8.269  1.00 0.43 ? 16 TYR A O    1 
ATOM 263  C CB   . TYR A 1 16 ? -1.511  7.471   -5.747  1.00 0.55 ? 16 TYR A CB   1 
ATOM 264  C CG   . TYR A 1 16 ? -0.342  8.189   -6.397  1.00 0.57 ? 16 TYR A CG   1 
ATOM 265  C CD1  . TYR A 1 16 ? -0.503  8.831   -7.634  1.00 0.69 ? 16 TYR A CD1  1 
ATOM 266  C CD2  . TYR A 1 16 ? 0.902   8.208   -5.757  1.00 0.52 ? 16 TYR A CD2  1 
ATOM 267  C CE1  . TYR A 1 16 ? 0.582   9.491   -8.225  1.00 0.76 ? 16 TYR A CE1  1 
ATOM 268  C CE2  . TYR A 1 16 ? 1.986   8.867   -6.349  1.00 0.58 ? 16 TYR A CE2  1 
ATOM 269  C CZ   . TYR A 1 16 ? 1.826   9.508   -7.583  1.00 0.70 ? 16 TYR A CZ   1 
ATOM 270  O OH   . TYR A 1 16 ? 2.894   10.156  -8.168  1.00 0.79 ? 16 TYR A OH   1 
ATOM 271  H H    . TYR A 1 16 ? -3.467  5.962   -5.106  1.00 0.52 ? 16 TYR A H    1 
ATOM 272  H HA   . TYR A 1 16 ? -2.648  7.212   -7.554  1.00 0.57 ? 16 TYR A HA   1 
ATOM 273  H HB2  . TYR A 1 16 ? -2.197  8.202   -5.345  1.00 0.67 ? 16 TYR A HB2  1 
ATOM 274  H HB3  . TYR A 1 16 ? -1.143  6.850   -4.941  1.00 0.49 ? 16 TYR A HB3  1 
ATOM 275  H HD1  . TYR A 1 16 ? -1.462  8.818   -8.129  1.00 0.75 ? 16 TYR A HD1  1 
ATOM 276  H HD2  . TYR A 1 16 ? 1.026   7.715   -4.806  1.00 0.49 ? 16 TYR A HD2  1 
ATOM 277  H HE1  . TYR A 1 16 ? 0.460   9.986   -9.177  1.00 0.88 ? 16 TYR A HE1  1 
ATOM 278  H HE2  . TYR A 1 16 ? 2.947   8.880   -5.854  1.00 0.56 ? 16 TYR A HE2  1 
ATOM 279  H HH   . TYR A 1 16 ? 2.967   11.027  -7.769  1.00 1.16 ? 16 TYR A HH   1 
ATOM 280  N N    . TRP A 1 17 ? -1.296  4.339   -6.896  1.00 0.30 ? 17 TRP A N    1 
ATOM 281  C CA   . TRP A 1 17 ? -0.368  3.308   -7.448  1.00 0.24 ? 17 TRP A CA   1 
ATOM 282  C C    . TRP A 1 17 ? -1.167  2.118   -8.000  1.00 0.23 ? 17 TRP A C    1 
ATOM 283  O O    . TRP A 1 17 ? -0.686  1.003   -8.037  1.00 0.23 ? 17 TRP A O    1 
ATOM 284  C CB   . TRP A 1 17 ? 0.578   2.838   -6.341  1.00 0.19 ? 17 TRP A CB   1 
ATOM 285  C CG   . TRP A 1 17 ? 1.335   4.017   -5.810  1.00 0.21 ? 17 TRP A CG   1 
ATOM 286  C CD1  . TRP A 1 17 ? 2.000   4.920   -6.570  1.00 0.31 ? 17 TRP A CD1  1 
ATOM 287  C CD2  . TRP A 1 17 ? 1.516   4.440   -4.426  1.00 0.33 ? 17 TRP A CD2  1 
ATOM 288  N NE1  . TRP A 1 17 ? 2.572   5.869   -5.742  1.00 0.28 ? 17 TRP A NE1  1 
ATOM 289  C CE2  . TRP A 1 17 ? 2.306   5.615   -4.411  1.00 0.30 ? 17 TRP A CE2  1 
ATOM 290  C CE3  . TRP A 1 17 ? 1.078   3.924   -3.194  1.00 0.56 ? 17 TRP A CE3  1 
ATOM 291  C CZ2  . TRP A 1 17 ? 2.647   6.256   -3.219  1.00 0.45 ? 17 TRP A CZ2  1 
ATOM 292  C CZ3  . TRP A 1 17 ? 1.421   4.565   -1.992  1.00 0.75 ? 17 TRP A CZ3  1 
ATOM 293  C CH2  . TRP A 1 17 ? 2.203   5.728   -2.004  1.00 0.68 ? 17 TRP A CH2  1 
ATOM 294  H H    . TRP A 1 17 ? -1.911  4.101   -6.171  1.00 0.32 ? 17 TRP A H    1 
ATOM 295  H HA   . TRP A 1 17 ? 0.212   3.747   -8.248  1.00 0.31 ? 17 TRP A HA   1 
ATOM 296  H HB2  . TRP A 1 17 ? 0.005   2.386   -5.543  1.00 0.19 ? 17 TRP A HB2  1 
ATOM 297  H HB3  . TRP A 1 17 ? 1.271   2.115   -6.742  1.00 0.22 ? 17 TRP A HB3  1 
ATOM 298  H HD1  . TRP A 1 17 ? 2.070   4.907   -7.647  1.00 0.47 ? 17 TRP A HD1  1 
ATOM 299  H HE1  . TRP A 1 17 ? 3.105   6.632   -6.041  1.00 0.36 ? 17 TRP A HE1  1 
ATOM 300  H HE3  . TRP A 1 17 ? 0.476   3.028   -3.173  1.00 0.62 ? 17 TRP A HE3  1 
ATOM 301  H HZ2  . TRP A 1 17 ? 3.250   7.151   -3.233  1.00 0.43 ? 17 TRP A HZ2  1 
ATOM 302  H HZ3  . TRP A 1 17 ? 1.080   4.158   -1.052  1.00 0.95 ? 17 TRP A HZ3  1 
ATOM 303  H HH2  . TRP A 1 17 ? 2.464   6.215   -1.075  1.00 0.83 ? 17 TRP A HH2  1 
ATOM 304  N N    . TYR A 1 18 ? -2.377  2.358   -8.437  1.00 0.25 ? 18 TYR A N    1 
ATOM 305  C CA   . TYR A 1 18 ? -3.219  1.261   -9.004  1.00 0.25 ? 18 TYR A CA   1 
ATOM 306  C C    . TYR A 1 18 ? -2.548  0.718   -10.274 1.00 0.29 ? 18 TYR A C    1 
ATOM 307  O O    . TYR A 1 18 ? -2.033  1.468   -11.081 1.00 0.40 ? 18 TYR A O    1 
ATOM 308  C CB   . TYR A 1 18 ? -4.611  1.831   -9.338  1.00 0.29 ? 18 TYR A CB   1 
ATOM 309  C CG   . TYR A 1 18 ? -5.464  0.815   -10.081 1.00 0.29 ? 18 TYR A CG   1 
ATOM 310  C CD1  . TYR A 1 18 ? -5.546  -0.512  -9.634  1.00 0.28 ? 18 TYR A CD1  1 
ATOM 311  C CD2  . TYR A 1 18 ? -6.175  1.211   -11.221 1.00 0.35 ? 18 TYR A CD2  1 
ATOM 312  C CE1  . TYR A 1 18 ? -6.338  -1.435  -10.332 1.00 0.30 ? 18 TYR A CE1  1 
ATOM 313  C CE2  . TYR A 1 18 ? -6.964  0.286   -11.915 1.00 0.35 ? 18 TYR A CE2  1 
ATOM 314  C CZ   . TYR A 1 18 ? -7.044  -1.036  -11.469 1.00 0.30 ? 18 TYR A CZ   1 
ATOM 315  O OH   . TYR A 1 18 ? -7.824  -1.948  -12.154 1.00 0.32 ? 18 TYR A OH   1 
ATOM 316  H H    . TYR A 1 18 ? -2.735  3.269   -8.400  1.00 0.28 ? 18 TYR A H    1 
ATOM 317  H HA   . TYR A 1 18 ? -3.316  0.467   -8.278  1.00 0.23 ? 18 TYR A HA   1 
ATOM 318  H HB2  . TYR A 1 18 ? -5.108  2.109   -8.422  1.00 0.30 ? 18 TYR A HB2  1 
ATOM 319  H HB3  . TYR A 1 18 ? -4.492  2.710   -9.954  1.00 0.34 ? 18 TYR A HB3  1 
ATOM 320  H HD1  . TYR A 1 18 ? -5.002  -0.823  -8.755  1.00 0.32 ? 18 TYR A HD1  1 
ATOM 321  H HD2  . TYR A 1 18 ? -6.115  2.231   -11.567 1.00 0.42 ? 18 TYR A HD2  1 
ATOM 322  H HE1  . TYR A 1 18 ? -6.403  -2.457  -9.990  1.00 0.34 ? 18 TYR A HE1  1 
ATOM 323  H HE2  . TYR A 1 18 ? -7.509  0.595   -12.793 1.00 0.42 ? 18 TYR A HE2  1 
ATOM 324  H HH   . TYR A 1 18 ? -8.582  -2.162  -11.604 1.00 0.96 ? 18 TYR A HH   1 
ATOM 325  N N    . GLY A 1 19 ? -2.563  -0.579  -10.456 1.00 0.29 ? 19 GLY A N    1 
ATOM 326  C CA   . GLY A 1 19 ? -1.940  -1.178  -11.674 1.00 0.34 ? 19 GLY A CA   1 
ATOM 327  C C    . GLY A 1 19 ? -0.456  -1.480  -11.433 1.00 0.31 ? 19 GLY A C    1 
ATOM 328  O O    . GLY A 1 19 ? 0.171   -2.166  -12.219 1.00 0.39 ? 19 GLY A O    1 
ATOM 329  H H    . GLY A 1 19 ? -2.992  -1.159  -9.791  1.00 0.33 ? 19 GLY A H    1 
ATOM 330  H HA2  . GLY A 1 19 ? -2.455  -2.095  -11.921 1.00 0.37 ? 19 GLY A HA2  1 
ATOM 331  H HA3  . GLY A 1 19 ? -2.031  -0.485  -12.496 1.00 0.39 ? 19 GLY A HA3  1 
ATOM 332  N N    . ASP A 1 20 ? 0.119   -0.978  -10.364 1.00 0.24 ? 20 ASP A N    1 
ATOM 333  C CA   . ASP A 1 20 ? 1.561   -1.241  -10.094 1.00 0.23 ? 20 ASP A CA   1 
ATOM 334  C C    . ASP A 1 20 ? 1.691   -2.225  -8.932  1.00 0.22 ? 20 ASP A C    1 
ATOM 335  O O    . ASP A 1 20 ? 0.782   -2.387  -8.144  1.00 0.39 ? 20 ASP A O    1 
ATOM 336  C CB   . ASP A 1 20 ? 2.249   0.075   -9.730  1.00 0.26 ? 20 ASP A CB   1 
ATOM 337  C CG   . ASP A 1 20 ? 2.985   0.629   -10.952 1.00 0.64 ? 20 ASP A CG   1 
ATOM 338  O OD1  . ASP A 1 20 ? 4.110   0.215   -11.179 1.00 1.32 ? 20 ASP A OD1  1 
ATOM 339  O OD2  . ASP A 1 20 ? 2.411   1.459   -11.638 1.00 1.40 ? 20 ASP A OD2  1 
ATOM 340  H H    . ASP A 1 20 ? -0.393  -0.425  -9.739  1.00 0.25 ? 20 ASP A H    1 
ATOM 341  H HA   . ASP A 1 20 ? 2.022   -1.659  -10.977 1.00 0.24 ? 20 ASP A HA   1 
ATOM 342  H HB2  . ASP A 1 20 ? 1.503   0.786   -9.404  1.00 0.52 ? 20 ASP A HB2  1 
ATOM 343  H HB3  . ASP A 1 20 ? 2.955   -0.097  -8.933  1.00 0.39 ? 20 ASP A HB3  1 
ATOM 344  N N    . VAL A 1 21 ? 2.819   -2.877  -8.823  1.00 0.16 ? 21 VAL A N    1 
ATOM 345  C CA   . VAL A 1 21 ? 3.025   -3.851  -7.710  1.00 0.13 ? 21 VAL A CA   1 
ATOM 346  C C    . VAL A 1 21 ? 3.765   -3.156  -6.566  1.00 0.14 ? 21 VAL A C    1 
ATOM 347  O O    . VAL A 1 21 ? 4.363   -2.112  -6.748  1.00 0.31 ? 21 VAL A O    1 
ATOM 348  C CB   . VAL A 1 21 ? 3.850   -5.040  -8.219  1.00 0.15 ? 21 VAL A CB   1 
ATOM 349  C CG1  . VAL A 1 21 ? 4.028   -6.068  -7.099  1.00 0.16 ? 21 VAL A CG1  1 
ATOM 350  C CG2  . VAL A 1 21 ? 3.118   -5.697  -9.391  1.00 0.19 ? 21 VAL A CG2  1 
ATOM 351  H H    . VAL A 1 21 ? 3.536   -2.718  -9.472  1.00 0.27 ? 21 VAL A H    1 
ATOM 352  H HA   . VAL A 1 21 ? 2.066   -4.201  -7.358  1.00 0.14 ? 21 VAL A HA   1 
ATOM 353  H HB   . VAL A 1 21 ? 4.818   -4.692  -8.546  1.00 0.18 ? 21 VAL A HB   1 
ATOM 354  H HG11 . VAL A 1 21 ? 3.123   -6.125  -6.514  1.00 0.99 ? 21 VAL A HG11 1 
ATOM 355  H HG12 . VAL A 1 21 ? 4.242   -7.036  -7.529  1.00 1.03 ? 21 VAL A HG12 1 
ATOM 356  H HG13 . VAL A 1 21 ? 4.848   -5.769  -6.464  1.00 0.99 ? 21 VAL A HG13 1 
ATOM 357  H HG21 . VAL A 1 21 ? 2.633   -4.939  -9.986  1.00 1.00 ? 21 VAL A HG21 1 
ATOM 358  H HG22 . VAL A 1 21 ? 3.829   -6.236  -10.003 1.00 1.00 ? 21 VAL A HG22 1 
ATOM 359  H HG23 . VAL A 1 21 ? 2.377   -6.386  -9.013  1.00 1.00 ? 21 VAL A HG23 1 
ATOM 360  N N    . GLY A 1 22 ? 3.724   -3.726  -5.388  1.00 0.14 ? 22 GLY A N    1 
ATOM 361  C CA   . GLY A 1 22 ? 4.418   -3.102  -4.226  1.00 0.13 ? 22 GLY A CA   1 
ATOM 362  C C    . GLY A 1 22 ? 4.953   -4.194  -3.296  1.00 0.12 ? 22 GLY A C    1 
ATOM 363  O O    . GLY A 1 22 ? 4.501   -5.323  -3.327  1.00 0.21 ? 22 GLY A O    1 
ATOM 364  H H    . GLY A 1 22 ? 3.231   -4.565  -5.271  1.00 0.27 ? 22 GLY A H    1 
ATOM 365  H HA2  . GLY A 1 22 ? 5.237   -2.497  -4.583  1.00 0.15 ? 22 GLY A HA2  1 
ATOM 366  H HA3  . GLY A 1 22 ? 3.723   -2.482  -3.686  1.00 0.15 ? 22 GLY A HA3  1 
ATOM 367  N N    . THR A 1 23 ? 5.914   -3.862  -2.470  1.00 0.15 ? 23 THR A N    1 
ATOM 368  C CA   . THR A 1 23 ? 6.488   -4.874  -1.532  1.00 0.17 ? 23 THR A CA   1 
ATOM 369  C C    . THR A 1 23 ? 5.743   -4.813  -0.199  1.00 0.16 ? 23 THR A C    1 
ATOM 370  O O    . THR A 1 23 ? 5.778   -3.815  0.493   1.00 0.16 ? 23 THR A O    1 
ATOM 371  C CB   . THR A 1 23 ? 7.968   -4.566  -1.296  1.00 0.20 ? 23 THR A CB   1 
ATOM 372  O OG1  . THR A 1 23 ? 8.579   -4.212  -2.529  1.00 0.21 ? 23 THR A OG1  1 
ATOM 373  C CG2  . THR A 1 23 ? 8.661   -5.799  -0.716  1.00 0.27 ? 23 THR A CG2  1 
ATOM 374  H H    . THR A 1 23 ? 6.258   -2.946  -2.468  1.00 0.23 ? 23 THR A H    1 
ATOM 375  H HA   . THR A 1 23 ? 6.389   -5.860  -1.958  1.00 0.18 ? 23 THR A HA   1 
ATOM 376  H HB   . THR A 1 23 ? 8.059   -3.746  -0.600  1.00 0.27 ? 23 THR A HB   1 
ATOM 377  H HG1  . THR A 1 23 ? 8.955   -3.333  -2.433  1.00 0.87 ? 23 THR A HG1  1 
ATOM 378  H HG21 . THR A 1 23 ? 7.947   -6.383  -0.156  1.00 1.09 ? 23 THR A HG21 1 
ATOM 379  H HG22 . THR A 1 23 ? 9.063   -6.399  -1.521  1.00 1.10 ? 23 THR A HG22 1 
ATOM 380  H HG23 . THR A 1 23 ? 9.463   -5.488  -0.064  1.00 0.99 ? 23 THR A HG23 1 
ATOM 381  N N    . VAL A 1 24 ? 5.073   -5.878  0.173   1.00 0.17 ? 24 VAL A N    1 
ATOM 382  C CA   . VAL A 1 24 ? 4.316   -5.893  1.469   1.00 0.17 ? 24 VAL A CA   1 
ATOM 383  C C    . VAL A 1 24 ? 5.223   -5.443  2.621   1.00 0.16 ? 24 VAL A C    1 
ATOM 384  O O    . VAL A 1 24 ? 6.292   -5.984  2.829   1.00 0.29 ? 24 VAL A O    1 
ATOM 385  C CB   . VAL A 1 24 ? 3.809   -7.310  1.744   1.00 0.22 ? 24 VAL A CB   1 
ATOM 386  C CG1  . VAL A 1 24 ? 2.889   -7.294  2.966   1.00 0.25 ? 24 VAL A CG1  1 
ATOM 387  C CG2  . VAL A 1 24 ? 3.030   -7.822  0.530   1.00 0.28 ? 24 VAL A CG2  1 
ATOM 388  H H    . VAL A 1 24 ? 5.066   -6.671  -0.402  1.00 0.18 ? 24 VAL A H    1 
ATOM 389  H HA   . VAL A 1 24 ? 3.472   -5.222  1.396   1.00 0.18 ? 24 VAL A HA   1 
ATOM 390  H HB   . VAL A 1 24 ? 4.649   -7.963  1.937   1.00 0.23 ? 24 VAL A HB   1 
ATOM 391  H HG11 . VAL A 1 24 ? 3.366   -6.750  3.768   1.00 1.03 ? 24 VAL A HG11 1 
ATOM 392  H HG12 . VAL A 1 24 ? 1.958   -6.810  2.708   1.00 1.06 ? 24 VAL A HG12 1 
ATOM 393  H HG13 . VAL A 1 24 ? 2.694   -8.307  3.283   1.00 1.03 ? 24 VAL A HG13 1 
ATOM 394  H HG21 . VAL A 1 24 ? 2.631   -6.983  -0.021  1.00 1.11 ? 24 VAL A HG21 1 
ATOM 395  H HG22 . VAL A 1 24 ? 3.691   -8.390  -0.108  1.00 1.00 ? 24 VAL A HG22 1 
ATOM 396  H HG23 . VAL A 1 24 ? 2.219   -8.454  0.860   1.00 1.04 ? 24 VAL A HG23 1 
ATOM 397  N N    . ALA A 1 25 ? 4.801   -4.448  3.362   1.00 0.18 ? 25 ALA A N    1 
ATOM 398  C CA   . ALA A 1 25 ? 5.632   -3.946  4.495   1.00 0.22 ? 25 ALA A CA   1 
ATOM 399  C C    . ALA A 1 25 ? 5.158   -4.576  5.806   1.00 0.23 ? 25 ALA A C    1 
ATOM 400  O O    . ALA A 1 25 ? 5.954   -5.050  6.596   1.00 0.29 ? 25 ALA A O    1 
ATOM 401  C CB   . ALA A 1 25 ? 5.501   -2.425  4.587   1.00 0.25 ? 25 ALA A CB   1 
ATOM 402  H H    . ALA A 1 25 ? 3.938   -4.027  3.167   1.00 0.28 ? 25 ALA A H    1 
ATOM 403  H HA   . ALA A 1 25 ? 6.666   -4.206  4.325   1.00 0.25 ? 25 ALA A HA   1 
ATOM 404  H HB1  . ALA A 1 25 ? 5.395   -2.012  3.594   1.00 1.06 ? 25 ALA A HB1  1 
ATOM 405  H HB2  . ALA A 1 25 ? 4.630   -2.174  5.174   1.00 1.04 ? 25 ALA A HB2  1 
ATOM 406  H HB3  . ALA A 1 25 ? 6.382   -2.014  5.056   1.00 1.01 ? 25 ALA A HB3  1 
ATOM 407  N N    . SER A 1 26 ? 3.871   -4.580  6.045   1.00 0.21 ? 26 SER A N    1 
ATOM 408  C CA   . SER A 1 26 ? 3.347   -5.174  7.309   1.00 0.24 ? 26 SER A CA   1 
ATOM 409  C C    . SER A 1 26 ? 1.817   -5.218  7.270   1.00 0.24 ? 26 SER A C    1 
ATOM 410  O O    . SER A 1 26 ? 1.183   -4.503  6.517   1.00 0.24 ? 26 SER A O    1 
ATOM 411  C CB   . SER A 1 26 ? 3.799   -4.322  8.495   1.00 0.29 ? 26 SER A CB   1 
ATOM 412  O OG   . SER A 1 26 ? 4.047   -5.165  9.612   1.00 0.63 ? 26 SER A OG   1 
ATOM 413  H H    . SER A 1 26 ? 3.251   -4.189  5.395   1.00 0.20 ? 26 SER A H    1 
ATOM 414  H HA   . SER A 1 26 ? 3.732   -6.177  7.421   1.00 0.29 ? 26 SER A HA   1 
ATOM 415  H HB2  . SER A 1 26 ? 4.705   -3.798  8.239   1.00 0.58 ? 26 SER A HB2  1 
ATOM 416  H HB3  . SER A 1 26 ? 3.027   -3.604  8.737   1.00 0.53 ? 26 SER A HB3  1 
ATOM 417  H HG   . SER A 1 26 ? 4.243   -4.607  10.369  1.00 0.87 ? 26 SER A HG   1 
ATOM 418  N N    . ILE A 1 27 ? 1.227   -6.056  8.085   1.00 0.34 ? 27 ILE A N    1 
ATOM 419  C CA   . ILE A 1 27 ? -0.260  -6.161  8.117   1.00 0.42 ? 27 ILE A CA   1 
ATOM 420  C C    . ILE A 1 27 ? -0.768  -5.683  9.479   1.00 0.51 ? 27 ILE A C    1 
ATOM 421  O O    . ILE A 1 27 ? -0.012  -5.572  10.427  1.00 0.61 ? 27 ILE A O    1 
ATOM 422  C CB   . ILE A 1 27 ? -0.679  -7.621  7.902   1.00 0.54 ? 27 ILE A CB   1 
ATOM 423  C CG1  . ILE A 1 27 ? 0.041   -8.203  6.672   1.00 0.67 ? 27 ILE A CG1  1 
ATOM 424  C CG2  . ILE A 1 27 ? -2.194  -7.695  7.694   1.00 0.66 ? 27 ILE A CG2  1 
ATOM 425  C CD1  . ILE A 1 27 ? -0.305  -7.394  5.414   1.00 0.77 ? 27 ILE A CD1  1 
ATOM 426  H H    . ILE A 1 27 ? 1.768   -6.615  8.683   1.00 0.41 ? 27 ILE A H    1 
ATOM 427  H HA   . ILE A 1 27 ? -0.684  -5.545  7.337   1.00 0.39 ? 27 ILE A HA   1 
ATOM 428  H HB   . ILE A 1 27 ? -0.414  -8.197  8.778   1.00 0.61 ? 27 ILE A HB   1 
ATOM 429  H HG12 . ILE A 1 27 ? 1.108   -8.169  6.835   1.00 1.18 ? 27 ILE A HG12 1 
ATOM 430  H HG13 . ILE A 1 27 ? -0.266  -9.228  6.532   1.00 1.27 ? 27 ILE A HG13 1 
ATOM 431  H HG21 . ILE A 1 27 ? -2.519  -6.846  7.113   1.00 1.29 ? 27 ILE A HG21 1 
ATOM 432  H HG22 . ILE A 1 27 ? -2.441  -8.606  7.171   1.00 1.34 ? 27 ILE A HG22 1 
ATOM 433  H HG23 . ILE A 1 27 ? -2.690  -7.685  8.654   1.00 1.04 ? 27 ILE A HG23 1 
ATOM 434  H HD11 . ILE A 1 27 ? -1.085  -6.683  5.643   1.00 1.47 ? 27 ILE A HD11 1 
ATOM 435  H HD12 . ILE A 1 27 ? 0.573   -6.868  5.072   1.00 1.22 ? 27 ILE A HD12 1 
ATOM 436  H HD13 . ILE A 1 27 ? -0.646  -8.065  4.639   1.00 1.44 ? 27 ILE A HD13 1 
ATOM 437  N N    . ASP A 1 28 ? -2.042  -5.403  9.584   1.00 0.64 ? 28 ASP A N    1 
ATOM 438  C CA   . ASP A 1 28 ? -2.606  -4.931  10.884  1.00 0.77 ? 28 ASP A CA   1 
ATOM 439  C C    . ASP A 1 28 ? -3.459  -6.042  11.500  1.00 0.96 ? 28 ASP A C    1 
ATOM 440  O O    . ASP A 1 28 ? -3.474  -7.162  11.023  1.00 1.61 ? 28 ASP A O    1 
ATOM 441  C CB   . ASP A 1 28 ? -3.471  -3.691  10.646  1.00 0.87 ? 28 ASP A CB   1 
ATOM 442  C CG   . ASP A 1 28 ? -3.325  -2.730  11.828  1.00 0.98 ? 28 ASP A CG   1 
ATOM 443  O OD1  . ASP A 1 28 ? -2.223  -2.258  12.048  1.00 1.43 ? 28 ASP A OD1  1 
ATOM 444  O OD2  . ASP A 1 28 ? -4.318  -2.484  12.491  1.00 1.49 ? 28 ASP A OD2  1 
ATOM 445  H H    . ASP A 1 28 ? -2.629  -5.502  8.805   1.00 0.74 ? 28 ASP A H    1 
ATOM 446  H HA   . ASP A 1 28 ? -1.799  -4.684  11.557  1.00 0.79 ? 28 ASP A HA   1 
ATOM 447  H HB2  . ASP A 1 28 ? -3.152  -3.200  9.739   1.00 0.89 ? 28 ASP A HB2  1 
ATOM 448  H HB3  . ASP A 1 28 ? -4.505  -3.987  10.553  1.00 0.98 ? 28 ASP A HB3  1 
ATOM 449  N N    . LYS A 1 29 ? -4.169  -5.738  12.556  1.00 1.06 ? 29 LYS A N    1 
ATOM 450  C CA   . LYS A 1 29 ? -5.025  -6.769  13.214  1.00 1.26 ? 29 LYS A CA   1 
ATOM 451  C C    . LYS A 1 29 ? -6.466  -6.628  12.715  1.00 1.56 ? 29 LYS A C    1 
ATOM 452  O O    . LYS A 1 29 ? -7.410  -6.764  13.471  1.00 2.18 ? 29 LYS A O    1 
ATOM 453  C CB   . LYS A 1 29 ? -4.986  -6.570  14.731  1.00 1.61 ? 29 LYS A CB   1 
ATOM 454  C CG   . LYS A 1 29 ? -5.086  -7.929  15.426  1.00 2.14 ? 29 LYS A CG   1 
ATOM 455  C CD   . LYS A 1 29 ? -3.749  -8.662  15.312  1.00 2.45 ? 29 LYS A CD   1 
ATOM 456  C CE   . LYS A 1 29 ? -3.692  -9.786  16.348  1.00 3.34 ? 29 LYS A CE   1 
ATOM 457  N NZ   . LYS A 1 29 ? -4.379  -10.994 15.809  1.00 3.96 ? 29 LYS A NZ   1 
ATOM 458  H H    . LYS A 1 29 ? -4.136  -4.828  12.919  1.00 1.47 ? 29 LYS A H    1 
ATOM 459  H HA   . LYS A 1 29 ? -4.654  -7.752  12.969  1.00 1.55 ? 29 LYS A HA   1 
ATOM 460  H HB2  . LYS A 1 29 ? -4.057  -6.092  15.008  1.00 1.92 ? 29 LYS A HB2  1 
ATOM 461  H HB3  . LYS A 1 29 ? -5.815  -5.950  15.035  1.00 1.87 ? 29 LYS A HB3  1 
ATOM 462  H HG2  . LYS A 1 29 ? -5.331  -7.783  16.468  1.00 2.67 ? 29 LYS A HG2  1 
ATOM 463  H HG3  . LYS A 1 29 ? -5.859  -8.518  14.955  1.00 2.53 ? 29 LYS A HG3  1 
ATOM 464  H HD2  . LYS A 1 29 ? -3.651  -9.080  14.321  1.00 2.53 ? 29 LYS A HD2  1 
ATOM 465  H HD3  . LYS A 1 29 ? -2.942  -7.968  15.492  1.00 2.56 ? 29 LYS A HD3  1 
ATOM 466  H HE2  . LYS A 1 29 ? -2.661  -10.026 16.564  1.00 3.58 ? 29 LYS A HE2  1 
ATOM 467  H HE3  . LYS A 1 29 ? -4.185  -9.466  17.254  1.00 3.78 ? 29 LYS A HE3  1 
ATOM 468  H HZ1  . LYS A 1 29 ? -3.992  -11.221 14.870  1.00 4.21 ? 29 LYS A HZ1  1 
ATOM 469  H HZ2  . LYS A 1 29 ? -4.227  -11.797 16.452  1.00 4.32 ? 29 LYS A HZ2  1 
ATOM 470  H HZ3  . LYS A 1 29 ? -5.398  -10.807 15.729  1.00 4.30 ? 29 LYS A HZ3  1 
ATOM 471  N N    . SER A 1 30 ? -6.641  -6.356  11.445  1.00 1.69 ? 30 SER A N    1 
ATOM 472  C CA   . SER A 1 30 ? -8.018  -6.204  10.881  1.00 2.35 ? 30 SER A CA   1 
ATOM 473  C C    . SER A 1 30 ? -8.747  -5.064  11.597  1.00 1.84 ? 30 SER A C    1 
ATOM 474  O O    . SER A 1 30 ? -9.955  -5.083  11.742  1.00 2.28 ? 30 SER A O    1 
ATOM 475  C CB   . SER A 1 30 ? -8.798  -7.508  11.071  1.00 3.44 ? 30 SER A CB   1 
ATOM 476  O OG   . SER A 1 30 ? -8.656  -8.313  9.909   1.00 4.34 ? 30 SER A OG   1 
ATOM 477  H H    . SER A 1 30 ? -5.863  -6.254  10.859  1.00 1.72 ? 30 SER A H    1 
ATOM 478  H HA   . SER A 1 30 ? -7.949  -5.979  9.827   1.00 2.93 ? 30 SER A HA   1 
ATOM 479  H HB2  . SER A 1 30 ? -8.412  -8.042  11.923  1.00 3.72 ? 30 SER A HB2  1 
ATOM 480  H HB3  . SER A 1 30 ? -9.844  -7.280  11.237  1.00 3.71 ? 30 SER A HB3  1 
ATOM 481  H HG   . SER A 1 30 ? -8.976  -9.194  10.117  1.00 4.80 ? 30 SER A HG   1 
ATOM 482  N N    . GLY A 1 31 ? -8.018  -4.072  12.042  1.00 1.34 ? 31 GLY A N    1 
ATOM 483  C CA   . GLY A 1 31 ? -8.658  -2.925  12.751  1.00 1.71 ? 31 GLY A CA   1 
ATOM 484  C C    . GLY A 1 31 ? -9.361  -2.023  11.734  1.00 1.47 ? 31 GLY A C    1 
ATOM 485  O O    . GLY A 1 31 ? -10.355 -1.389  12.038  1.00 1.76 ? 31 GLY A O    1 
ATOM 486  H H    . GLY A 1 31 ? -7.047  -4.084  11.911  1.00 1.23 ? 31 GLY A H    1 
ATOM 487  H HA2  . GLY A 1 31 ? -9.381  -3.299  13.462  1.00 2.07 ? 31 GLY A HA2  1 
ATOM 488  H HA3  . GLY A 1 31 ? -7.903  -2.355  13.269  1.00 2.21 ? 31 GLY A HA3  1 
ATOM 489  N N    . ILE A 1 32 ? -8.851  -1.962  10.530  1.00 1.10 ? 32 ILE A N    1 
ATOM 490  C CA   . ILE A 1 32 ? -9.482  -1.104  9.486   1.00 0.89 ? 32 ILE A CA   1 
ATOM 491  C C    . ILE A 1 32 ? -9.748  -1.937  8.231   1.00 0.72 ? 32 ILE A C    1 
ATOM 492  O O    . ILE A 1 32 ? -9.288  -3.058  8.110   1.00 0.83 ? 32 ILE A O    1 
ATOM 493  C CB   . ILE A 1 32 ? -8.543  0.054   9.141   1.00 0.88 ? 32 ILE A CB   1 
ATOM 494  C CG1  . ILE A 1 32 ? -7.169  -0.501  8.756   1.00 0.90 ? 32 ILE A CG1  1 
ATOM 495  C CG2  . ILE A 1 32 ? -8.398  0.974   10.355  1.00 1.11 ? 32 ILE A CG2  1 
ATOM 496  C CD1  . ILE A 1 32 ? -6.350  0.592   8.068   1.00 0.97 ? 32 ILE A CD1  1 
ATOM 497  H H    . ILE A 1 32 ? -8.049  -2.484  10.314  1.00 1.13 ? 32 ILE A H    1 
ATOM 498  H HA   . ILE A 1 32 ? -10.417 -0.710  9.860   1.00 0.95 ? 32 ILE A HA   1 
ATOM 499  H HB   . ILE A 1 32 ? -8.952  0.614   8.312   1.00 0.81 ? 32 ILE A HB   1 
ATOM 500  H HG12 . ILE A 1 32 ? -6.653  -0.832  9.646   1.00 1.11 ? 32 ILE A HG12 1 
ATOM 501  H HG13 . ILE A 1 32 ? -7.293  -1.334  8.081   1.00 0.90 ? 32 ILE A HG13 1 
ATOM 502  H HG21 . ILE A 1 32 ? -9.377  1.239   10.724  1.00 1.40 ? 32 ILE A HG21 1 
ATOM 503  H HG22 . ILE A 1 32 ? -7.847  0.462   11.130  1.00 1.64 ? 32 ILE A HG22 1 
ATOM 504  H HG23 . ILE A 1 32 ? -7.866  1.868   10.067  1.00 1.59 ? 32 ILE A HG23 1 
ATOM 505  H HD11 . ILE A 1 32 ? -6.358  1.485   8.676   1.00 1.45 ? 32 ILE A HD11 1 
ATOM 506  H HD12 . ILE A 1 32 ? -5.333  0.254   7.937   1.00 1.39 ? 32 ILE A HD12 1 
ATOM 507  H HD13 . ILE A 1 32 ? -6.784  0.814   7.102   1.00 1.50 ? 32 ILE A HD13 1 
ATOM 508  N N    . ILE A 1 33 ? -10.487 -1.396  7.295   1.00 0.57 ? 33 ILE A N    1 
ATOM 509  C CA   . ILE A 1 33 ? -10.788 -2.147  6.041   1.00 0.52 ? 33 ILE A CA   1 
ATOM 510  C C    . ILE A 1 33 ? -9.500  -2.329  5.223   1.00 0.41 ? 33 ILE A C    1 
ATOM 511  O O    . ILE A 1 33 ? -9.390  -3.244  4.427   1.00 0.46 ? 33 ILE A O    1 
ATOM 512  C CB   . ILE A 1 33 ? -11.836 -1.372  5.228   1.00 0.62 ? 33 ILE A CB   1 
ATOM 513  C CG1  . ILE A 1 33 ? -12.182 -2.149  3.953   1.00 1.43 ? 33 ILE A CG1  1 
ATOM 514  C CG2  . ILE A 1 33 ? -11.292 0.009   4.853   1.00 1.00 ? 33 ILE A CG2  1 
ATOM 515  C CD1  . ILE A 1 33 ? -13.342 -1.460  3.230   1.00 1.83 ? 33 ILE A CD1  1 
ATOM 516  H H    . ILE A 1 33 ? -10.843 -0.492  7.419   1.00 0.64 ? 33 ILE A H    1 
ATOM 517  H HA   . ILE A 1 33 ? -11.185 -3.119  6.297   1.00 0.60 ? 33 ILE A HA   1 
ATOM 518  H HB   . ILE A 1 33 ? -12.729 -1.250  5.825   1.00 1.15 ? 33 ILE A HB   1 
ATOM 519  H HG12 . ILE A 1 33 ? -11.319 -2.179  3.304   1.00 1.85 ? 33 ILE A HG12 1 
ATOM 520  H HG13 . ILE A 1 33 ? -12.471 -3.157  4.213   1.00 2.07 ? 33 ILE A HG13 1 
ATOM 521  H HG21 . ILE A 1 33 ? -10.586 0.334   5.603   1.00 1.54 ? 33 ILE A HG21 1 
ATOM 522  H HG22 . ILE A 1 33 ? -10.798 -0.047  3.895   1.00 1.61 ? 33 ILE A HG22 1 
ATOM 523  H HG23 . ILE A 1 33 ? -12.107 0.715   4.797   1.00 1.56 ? 33 ILE A HG23 1 
ATOM 524  H HD11 . ILE A 1 33 ? -13.233 -0.389  3.317   1.00 2.26 ? 33 ILE A HD11 1 
ATOM 525  H HD12 . ILE A 1 33 ? -13.333 -1.739  2.187   1.00 2.18 ? 33 ILE A HD12 1 
ATOM 526  H HD13 . ILE A 1 33 ? -14.276 -1.765  3.677   1.00 2.24 ? 33 ILE A HD13 1 
ATOM 527  N N    . TYR A 1 34 ? -8.529  -1.468  5.412   1.00 0.34 ? 34 TYR A N    1 
ATOM 528  C CA   . TYR A 1 34 ? -7.248  -1.589  4.653   1.00 0.28 ? 34 TYR A CA   1 
ATOM 529  C C    . TYR A 1 34 ? -6.066  -1.624  5.647   1.00 0.31 ? 34 TYR A C    1 
ATOM 530  O O    . TYR A 1 34 ? -5.381  -0.634  5.809   1.00 0.34 ? 34 TYR A O    1 
ATOM 531  C CB   . TYR A 1 34 ? -7.105  -0.385  3.714   1.00 0.28 ? 34 TYR A CB   1 
ATOM 532  C CG   . TYR A 1 34 ? -8.335  -0.240  2.840   1.00 0.30 ? 34 TYR A CG   1 
ATOM 533  C CD1  . TYR A 1 34 ? -8.898  -1.360  2.207   1.00 0.86 ? 34 TYR A CD1  1 
ATOM 534  C CD2  . TYR A 1 34 ? -8.911  1.024   2.660   1.00 0.79 ? 34 TYR A CD2  1 
ATOM 535  C CE1  . TYR A 1 34 ? -10.031 -1.212  1.398   1.00 0.94 ? 34 TYR A CE1  1 
ATOM 536  C CE2  . TYR A 1 34 ? -10.044 1.170   1.851   1.00 0.78 ? 34 TYR A CE2  1 
ATOM 537  C CZ   . TYR A 1 34 ? -10.604 0.053   1.220   1.00 0.46 ? 34 TYR A CZ   1 
ATOM 538  O OH   . TYR A 1 34 ? -11.720 0.198   0.422   1.00 0.56 ? 34 TYR A OH   1 
ATOM 539  H H    . TYR A 1 34 ? -8.641  -0.741  6.059   1.00 0.37 ? 34 TYR A H    1 
ATOM 540  H HA   . TYR A 1 34 ? -7.258  -2.501  4.072   1.00 0.29 ? 34 TYR A HA   1 
ATOM 541  H HB2  . TYR A 1 34 ? -6.978  0.512   4.302   1.00 0.31 ? 34 TYR A HB2  1 
ATOM 542  H HB3  . TYR A 1 34 ? -6.240  -0.522  3.089   1.00 0.31 ? 34 TYR A HB3  1 
ATOM 543  H HD1  . TYR A 1 34 ? -8.457  -2.336  2.345   1.00 1.40 ? 34 TYR A HD1  1 
ATOM 544  H HD2  . TYR A 1 34 ? -8.481  1.886   3.145   1.00 1.36 ? 34 TYR A HD2  1 
ATOM 545  H HE1  . TYR A 1 34 ? -10.461 -2.074  0.911   1.00 1.52 ? 34 TYR A HE1  1 
ATOM 546  H HE2  . TYR A 1 34 ? -10.488 2.145   1.713   1.00 1.31 ? 34 TYR A HE2  1 
ATOM 547  H HH   . TYR A 1 34 ? -11.523 0.857   -0.246  1.00 1.03 ? 34 TYR A HH   1 
ATOM 548  N N    . PRO A 1 35 ? -5.868  -2.755  6.306   1.00 0.34 ? 35 PRO A N    1 
ATOM 549  C CA   . PRO A 1 35 ? -4.786  -2.904  7.301   1.00 0.41 ? 35 PRO A CA   1 
ATOM 550  C C    . PRO A 1 35 ? -3.438  -3.249  6.646   1.00 0.42 ? 35 PRO A C    1 
ATOM 551  O O    . PRO A 1 35 ? -2.404  -3.158  7.279   1.00 0.67 ? 35 PRO A O    1 
ATOM 552  C CB   . PRO A 1 35 ? -5.259  -4.078  8.163   1.00 0.45 ? 35 PRO A CB   1 
ATOM 553  C CG   . PRO A 1 35 ? -6.241  -4.898  7.291   1.00 0.40 ? 35 PRO A CG   1 
ATOM 554  C CD   . PRO A 1 35 ? -6.693  -3.978  6.143   1.00 0.33 ? 35 PRO A CD   1 
ATOM 555  H HA   . PRO A 1 35 ? -4.701  -2.019  7.909   1.00 0.45 ? 35 PRO A HA   1 
ATOM 556  H HB2  . PRO A 1 35 ? -4.414  -4.689  8.449   1.00 0.49 ? 35 PRO A HB2  1 
ATOM 557  H HB3  . PRO A 1 35 ? -5.770  -3.714  9.040   1.00 0.50 ? 35 PRO A HB3  1 
ATOM 558  H HG2  . PRO A 1 35 ? -5.742  -5.771  6.893   1.00 0.41 ? 35 PRO A HG2  1 
ATOM 559  H HG3  . PRO A 1 35 ? -7.097  -5.196  7.877   1.00 0.44 ? 35 PRO A HG3  1 
ATOM 560  H HD2  . PRO A 1 35 ? -6.499  -4.445  5.188   1.00 0.30 ? 35 PRO A HD2  1 
ATOM 561  H HD3  . PRO A 1 35 ? -7.739  -3.738  6.242   1.00 0.34 ? 35 PRO A HD3  1 
ATOM 562  N N    . VAL A 1 36 ? -3.438  -3.672  5.403   1.00 0.32 ? 36 VAL A N    1 
ATOM 563  C CA   . VAL A 1 36 ? -2.148  -4.048  4.743   1.00 0.33 ? 36 VAL A CA   1 
ATOM 564  C C    . VAL A 1 36 ? -1.502  -2.827  4.082   1.00 0.34 ? 36 VAL A C    1 
ATOM 565  O O    . VAL A 1 36 ? -2.002  -2.310  3.105   1.00 0.64 ? 36 VAL A O    1 
ATOM 566  C CB   . VAL A 1 36 ? -2.415  -5.109  3.671   1.00 0.32 ? 36 VAL A CB   1 
ATOM 567  C CG1  . VAL A 1 36 ? -1.080  -5.624  3.121   1.00 0.37 ? 36 VAL A CG1  1 
ATOM 568  C CG2  . VAL A 1 36 ? -3.210  -6.278  4.277   1.00 0.35 ? 36 VAL A CG2  1 
ATOM 569  H H    . VAL A 1 36 ? -4.282  -3.760  4.912   1.00 0.44 ? 36 VAL A H    1 
ATOM 570  H HA   . VAL A 1 36 ? -1.473  -4.453  5.482   1.00 0.37 ? 36 VAL A HA   1 
ATOM 571  H HB   . VAL A 1 36 ? -2.983  -4.665  2.867   1.00 0.31 ? 36 VAL A HB   1 
ATOM 572  H HG11 . VAL A 1 36 ? -0.300  -5.453  3.847   1.00 1.09 ? 36 VAL A HG11 1 
ATOM 573  H HG12 . VAL A 1 36 ? -1.157  -6.682  2.918   1.00 1.01 ? 36 VAL A HG12 1 
ATOM 574  H HG13 . VAL A 1 36 ? -0.843  -5.099  2.207   1.00 1.16 ? 36 VAL A HG13 1 
ATOM 575  H HG21 . VAL A 1 36 ? -3.593  -5.994  5.246   1.00 1.07 ? 36 VAL A HG21 1 
ATOM 576  H HG22 . VAL A 1 36 ? -4.034  -6.526  3.624   1.00 1.11 ? 36 VAL A HG22 1 
ATOM 577  H HG23 . VAL A 1 36 ? -2.567  -7.140  4.384   1.00 1.03 ? 36 VAL A HG23 1 
ATOM 578  N N    . ILE A 1 37 ? -0.378  -2.382  4.589   1.00 0.16 ? 37 ILE A N    1 
ATOM 579  C CA   . ILE A 1 37 ? 0.302   -1.208  3.966   1.00 0.18 ? 37 ILE A CA   1 
ATOM 580  C C    . ILE A 1 37 ? 1.415   -1.722  3.035   1.00 0.15 ? 37 ILE A C    1 
ATOM 581  O O    . ILE A 1 37 ? 2.319   -2.418  3.458   1.00 0.27 ? 37 ILE A O    1 
ATOM 582  C CB   . ILE A 1 37 ? 0.837   -0.256  5.075   1.00 0.26 ? 37 ILE A CB   1 
ATOM 583  C CG1  . ILE A 1 37 ? 0.681   1.192   4.603   1.00 0.45 ? 37 ILE A CG1  1 
ATOM 584  C CG2  . ILE A 1 37 ? 2.318   -0.509  5.413   1.00 0.30 ? 37 ILE A CG2  1 
ATOM 585  C CD1  . ILE A 1 37 ? -0.699  1.715   5.007   1.00 0.65 ? 37 ILE A CD1  1 
ATOM 586  H H    . ILE A 1 37 ? 0.023   -2.831  5.365   1.00 0.32 ? 37 ILE A H    1 
ATOM 587  H HA   . ILE A 1 37 ? -0.423  -0.673  3.367   1.00 0.22 ? 37 ILE A HA   1 
ATOM 588  H HB   . ILE A 1 37 ? 0.248   -0.396  5.967   1.00 0.49 ? 37 ILE A HB   1 
ATOM 589  H HG12 . ILE A 1 37 ? 1.446   1.804   5.057   1.00 0.62 ? 37 ILE A HG12 1 
ATOM 590  H HG13 . ILE A 1 37 ? 0.776   1.232   3.528   1.00 0.52 ? 37 ILE A HG13 1 
ATOM 591  H HG21 . ILE A 1 37 ? 2.464   -1.556  5.632   1.00 1.09 ? 37 ILE A HG21 1 
ATOM 592  H HG22 . ILE A 1 37 ? 2.932   -0.226  4.571   1.00 1.09 ? 37 ILE A HG22 1 
ATOM 593  H HG23 . ILE A 1 37 ? 2.596   0.082   6.275   1.00 1.03 ? 37 ILE A HG23 1 
ATOM 594  H HD11 . ILE A 1 37 ? -1.452  0.988   4.740   1.00 1.20 ? 37 ILE A HD11 1 
ATOM 595  H HD12 . ILE A 1 37 ? -0.721  1.881   6.075   1.00 1.23 ? 37 ILE A HD12 1 
ATOM 596  H HD13 . ILE A 1 37 ? -0.896  2.644   4.495   1.00 1.28 ? 37 ILE A HD13 1 
ATOM 597  N N    . VAL A 1 38 ? 1.339   -1.393  1.772   1.00 0.20 ? 38 VAL A N    1 
ATOM 598  C CA   . VAL A 1 38 ? 2.373   -1.867  0.807   1.00 0.19 ? 38 VAL A CA   1 
ATOM 599  C C    . VAL A 1 38 ? 3.412   -0.765  0.586   1.00 0.20 ? 38 VAL A C    1 
ATOM 600  O O    . VAL A 1 38 ? 3.186   0.384   0.911   1.00 0.23 ? 38 VAL A O    1 
ATOM 601  C CB   . VAL A 1 38 ? 1.698   -2.219  -0.521  1.00 0.17 ? 38 VAL A CB   1 
ATOM 602  C CG1  . VAL A 1 38 ? 2.713   -2.878  -1.452  1.00 0.18 ? 38 VAL A CG1  1 
ATOM 603  C CG2  . VAL A 1 38 ? 0.540   -3.189  -0.270  1.00 0.20 ? 38 VAL A CG2  1 
ATOM 604  H H    . VAL A 1 38 ? 0.593   -0.841  1.456   1.00 0.34 ? 38 VAL A H    1 
ATOM 605  H HA   . VAL A 1 38 ? 2.859   -2.745  1.206   1.00 0.22 ? 38 VAL A HA   1 
ATOM 606  H HB   . VAL A 1 38 ? 1.320   -1.319  -0.982  1.00 0.18 ? 38 VAL A HB   1 
ATOM 607  H HG11 . VAL A 1 38 ? 3.204   -3.689  -0.934  1.00 1.01 ? 38 VAL A HG11 1 
ATOM 608  H HG12 . VAL A 1 38 ? 2.207   -3.262  -2.325  1.00 1.03 ? 38 VAL A HG12 1 
ATOM 609  H HG13 . VAL A 1 38 ? 3.448   -2.148  -1.756  1.00 1.00 ? 38 VAL A HG13 1 
ATOM 610  H HG21 . VAL A 1 38 ? -0.137  -2.761  0.454   1.00 1.03 ? 38 VAL A HG21 1 
ATOM 611  H HG22 . VAL A 1 38 ? 0.012   -3.368  -1.195  1.00 1.04 ? 38 VAL A HG22 1 
ATOM 612  H HG23 . VAL A 1 38 ? 0.929   -4.123  0.109   1.00 1.03 ? 38 VAL A HG23 1 
ATOM 613  N N    . ARG A 1 39 ? 4.550   -1.110  0.038   1.00 0.22 ? 39 ARG A N    1 
ATOM 614  C CA   . ARG A 1 39 ? 5.615   -0.092  -0.209  1.00 0.25 ? 39 ARG A CA   1 
ATOM 615  C C    . ARG A 1 39 ? 5.707   0.182   -1.710  1.00 0.23 ? 39 ARG A C    1 
ATOM 616  O O    . ARG A 1 39 ? 5.655   -0.727  -2.517  1.00 0.30 ? 39 ARG A O    1 
ATOM 617  C CB   . ARG A 1 39 ? 6.963   -0.622  0.290   1.00 0.34 ? 39 ARG A CB   1 
ATOM 618  C CG   . ARG A 1 39 ? 6.826   -1.133  1.729   1.00 1.11 ? 39 ARG A CG   1 
ATOM 619  C CD   . ARG A 1 39 ? 8.052   -0.714  2.546   1.00 1.11 ? 39 ARG A CD   1 
ATOM 620  N NE   . ARG A 1 39 ? 7.630   -0.370  3.933   1.00 1.90 ? 39 ARG A NE   1 
ATOM 621  C CZ   . ARG A 1 39 ? 8.482   -0.467  4.917   1.00 2.14 ? 39 ARG A CZ   1 
ATOM 622  N NH1  . ARG A 1 39 ? 9.162   -1.567  5.085   1.00 2.75 ? 39 ARG A NH1  1 
ATOM 623  N NH2  . ARG A 1 39 ? 8.654   0.538   5.732   1.00 2.44 ? 39 ARG A NH2  1 
ATOM 624  H H    . ARG A 1 39 ? 4.703   -2.041  -0.214  1.00 0.24 ? 39 ARG A H    1 
ATOM 625  H HA   . ARG A 1 39 ? 5.370   0.821   0.312   1.00 0.29 ? 39 ARG A HA   1 
ATOM 626  H HB2  . ARG A 1 39 ? 7.289   -1.432  -0.349  1.00 0.85 ? 39 ARG A HB2  1 
ATOM 627  H HB3  . ARG A 1 39 ? 7.694   0.173   0.259   1.00 1.20 ? 39 ARG A HB3  1 
ATOM 628  H HG2  . ARG A 1 39 ? 5.936   -0.715  2.176   1.00 1.94 ? 39 ARG A HG2  1 
ATOM 629  H HG3  . ARG A 1 39 ? 6.753   -2.210  1.721   1.00 1.64 ? 39 ARG A HG3  1 
ATOM 630  H HD2  . ARG A 1 39 ? 8.759   -1.530  2.577   1.00 0.77 ? 39 ARG A HD2  1 
ATOM 631  H HD3  . ARG A 1 39 ? 8.515   0.147   2.087   1.00 1.85 ? 39 ARG A HD3  1 
ATOM 632  H HE   . ARG A 1 39 ? 6.713   -0.073  4.107   1.00 2.57 ? 39 ARG A HE   1 
ATOM 633  H HH11 . ARG A 1 39 ? 9.031   -2.339  4.462   1.00 3.14 ? 39 ARG A HH11 1 
ATOM 634  H HH12 . ARG A 1 39 ? 9.815   -1.641  5.839   1.00 3.11 ? 39 ARG A HH12 1 
ATOM 635  H HH21 . ARG A 1 39 ? 8.133   1.381   5.602   1.00 2.66 ? 39 ARG A HH21 1 
ATOM 636  H HH22 . ARG A 1 39 ? 9.307   0.464   6.485   1.00 2.83 ? 39 ARG A HH22 1 
ATOM 637  N N    . PHE A 1 40 ? 5.831   1.429   -2.090  1.00 0.26 ? 40 PHE A N    1 
ATOM 638  C CA   . PHE A 1 40 ? 5.914   1.764   -3.542  1.00 0.29 ? 40 PHE A CA   1 
ATOM 639  C C    . PHE A 1 40 ? 7.128   2.658   -3.842  1.00 0.35 ? 40 PHE A C    1 
ATOM 640  O O    . PHE A 1 40 ? 7.435   2.912   -4.992  1.00 1.26 ? 40 PHE A O    1 
ATOM 641  C CB   . PHE A 1 40 ? 4.639   2.497   -3.954  1.00 0.35 ? 40 PHE A CB   1 
ATOM 642  C CG   . PHE A 1 40 ? 3.446   1.629   -3.649  1.00 0.26 ? 40 PHE A CG   1 
ATOM 643  C CD1  . PHE A 1 40 ? 2.851   1.669   -2.383  1.00 0.32 ? 40 PHE A CD1  1 
ATOM 644  C CD2  . PHE A 1 40 ? 2.934   0.782   -4.636  1.00 0.26 ? 40 PHE A CD2  1 
ATOM 645  C CE1  . PHE A 1 40 ? 1.743   0.860   -2.105  1.00 0.27 ? 40 PHE A CE1  1 
ATOM 646  C CE2  . PHE A 1 40 ? 1.828   -0.026  -4.359  1.00 0.24 ? 40 PHE A CE2  1 
ATOM 647  C CZ   . PHE A 1 40 ? 1.232   0.012   -3.093  1.00 0.17 ? 40 PHE A CZ   1 
ATOM 648  H H    . PHE A 1 40 ? 5.857   2.142   -1.419  1.00 0.34 ? 40 PHE A H    1 
ATOM 649  H HA   . PHE A 1 40 ? 5.996   0.851   -4.114  1.00 0.29 ? 40 PHE A HA   1 
ATOM 650  H HB2  . PHE A 1 40 ? 4.563   3.423   -3.402  1.00 0.42 ? 40 PHE A HB2  1 
ATOM 651  H HB3  . PHE A 1 40 ? 4.669   2.710   -5.012  1.00 0.42 ? 40 PHE A HB3  1 
ATOM 652  H HD1  . PHE A 1 40 ? 3.246   2.323   -1.619  1.00 0.46 ? 40 PHE A HD1  1 
ATOM 653  H HD2  . PHE A 1 40 ? 3.393   0.752   -5.614  1.00 0.37 ? 40 PHE A HD2  1 
ATOM 654  H HE1  . PHE A 1 40 ? 1.281   0.889   -1.127  1.00 0.38 ? 40 PHE A HE1  1 
ATOM 655  H HE2  . PHE A 1 40 ? 1.435   -0.678  -5.120  1.00 0.36 ? 40 PHE A HE2  1 
ATOM 656  H HZ   . PHE A 1 40 ? 0.377   -0.612  -2.881  1.00 0.18 ? 40 PHE A HZ   1 
ATOM 657  N N    . ASN A 1 41 ? 7.812   3.152   -2.833  1.00 1.00 ? 41 ASN A N    1 
ATOM 658  C CA   . ASN A 1 41 ? 8.991   4.039   -3.087  1.00 1.02 ? 41 ASN A CA   1 
ATOM 659  C C    . ASN A 1 41 ? 8.552   5.257   -3.915  1.00 0.78 ? 41 ASN A C    1 
ATOM 660  O O    . ASN A 1 41 ? 9.353   5.885   -4.581  1.00 0.77 ? 41 ASN A O    1 
ATOM 661  C CB   . ASN A 1 41 ? 10.062  3.259   -3.856  1.00 1.20 ? 41 ASN A CB   1 
ATOM 662  C CG   . ASN A 1 41 ? 11.005  2.576   -2.865  1.00 1.51 ? 41 ASN A CG   1 
ATOM 663  O OD1  . ASN A 1 41 ? 11.414  3.172   -1.888  1.00 2.06 ? 41 ASN A OD1  1 
ATOM 664  N ND2  . ASN A 1 41 ? 11.373  1.342   -3.077  1.00 1.86 ? 41 ASN A ND2  1 
ATOM 665  H H    . ASN A 1 41 ? 7.552   2.950   -1.913  1.00 1.81 ? 41 ASN A H    1 
ATOM 666  H HA   . ASN A 1 41 ? 9.398   4.374   -2.144  1.00 1.12 ? 41 ASN A HA   1 
ATOM 667  H HB2  . ASN A 1 41 ? 9.587   2.513   -4.476  1.00 1.27 ? 41 ASN A HB2  1 
ATOM 668  H HB3  . ASN A 1 41 ? 10.625  3.939   -4.477  1.00 1.11 ? 41 ASN A HB3  1 
ATOM 669  H HD21 . ASN A 1 41 ? 11.043  0.861   -3.866  1.00 2.32 ? 41 ASN A HD21 1 
ATOM 670  H HD22 . ASN A 1 41 ? 11.977  0.896   -2.450  1.00 2.03 ? 41 ASN A HD22 1 
ATOM 671  N N    . LYS A 1 42 ? 7.285   5.589   -3.874  1.00 0.89 ? 42 LYS A N    1 
ATOM 672  C CA   . LYS A 1 42 ? 6.780   6.757   -4.652  1.00 0.69 ? 42 LYS A CA   1 
ATOM 673  C C    . LYS A 1 42 ? 6.151   7.761   -3.685  1.00 0.70 ? 42 LYS A C    1 
ATOM 674  O O    . LYS A 1 42 ? 5.431   7.388   -2.777  1.00 1.29 ? 42 LYS A O    1 
ATOM 675  C CB   . LYS A 1 42 ? 5.725   6.277   -5.653  1.00 0.58 ? 42 LYS A CB   1 
ATOM 676  C CG   . LYS A 1 42 ? 5.389   7.399   -6.640  1.00 0.54 ? 42 LYS A CG   1 
ATOM 677  C CD   . LYS A 1 42 ? 6.629   7.743   -7.472  1.00 0.83 ? 42 LYS A CD   1 
ATOM 678  C CE   . LYS A 1 42 ? 6.198   8.198   -8.868  1.00 1.42 ? 42 LYS A CE   1 
ATOM 679  N NZ   . LYS A 1 42 ? 7.270   7.871   -9.849  1.00 2.04 ? 42 LYS A NZ   1 
ATOM 680  H H    . LYS A 1 42 ? 6.660   5.069   -3.330  1.00 1.21 ? 42 LYS A H    1 
ATOM 681  H HA   . LYS A 1 42 ? 7.598   7.225   -5.179  1.00 0.74 ? 42 LYS A HA   1 
ATOM 682  H HB2  . LYS A 1 42 ? 6.108   5.425   -6.195  1.00 0.78 ? 42 LYS A HB2  1 
ATOM 683  H HB3  . LYS A 1 42 ? 4.831   5.991   -5.121  1.00 0.54 ? 42 LYS A HB3  1 
ATOM 684  H HG2  . LYS A 1 42 ? 4.595   7.069   -7.298  1.00 0.54 ? 42 LYS A HG2  1 
ATOM 685  H HG3  . LYS A 1 42 ? 5.067   8.275   -6.098  1.00 0.49 ? 42 LYS A HG3  1 
ATOM 686  H HD2  . LYS A 1 42 ? 7.179   8.536   -6.985  1.00 1.14 ? 42 LYS A HD2  1 
ATOM 687  H HD3  . LYS A 1 42 ? 7.258   6.870   -7.558  1.00 1.21 ? 42 LYS A HD3  1 
ATOM 688  H HE2  . LYS A 1 42 ? 5.287   7.691   -9.147  1.00 1.81 ? 42 LYS A HE2  1 
ATOM 689  H HE3  . LYS A 1 42 ? 6.029   9.265   -8.862  1.00 1.96 ? 42 LYS A HE3  1 
ATOM 690  H HZ1  . LYS A 1 42 ? 8.180   8.242   -9.505  1.00 2.48 ? 42 LYS A HZ1  1 
ATOM 691  H HZ2  . LYS A 1 42 ? 7.336   6.838   -9.959  1.00 2.38 ? 42 LYS A HZ2  1 
ATOM 692  H HZ3  . LYS A 1 42 ? 7.044   8.301   -10.767 1.00 2.48 ? 42 LYS A HZ3  1 
ATOM 693  N N    . VAL A 1 43 ? 6.425   9.028   -3.865  1.00 0.79 ? 43 VAL A N    1 
ATOM 694  C CA   . VAL A 1 43 ? 5.850   10.057  -2.950  1.00 0.77 ? 43 VAL A CA   1 
ATOM 695  C C    . VAL A 1 43 ? 4.796   10.875  -3.697  1.00 0.83 ? 43 VAL A C    1 
ATOM 696  O O    . VAL A 1 43 ? 4.891   11.084  -4.892  1.00 1.08 ? 43 VAL A O    1 
ATOM 697  C CB   . VAL A 1 43 ? 6.964   10.984  -2.460  1.00 1.03 ? 43 VAL A CB   1 
ATOM 698  C CG1  . VAL A 1 43 ? 6.409   11.927  -1.391  1.00 1.10 ? 43 VAL A CG1  1 
ATOM 699  C CG2  . VAL A 1 43 ? 8.100   10.148  -1.866  1.00 1.23 ? 43 VAL A CG2  1 
ATOM 700  H H    . VAL A 1 43 ? 7.013   9.300   -4.599  1.00 1.31 ? 43 VAL A H    1 
ATOM 701  H HA   . VAL A 1 43 ? 5.393   9.566   -2.102  1.00 0.73 ? 43 VAL A HA   1 
ATOM 702  H HB   . VAL A 1 43 ? 7.339   11.565  -3.292  1.00 1.14 ? 43 VAL A HB   1 
ATOM 703  H HG11 . VAL A 1 43 ? 5.623   11.428  -0.844  1.00 1.54 ? 43 VAL A HG11 1 
ATOM 704  H HG12 . VAL A 1 43 ? 7.201   12.205  -0.711  1.00 1.54 ? 43 VAL A HG12 1 
ATOM 705  H HG13 . VAL A 1 43 ? 6.012   12.813  -1.863  1.00 1.47 ? 43 VAL A HG13 1 
ATOM 706  H HG21 . VAL A 1 43 ? 7.714   9.192   -1.543  1.00 1.54 ? 43 VAL A HG21 1 
ATOM 707  H HG22 . VAL A 1 43 ? 8.863   9.993   -2.614  1.00 1.68 ? 43 VAL A HG22 1 
ATOM 708  H HG23 . VAL A 1 43 ? 8.526   10.667  -1.019  1.00 1.70 ? 43 VAL A HG23 1 
ATOM 709  N N    . ASN A 1 44 ? 3.793   11.343  -2.997  1.00 0.88 ? 44 ASN A N    1 
ATOM 710  C CA   . ASN A 1 44 ? 2.727   12.153  -3.656  1.00 1.13 ? 44 ASN A CA   1 
ATOM 711  C C    . ASN A 1 44 ? 2.536   13.463  -2.883  1.00 1.38 ? 44 ASN A C    1 
ATOM 712  O O    . ASN A 1 44 ? 1.519   13.683  -2.250  1.00 1.73 ? 44 ASN A O    1 
ATOM 713  C CB   . ASN A 1 44 ? 1.417   11.360  -3.665  1.00 1.29 ? 44 ASN A CB   1 
ATOM 714  C CG   . ASN A 1 44 ? 0.465   11.959  -4.703  1.00 1.61 ? 44 ASN A CG   1 
ATOM 715  O OD1  . ASN A 1 44 ? 0.551   13.128  -5.021  1.00 2.05 ? 44 ASN A OD1  1 
ATOM 716  N ND2  . ASN A 1 44 ? -0.447  11.200  -5.248  1.00 1.89 ? 44 ASN A ND2  1 
ATOM 717  H H    . ASN A 1 44 ? 3.743   11.161  -2.037  1.00 0.93 ? 44 ASN A H    1 
ATOM 718  H HA   . ASN A 1 44 ? 3.020   12.376  -4.671  1.00 1.20 ? 44 ASN A HA   1 
ATOM 719  H HB2  . ASN A 1 44 ? 1.622   10.330  -3.917  1.00 1.20 ? 44 ASN A HB2  1 
ATOM 720  H HB3  . ASN A 1 44 ? 0.958   11.409  -2.690  1.00 1.43 ? 44 ASN A HB3  1 
ATOM 721  H HD21 . ASN A 1 44 ? -0.516  10.257  -4.992  1.00 2.18 ? 44 ASN A HD21 1 
ATOM 722  H HD22 . ASN A 1 44 ? -1.061  11.574  -5.914  1.00 2.11 ? 44 ASN A HD22 1 
ATOM 723  N N    . TYR A 1 45 ? 3.513   14.332  -2.929  1.00 1.58 ? 45 TYR A N    1 
ATOM 724  C CA   . TYR A 1 45 ? 3.404   15.630  -2.201  1.00 1.86 ? 45 TYR A CA   1 
ATOM 725  C C    . TYR A 1 45 ? 2.267   16.459  -2.800  1.00 2.22 ? 45 TYR A C    1 
ATOM 726  O O    . TYR A 1 45 ? 2.316   16.855  -3.950  1.00 2.52 ? 45 TYR A O    1 
ATOM 727  C CB   . TYR A 1 45 ? 4.721   16.400  -2.331  1.00 2.01 ? 45 TYR A CB   1 
ATOM 728  C CG   . TYR A 1 45 ? 5.756   15.786  -1.420  1.00 1.88 ? 45 TYR A CG   1 
ATOM 729  C CD1  . TYR A 1 45 ? 5.591   15.847  -0.031  1.00 1.96 ? 45 TYR A CD1  1 
ATOM 730  C CD2  . TYR A 1 45 ? 6.882   15.155  -1.963  1.00 2.01 ? 45 TYR A CD2  1 
ATOM 731  C CE1  . TYR A 1 45 ? 6.551   15.277  0.814   1.00 2.09 ? 45 TYR A CE1  1 
ATOM 732  C CE2  . TYR A 1 45 ? 7.842   14.586  -1.118  1.00 2.11 ? 45 TYR A CE2  1 
ATOM 733  C CZ   . TYR A 1 45 ? 7.677   14.648  0.270   1.00 2.11 ? 45 TYR A CZ   1 
ATOM 734  O OH   . TYR A 1 45 ? 8.623   14.087  1.105   1.00 2.41 ? 45 TYR A OH   1 
ATOM 735  H H    . TYR A 1 45 ? 4.322   14.129  -3.443  1.00 1.76 ? 45 TYR A H    1 
ATOM 736  H HA   . TYR A 1 45 ? 3.201   15.441  -1.157  1.00 1.84 ? 45 TYR A HA   1 
ATOM 737  H HB2  . TYR A 1 45 ? 5.065   16.350  -3.354  1.00 2.14 ? 45 TYR A HB2  1 
ATOM 738  H HB3  . TYR A 1 45 ? 4.564   17.432  -2.054  1.00 2.26 ? 45 TYR A HB3  1 
ATOM 739  H HD1  . TYR A 1 45 ? 4.723   16.334  0.389   1.00 2.13 ? 45 TYR A HD1  1 
ATOM 740  H HD2  . TYR A 1 45 ? 7.009   15.107  -3.034  1.00 2.24 ? 45 TYR A HD2  1 
ATOM 741  H HE1  . TYR A 1 45 ? 6.423   15.326  1.886   1.00 2.36 ? 45 TYR A HE1  1 
ATOM 742  H HE2  . TYR A 1 45 ? 8.710   14.099  -1.538  1.00 2.38 ? 45 TYR A HE2  1 
ATOM 743  H HH   . TYR A 1 45 ? 8.709   13.159  0.872   1.00 2.69 ? 45 TYR A HH   1 
ATOM 744  N N    . ASN A 1 46 ? 1.245   16.723  -2.027  1.00 2.70 ? 46 ASN A N    1 
ATOM 745  C CA   . ASN A 1 46 ? 0.097   17.526  -2.542  1.00 3.13 ? 46 ASN A CA   1 
ATOM 746  C C    . ASN A 1 46 ? -0.364  18.505  -1.460  1.00 3.54 ? 46 ASN A C    1 
ATOM 747  O O    . ASN A 1 46 ? -1.528  18.848  -1.377  1.00 4.01 ? 46 ASN A O    1 
ATOM 748  C CB   . ASN A 1 46 ? -1.057  16.589  -2.907  1.00 3.48 ? 46 ASN A CB   1 
ATOM 749  C CG   . ASN A 1 46 ? -1.927  17.246  -3.983  1.00 3.78 ? 46 ASN A CG   1 
ATOM 750  O OD1  . ASN A 1 46 ? -1.426  17.682  -5.001  1.00 4.16 ? 46 ASN A OD1  1 
ATOM 751  N ND2  . ASN A 1 46 ? -3.215  17.334  -3.799  1.00 4.14 ? 46 ASN A ND2  1 
ATOM 752  H H    . ASN A 1 46 ? 1.233   16.391  -1.105  1.00 3.03 ? 46 ASN A H    1 
ATOM 753  H HA   . ASN A 1 46 ? 0.407   18.076  -3.418  1.00 3.22 ? 46 ASN A HA   1 
ATOM 754  H HB2  . ASN A 1 46 ? -0.660  15.658  -3.283  1.00 3.71 ? 46 ASN A HB2  1 
ATOM 755  H HB3  . ASN A 1 46 ? -1.657  16.398  -2.030  1.00 3.83 ? 46 ASN A HB3  1 
ATOM 756  H HD21 . ASN A 1 46 ? -3.618  16.982  -2.977  1.00 4.21 ? 46 ASN A HD21 1 
ATOM 757  H HD22 . ASN A 1 46 ? -3.780  17.753  -4.482  1.00 4.62 ? 46 ASN A HD22 1 
ATOM 758  N N    . GLY A 1 47 ? 0.544   18.958  -0.633  1.00 3.81 ? 47 GLY A N    1 
ATOM 759  C CA   . GLY A 1 47 ? 0.169   19.916  0.448   1.00 4.47 ? 47 GLY A CA   1 
ATOM 760  C C    . GLY A 1 47 ? 1.053   19.675  1.673   1.00 4.67 ? 47 GLY A C    1 
ATOM 761  O O    . GLY A 1 47 ? 0.580   19.275  2.720   1.00 5.33 ? 47 GLY A O    1 
ATOM 762  H H    . GLY A 1 47 ? 1.475   18.664  -0.723  1.00 3.86 ? 47 GLY A H    1 
ATOM 763  H HA2  . GLY A 1 47 ? 0.309   20.928  0.094   1.00 4.70 ? 47 GLY A HA2  1 
ATOM 764  H HA3  . GLY A 1 47 ? -0.864  19.768  0.719   1.00 4.81 ? 47 GLY A HA3  1 
ATOM 765  N N    . PHE A 1 48 ? 2.333   19.919  1.548   1.00 4.36 ? 48 PHE A N    1 
ATOM 766  C CA   . PHE A 1 48 ? 3.259   19.706  2.699   1.00 4.72 ? 48 PHE A CA   1 
ATOM 767  C C    . PHE A 1 48 ? 3.725   21.062  3.238   1.00 5.03 ? 48 PHE A C    1 
ATOM 768  O O    . PHE A 1 48 ? 3.817   22.030  2.506   1.00 5.09 ? 48 PHE A O    1 
ATOM 769  C CB   . PHE A 1 48 ? 4.473   18.894  2.239   1.00 4.48 ? 48 PHE A CB   1 
ATOM 770  C CG   . PHE A 1 48 ? 5.109   19.564  1.045   1.00 4.07 ? 48 PHE A CG   1 
ATOM 771  C CD1  . PHE A 1 48 ? 6.063   20.572  1.233   1.00 4.36 ? 48 PHE A CD1  1 
ATOM 772  C CD2  . PHE A 1 48 ? 4.746   19.178  -0.251  1.00 3.80 ? 48 PHE A CD2  1 
ATOM 773  C CE1  . PHE A 1 48 ? 6.653   21.193  0.125   1.00 4.58 ? 48 PHE A CE1  1 
ATOM 774  C CE2  . PHE A 1 48 ? 5.335   19.799  -1.358  1.00 3.95 ? 48 PHE A CE2  1 
ATOM 775  C CZ   . PHE A 1 48 ? 6.289   20.806  -1.170  1.00 4.44 ? 48 PHE A CZ   1 
ATOM 776  H H    . PHE A 1 48 ? 2.687   20.241  0.693   1.00 4.10 ? 48 PHE A H    1 
ATOM 777  H HA   . PHE A 1 48 ? 2.742   19.169  3.481   1.00 5.27 ? 48 PHE A HA   1 
ATOM 778  H HB2  . PHE A 1 48 ? 5.191   18.835  3.044   1.00 4.84 ? 48 PHE A HB2  1 
ATOM 779  H HB3  . PHE A 1 48 ? 4.156   17.899  1.966   1.00 4.61 ? 48 PHE A HB3  1 
ATOM 780  H HD1  . PHE A 1 48 ? 6.343   20.870  2.233   1.00 4.68 ? 48 PHE A HD1  1 
ATOM 781  H HD2  . PHE A 1 48 ? 4.009   18.401  -0.397  1.00 3.80 ? 48 PHE A HD2  1 
ATOM 782  H HE1  . PHE A 1 48 ? 7.389   21.970  0.270   1.00 5.10 ? 48 PHE A HE1  1 
ATOM 783  H HE2  . PHE A 1 48 ? 5.054   19.502  -2.358  1.00 4.00 ? 48 PHE A HE2  1 
ATOM 784  H HZ   . PHE A 1 48 ? 6.744   21.286  -2.024  1.00 4.93 ? 48 PHE A HZ   1 
ATOM 785  N N    . SER A 1 49 ? 4.018   21.135  4.510   1.00 5.59 ? 49 SER A N    1 
ATOM 786  C CA   . SER A 1 49 ? 4.479   22.423  5.107   1.00 6.16 ? 49 SER A CA   1 
ATOM 787  C C    . SER A 1 49 ? 4.833   22.206  6.580   1.00 6.33 ? 49 SER A C    1 
ATOM 788  O O    . SER A 1 49 ? 4.029   21.720  7.353   1.00 6.83 ? 49 SER A O    1 
ATOM 789  C CB   . SER A 1 49 ? 3.364   23.463  4.997   1.00 6.83 ? 49 SER A CB   1 
ATOM 790  O OG   . SER A 1 49 ? 3.496   24.164  3.767   1.00 7.18 ? 49 SER A OG   1 
ATOM 791  H H    . SER A 1 49 ? 3.935   20.338  5.077   1.00 5.82 ? 49 SER A H    1 
ATOM 792  H HA   . SER A 1 49 ? 5.352   22.773  4.575   1.00 6.27 ? 49 SER A HA   1 
ATOM 793  H HB2  . SER A 1 49 ? 2.406   22.972  5.024   1.00 7.06 ? 49 SER A HB2  1 
ATOM 794  H HB3  . SER A 1 49 ? 3.436   24.154  5.826   1.00 7.11 ? 49 SER A HB3  1 
ATOM 795  H HG   . SER A 1 49 ? 3.942   24.995  3.946   1.00 7.60 ? 49 SER A HG   1 
ATOM 796  N N    . GLY A 1 50 ? 6.030   22.564  6.970   1.00 6.17 ? 50 GLY A N    1 
ATOM 797  C CA   . GLY A 1 50 ? 6.445   22.383  8.392   1.00 6.51 ? 50 GLY A CA   1 
ATOM 798  C C    . GLY A 1 50 ? 6.937   20.952  8.603   1.00 6.19 ? 50 GLY A C    1 
ATOM 799  O O    . GLY A 1 50 ? 8.078   20.632  8.323   1.00 6.37 ? 50 GLY A O    1 
ATOM 800  H H    . GLY A 1 50 ? 6.657   22.954  6.324   1.00 6.01 ? 50 GLY A H    1 
ATOM 801  H HA2  . GLY A 1 50 ? 7.239   23.079  8.625   1.00 6.87 ? 50 GLY A HA2  1 
ATOM 802  H HA3  . GLY A 1 50 ? 5.601   22.570  9.040   1.00 6.87 ? 50 GLY A HA3  1 
ATOM 803  N N    . SER A 1 51 ? 6.085   20.088  9.096   1.00 6.03 ? 51 SER A N    1 
ATOM 804  C CA   . SER A 1 51 ? 6.494   18.673  9.331   1.00 5.96 ? 51 SER A CA   1 
ATOM 805  C C    . SER A 1 51 ? 6.523   17.923  7.997   1.00 5.30 ? 51 SER A C    1 
ATOM 806  O O    . SER A 1 51 ? 5.573   17.958  7.238   1.00 5.42 ? 51 SER A O    1 
ATOM 807  C CB   . SER A 1 51 ? 5.493   18.002  10.272  1.00 6.61 ? 51 SER A CB   1 
ATOM 808  O OG   . SER A 1 51 ? 5.385   18.768  11.465  1.00 7.20 ? 51 SER A OG   1 
ATOM 809  H H    . SER A 1 51 ? 5.173   20.375  9.312   1.00 6.17 ? 51 SER A H    1 
ATOM 810  H HA   . SER A 1 51 ? 7.478   18.652  9.776   1.00 6.23 ? 51 SER A HA   1 
ATOM 811  H HB2  . SER A 1 51 ? 4.529   17.949  9.797   1.00 6.98 ? 51 SER A HB2  1 
ATOM 812  H HB3  . SER A 1 51 ? 5.834   17.002  10.504  1.00 6.55 ? 51 SER A HB3  1 
ATOM 813  H HG   . SER A 1 51 ? 5.791   18.268  12.176  1.00 7.51 ? 51 SER A HG   1 
ATOM 814  N N    . ALA A 1 52 ? 7.605   17.246  7.712   1.00 4.94 ? 52 ALA A N    1 
ATOM 815  C CA   . ALA A 1 52 ? 7.706   16.489  6.430   1.00 4.61 ? 52 ALA A CA   1 
ATOM 816  C C    . ALA A 1 52 ? 6.720   15.318  6.450   1.00 4.20 ? 52 ALA A C    1 
ATOM 817  O O    . ALA A 1 52 ? 6.965   14.301  7.071   1.00 4.64 ? 52 ALA A O    1 
ATOM 818  C CB   . ALA A 1 52 ? 9.129   15.954  6.262   1.00 5.08 ? 52 ALA A CB   1 
ATOM 819  H H    . ALA A 1 52 ? 8.355   17.236  8.343   1.00 5.14 ? 52 ALA A H    1 
ATOM 820  H HA   . ALA A 1 52 ? 7.468   17.144  5.605   1.00 4.79 ? 52 ALA A HA   1 
ATOM 821  H HB1  . ALA A 1 52 ? 9.826   16.632  6.732   1.00 5.25 ? 52 ALA A HB1  1 
ATOM 822  H HB2  . ALA A 1 52 ? 9.205   14.983  6.727   1.00 5.56 ? 52 ALA A HB2  1 
ATOM 823  H HB3  . ALA A 1 52 ? 9.362   15.869  5.212   1.00 5.20 ? 52 ALA A HB3  1 
ATOM 824  N N    . GLY A 1 53 ? 5.608   15.457  5.774   1.00 3.82 ? 53 GLY A N    1 
ATOM 825  C CA   . GLY A 1 53 ? 4.598   14.359  5.749   1.00 3.86 ? 53 GLY A CA   1 
ATOM 826  C C    . GLY A 1 53 ? 5.171   13.156  4.996   1.00 3.07 ? 53 GLY A C    1 
ATOM 827  O O    . GLY A 1 53 ? 5.820   12.304  5.573   1.00 3.08 ? 53 GLY A O    1 
ATOM 828  H H    . GLY A 1 53 ? 5.436   16.289  5.284   1.00 3.86 ? 53 GLY A H    1 
ATOM 829  H HA2  . GLY A 1 53 ? 4.356   14.069  6.762   1.00 4.43 ? 53 GLY A HA2  1 
ATOM 830  H HA3  . GLY A 1 53 ? 3.705   14.701  5.248   1.00 4.28 ? 53 GLY A HA3  1 
ATOM 831  N N    . GLY A 1 54 ? 4.932   13.082  3.711   1.00 2.85 ? 54 GLY A N    1 
ATOM 832  C CA   . GLY A 1 54 ? 5.456   11.937  2.911   1.00 2.20 ? 54 GLY A CA   1 
ATOM 833  C C    . GLY A 1 54 ? 4.654   10.676  3.235   1.00 1.94 ? 54 GLY A C    1 
ATOM 834  O O    . GLY A 1 54 ? 4.285   10.440  4.371   1.00 2.27 ? 54 GLY A O    1 
ATOM 835  H H    . GLY A 1 54 ? 4.404   13.782  3.272   1.00 3.39 ? 54 GLY A H    1 
ATOM 836  H HA2  . GLY A 1 54 ? 5.365   12.163  1.857   1.00 2.43 ? 54 GLY A HA2  1 
ATOM 837  H HA3  . GLY A 1 54 ? 6.495   11.771  3.156   1.00 2.01 ? 54 GLY A HA3  1 
ATOM 838  N N    . LEU A 1 55 ? 4.380   9.865   2.245   1.00 1.64 ? 55 LEU A N    1 
ATOM 839  C CA   . LEU A 1 55 ? 3.601   8.615   2.485   1.00 1.42 ? 55 LEU A CA   1 
ATOM 840  C C    . LEU A 1 55 ? 4.479   7.399   2.177   1.00 1.06 ? 55 LEU A C    1 
ATOM 841  O O    . LEU A 1 55 ? 4.969   6.732   3.067   1.00 1.72 ? 55 LEU A O    1 
ATOM 842  C CB   . LEU A 1 55 ? 2.371   8.599   1.572   1.00 1.61 ? 55 LEU A CB   1 
ATOM 843  C CG   . LEU A 1 55 ? 1.290   9.518   2.141   1.00 2.34 ? 55 LEU A CG   1 
ATOM 844  C CD1  . LEU A 1 55 ? 1.763   10.970  2.069   1.00 2.85 ? 55 LEU A CD1  1 
ATOM 845  C CD2  . LEU A 1 55 ? 0.009   9.360   1.318   1.00 2.73 ? 55 LEU A CD2  1 
ATOM 846  H H    . LEU A 1 55 ? 4.689   10.081  1.340   1.00 1.79 ? 55 LEU A H    1 
ATOM 847  H HA   . LEU A 1 55 ? 3.286   8.580   3.516   1.00 1.73 ? 55 LEU A HA   1 
ATOM 848  H HB2  . LEU A 1 55 ? 2.650   8.940   0.585   1.00 1.63 ? 55 LEU A HB2  1 
ATOM 849  H HB3  . LEU A 1 55 ? 1.985   7.591   1.506   1.00 1.54 ? 55 LEU A HB3  1 
ATOM 850  H HG   . LEU A 1 55 ? 1.095   9.252   3.170   1.00 2.62 ? 55 LEU A HG   1 
ATOM 851  H HD11 . LEU A 1 55 ? 2.477   11.076  1.265   1.00 3.20 ? 55 LEU A HD11 1 
ATOM 852  H HD12 . LEU A 1 55 ? 0.917   11.617  1.888   1.00 3.23 ? 55 LEU A HD12 1 
ATOM 853  H HD13 . LEU A 1 55 ? 2.231   11.243  3.004   1.00 3.13 ? 55 LEU A HD13 1 
ATOM 854  H HD21 . LEU A 1 55 ? -0.208  8.310   1.187   1.00 2.93 ? 55 LEU A HD21 1 
ATOM 855  H HD22 . LEU A 1 55 ? -0.812  9.834   1.834   1.00 2.91 ? 55 LEU A HD22 1 
ATOM 856  H HD23 . LEU A 1 55 ? 0.143   9.822   0.351   1.00 3.26 ? 55 LEU A HD23 1 
ATOM 857  N N    . ASN A 1 56 ? 4.677   7.106   0.912   1.00 0.56 ? 56 ASN A N    1 
ATOM 858  C CA   . ASN A 1 56 ? 5.521   5.931   0.516   1.00 0.87 ? 56 ASN A CA   1 
ATOM 859  C C    . ASN A 1 56 ? 4.840   4.615   0.932   1.00 0.78 ? 56 ASN A C    1 
ATOM 860  O O    . ASN A 1 56 ? 5.444   3.560   0.870   1.00 1.24 ? 56 ASN A O    1 
ATOM 861  C CB   . ASN A 1 56 ? 6.904   6.019   1.179   1.00 1.52 ? 56 ASN A CB   1 
ATOM 862  C CG   . ASN A 1 56 ? 7.475   7.436   1.038   1.00 1.70 ? 56 ASN A CG   1 
ATOM 863  O OD1  . ASN A 1 56 ? 6.925   8.261   0.333   1.00 1.90 ? 56 ASN A OD1  1 
ATOM 864  N ND2  . ASN A 1 56 ? 8.563   7.754   1.685   1.00 2.20 ? 56 ASN A ND2  1 
ATOM 865  H H    . ASN A 1 56 ? 4.268   7.662   0.218   1.00 0.84 ? 56 ASN A H    1 
ATOM 866  H HA   . ASN A 1 56 ? 5.645   5.937   -0.557  1.00 1.12 ? 56 ASN A HA   1 
ATOM 867  H HB2  . ASN A 1 56 ? 6.816   5.771   2.228   1.00 1.66 ? 56 ASN A HB2  1 
ATOM 868  H HB3  . ASN A 1 56 ? 7.571   5.319   0.701   1.00 1.90 ? 56 ASN A HB3  1 
ATOM 869  H HD21 . ASN A 1 56 ? 9.006   7.091   2.253   1.00 2.68 ? 56 ASN A HD21 1 
ATOM 870  H HD22 . ASN A 1 56 ? 8.936   8.656   1.601   1.00 2.34 ? 56 ASN A HD22 1 
ATOM 871  N N    . THR A 1 57 ? 3.590   4.660   1.338   1.00 0.38 ? 57 THR A N    1 
ATOM 872  C CA   . THR A 1 57 ? 2.875   3.411   1.740   1.00 0.25 ? 57 THR A CA   1 
ATOM 873  C C    . THR A 1 57 ? 1.372   3.627   1.563   1.00 0.21 ? 57 THR A C    1 
ATOM 874  O O    . THR A 1 57 ? 0.825   4.614   2.020   1.00 0.31 ? 57 THR A O    1 
ATOM 875  C CB   . THR A 1 57 ? 3.172   3.082   3.210   1.00 0.31 ? 57 THR A CB   1 
ATOM 876  O OG1  . THR A 1 57 ? 2.664   4.120   4.037   1.00 0.46 ? 57 THR A OG1  1 
ATOM 877  C CG2  . THR A 1 57 ? 4.680   2.955   3.419   1.00 0.47 ? 57 THR A CG2  1 
ATOM 878  H H    . THR A 1 57 ? 3.114   5.513   1.368   1.00 0.56 ? 57 THR A H    1 
ATOM 879  H HA   . THR A 1 57 ? 3.199   2.596   1.113   1.00 0.31 ? 57 THR A HA   1 
ATOM 880  H HB   . THR A 1 57 ? 2.696   2.145   3.475   1.00 0.42 ? 57 THR A HB   1 
ATOM 881  H HG1  . THR A 1 57 ? 2.152   3.715   4.741   1.00 0.84 ? 57 THR A HG1  1 
ATOM 882  H HG21 . THR A 1 57 ? 5.090   2.280   2.682   1.00 1.13 ? 57 THR A HG21 1 
ATOM 883  H HG22 . THR A 1 57 ? 5.142   3.925   3.316   1.00 1.11 ? 57 THR A HG22 1 
ATOM 884  H HG23 . THR A 1 57 ? 4.875   2.567   4.409   1.00 1.14 ? 57 THR A HG23 1 
ATOM 885  N N    . ASN A 1 58 ? 0.703   2.719   0.901   1.00 0.20 ? 58 ASN A N    1 
ATOM 886  C CA   . ASN A 1 58 ? -0.767  2.876   0.691   1.00 0.20 ? 58 ASN A CA   1 
ATOM 887  C C    . ASN A 1 58 ? -1.514  1.726   1.370   1.00 0.20 ? 58 ASN A C    1 
ATOM 888  O O    . ASN A 1 58 ? -1.131  0.576   1.265   1.00 0.42 ? 58 ASN A O    1 
ATOM 889  C CB   . ASN A 1 58 ? -1.079  2.882   -0.812  1.00 0.23 ? 58 ASN A CB   1 
ATOM 890  C CG   . ASN A 1 58 ? -1.457  4.300   -1.258  1.00 0.71 ? 58 ASN A CG   1 
ATOM 891  O OD1  . ASN A 1 58 ? -0.980  5.270   -0.703  1.00 1.57 ? 58 ASN A OD1  1 
ATOM 892  N ND2  . ASN A 1 58 ? -2.300  4.458   -2.242  1.00 1.31 ? 58 ASN A ND2  1 
ATOM 893  H H    . ASN A 1 58 ? 1.166   1.934   0.543   1.00 0.29 ? 58 ASN A H    1 
ATOM 894  H HA   . ASN A 1 58 ? -1.083  3.807   1.124   1.00 0.24 ? 58 ASN A HA   1 
ATOM 895  H HB2  . ASN A 1 58 ? -0.211  2.552   -1.361  1.00 0.51 ? 58 ASN A HB2  1 
ATOM 896  H HB3  . ASN A 1 58 ? -1.905  2.219   -1.012  1.00 0.53 ? 58 ASN A HB3  1 
ATOM 897  H HD21 . ASN A 1 58 ? -2.684  3.675   -2.687  1.00 1.94 ? 58 ASN A HD21 1 
ATOM 898  H HD22 . ASN A 1 58 ? -2.548  5.359   -2.533  1.00 1.57 ? 58 ASN A HD22 1 
ATOM 899  N N    . ASN A 1 59 ? -2.580  2.034   2.064   1.00 0.20 ? 59 ASN A N    1 
ATOM 900  C CA   . ASN A 1 59 ? -3.366  0.971   2.755   1.00 0.19 ? 59 ASN A CA   1 
ATOM 901  C C    . ASN A 1 59 ? -4.124  0.145   1.714   1.00 0.18 ? 59 ASN A C    1 
ATOM 902  O O    . ASN A 1 59 ? -4.528  0.653   0.686   1.00 0.32 ? 59 ASN A O    1 
ATOM 903  C CB   . ASN A 1 59 ? -4.366  1.619   3.715   1.00 0.23 ? 59 ASN A CB   1 
ATOM 904  C CG   . ASN A 1 59 ? -3.609  2.404   4.787   1.00 1.11 ? 59 ASN A CG   1 
ATOM 905  O OD1  . ASN A 1 59 ? -3.036  3.440   4.509   1.00 2.07 ? 59 ASN A OD1  1 
ATOM 906  N ND2  . ASN A 1 59 ? -3.580  1.953   6.012   1.00 1.61 ? 59 ASN A ND2  1 
ATOM 907  H H    . ASN A 1 59 ? -2.865  2.969   2.129   1.00 0.38 ? 59 ASN A H    1 
ATOM 908  H HA   . ASN A 1 59 ? -2.698  0.329   3.308   1.00 0.21 ? 59 ASN A HA   1 
ATOM 909  H HB2  . ASN A 1 59 ? -5.010  2.289   3.164   1.00 0.93 ? 59 ASN A HB2  1 
ATOM 910  H HB3  . ASN A 1 59 ? -4.961  0.852   4.186   1.00 0.80 ? 59 ASN A HB3  1 
ATOM 911  H HD21 . ASN A 1 59 ? -4.042  1.118   6.236   1.00 1.86 ? 59 ASN A HD21 1 
ATOM 912  H HD22 . ASN A 1 59 ? -3.098  2.449   6.705   1.00 2.22 ? 59 ASN A HD22 1 
ATOM 913  N N    . PHE A 1 60 ? -4.323  -1.121  1.980   1.00 0.14 ? 60 PHE A N    1 
ATOM 914  C CA   . PHE A 1 60 ? -5.060  -1.992  1.019   1.00 0.11 ? 60 PHE A CA   1 
ATOM 915  C C    . PHE A 1 60 ? -5.621  -3.203  1.765   1.00 0.11 ? 60 PHE A C    1 
ATOM 916  O O    . PHE A 1 60 ? -5.000  -3.728  2.673   1.00 0.17 ? 60 PHE A O    1 
ATOM 917  C CB   . PHE A 1 60 ? -4.106  -2.472  -0.080  1.00 0.14 ? 60 PHE A CB   1 
ATOM 918  C CG   . PHE A 1 60 ? -3.841  -1.343  -1.047  1.00 0.12 ? 60 PHE A CG   1 
ATOM 919  C CD1  . PHE A 1 60 ? -4.912  -0.689  -1.671  1.00 0.16 ? 60 PHE A CD1  1 
ATOM 920  C CD2  . PHE A 1 60 ? -2.527  -0.946  -1.314  1.00 0.14 ? 60 PHE A CD2  1 
ATOM 921  C CE1  . PHE A 1 60 ? -4.666  0.362   -2.563  1.00 0.17 ? 60 PHE A CE1  1 
ATOM 922  C CE2  . PHE A 1 60 ? -2.281  0.104   -2.207  1.00 0.16 ? 60 PHE A CE2  1 
ATOM 923  C CZ   . PHE A 1 60 ? -3.351  0.759   -2.830  1.00 0.16 ? 60 PHE A CZ   1 
ATOM 924  H H    . PHE A 1 60 ? -3.997  -1.497  2.821   1.00 0.24 ? 60 PHE A H    1 
ATOM 925  H HA   . PHE A 1 60 ? -5.869  -1.435  0.575   1.00 0.11 ? 60 PHE A HA   1 
ATOM 926  H HB2  . PHE A 1 60 ? -3.175  -2.790  0.366   1.00 0.17 ? 60 PHE A HB2  1 
ATOM 927  H HB3  . PHE A 1 60 ? -4.553  -3.299  -0.608  1.00 0.19 ? 60 PHE A HB3  1 
ATOM 928  H HD1  . PHE A 1 60 ? -5.926  -0.995  -1.464  1.00 0.20 ? 60 PHE A HD1  1 
ATOM 929  H HD2  . PHE A 1 60 ? -1.702  -1.450  -0.834  1.00 0.18 ? 60 PHE A HD2  1 
ATOM 930  H HE1  . PHE A 1 60 ? -5.490  0.867   -3.044  1.00 0.23 ? 60 PHE A HE1  1 
ATOM 931  H HE2  . PHE A 1 60 ? -1.267  0.410   -2.412  1.00 0.21 ? 60 PHE A HE2  1 
ATOM 932  H HZ   . PHE A 1 60 ? -3.159  1.570   -3.519  1.00 0.19 ? 60 PHE A HZ   1 
ATOM 933  N N    . ALA A 1 61 ? -6.789  -3.651  1.386   1.00 0.10 ? 61 ALA A N    1 
ATOM 934  C CA   . ALA A 1 61 ? -7.399  -4.833  2.061   1.00 0.12 ? 61 ALA A CA   1 
ATOM 935  C C    . ALA A 1 61 ? -6.749  -6.106  1.514   1.00 0.13 ? 61 ALA A C    1 
ATOM 936  O O    . ALA A 1 61 ? -6.098  -6.085  0.486   1.00 0.17 ? 61 ALA A O    1 
ATOM 937  C CB   . ALA A 1 61 ? -8.902  -4.865  1.778   1.00 0.15 ? 61 ALA A CB   1 
ATOM 938  H H    . ALA A 1 61 ? -7.266  -3.208  0.652   1.00 0.13 ? 61 ALA A H    1 
ATOM 939  H HA   . ALA A 1 61 ? -7.230  -4.769  3.126   1.00 0.14 ? 61 ALA A HA   1 
ATOM 940  H HB1  . ALA A 1 61 ? -9.074  -4.691  0.726   1.00 0.99 ? 61 ALA A HB1  1 
ATOM 941  H HB2  . ALA A 1 61 ? -9.299  -5.832  2.051   1.00 1.01 ? 61 ALA A HB2  1 
ATOM 942  H HB3  . ALA A 1 61 ? -9.394  -4.097  2.354   1.00 0.99 ? 61 ALA A HB3  1 
ATOM 943  N N    . GLU A 1 62 ? -6.923  -7.212  2.191   1.00 0.13 ? 62 GLU A N    1 
ATOM 944  C CA   . GLU A 1 62 ? -6.316  -8.492  1.713   1.00 0.16 ? 62 GLU A CA   1 
ATOM 945  C C    . GLU A 1 62 ? -6.886  -8.848  0.337   1.00 0.15 ? 62 GLU A C    1 
ATOM 946  O O    . GLU A 1 62 ? -6.155  -9.166  -0.584  1.00 0.17 ? 62 GLU A O    1 
ATOM 947  C CB   . GLU A 1 62 ? -6.639  -9.611  2.704   1.00 0.19 ? 62 GLU A CB   1 
ATOM 948  C CG   . GLU A 1 62 ? -6.205  -9.191  4.110   1.00 0.24 ? 62 GLU A CG   1 
ATOM 949  C CD   . GLU A 1 62 ? -6.184  -10.417 5.025   1.00 0.94 ? 62 GLU A CD   1 
ATOM 950  O OE1  . GLU A 1 62 ? -7.249  -10.941 5.306   1.00 1.62 ? 62 GLU A OE1  1 
ATOM 951  O OE2  . GLU A 1 62 ? -5.102  -10.809 5.432   1.00 1.72 ? 62 GLU A OE2  1 
ATOM 952  H H    . GLU A 1 62 ? -7.452  -7.203  3.016   1.00 0.15 ? 62 GLU A H    1 
ATOM 953  H HA   . GLU A 1 62 ? -5.245  -8.374  1.639   1.00 0.17 ? 62 GLU A HA   1 
ATOM 954  H HB2  . GLU A 1 62 ? -7.703  -9.802  2.698   1.00 0.22 ? 62 GLU A HB2  1 
ATOM 955  H HB3  . GLU A 1 62 ? -6.109  -10.508 2.419   1.00 0.23 ? 62 GLU A HB3  1 
ATOM 956  H HG2  . GLU A 1 62 ? -5.216  -8.757  4.065   1.00 0.72 ? 62 GLU A HG2  1 
ATOM 957  H HG3  . GLU A 1 62 ? -6.900  -8.466  4.500   1.00 0.78 ? 62 GLU A HG3  1 
ATOM 958  N N    . HIS A 1 63 ? -8.186  -8.795  0.193   1.00 0.15 ? 63 HIS A N    1 
ATOM 959  C CA   . HIS A 1 63 ? -8.816  -9.127  -1.119  1.00 0.17 ? 63 HIS A CA   1 
ATOM 960  C C    . HIS A 1 63 ? -8.480  -8.050  -2.160  1.00 0.15 ? 63 HIS A C    1 
ATOM 961  O O    . HIS A 1 63 ? -8.620  -8.267  -3.349  1.00 0.16 ? 63 HIS A O    1 
ATOM 962  C CB   . HIS A 1 63 ? -10.336 -9.212  -0.948  1.00 0.20 ? 63 HIS A CB   1 
ATOM 963  C CG   . HIS A 1 63 ? -10.846 -7.939  -0.328  1.00 0.19 ? 63 HIS A CG   1 
ATOM 964  N ND1  . HIS A 1 63 ? -11.367 -7.898  0.955   1.00 0.23 ? 63 HIS A ND1  1 
ATOM 965  C CD2  . HIS A 1 63 ? -10.920 -6.652  -0.804  1.00 0.23 ? 63 HIS A CD2  1 
ATOM 966  C CE1  . HIS A 1 63 ? -11.730 -6.626  1.205   1.00 0.21 ? 63 HIS A CE1  1 
ATOM 967  N NE2  . HIS A 1 63 ? -11.479 -5.826  0.165   1.00 0.22 ? 63 HIS A NE2  1 
ATOM 968  H H    . HIS A 1 63 ? -8.748  -8.535  0.951   1.00 0.16 ? 63 HIS A H    1 
ATOM 969  H HA   . HIS A 1 63 ? -8.444  -10.081 -1.462  1.00 0.20 ? 63 HIS A HA   1 
ATOM 970  H HB2  . HIS A 1 63 ? -10.799 -9.354  -1.912  1.00 0.22 ? 63 HIS A HB2  1 
ATOM 971  H HB3  . HIS A 1 63 ? -10.579 -10.045 -0.305  1.00 0.22 ? 63 HIS A HB3  1 
ATOM 972  H HD1  . HIS A 1 63 ? -11.457 -8.658  1.568   1.00 0.30 ? 63 HIS A HD1  1 
ATOM 973  H HD2  . HIS A 1 63 ? -10.595 -6.332  -1.783  1.00 0.31 ? 63 HIS A HD2  1 
ATOM 974  H HE1  . HIS A 1 63 ? -12.170 -6.293  2.134   1.00 0.26 ? 63 HIS A HE1  1 
ATOM 975  N N    . GLU A 1 64 ? -8.043  -6.890  -1.728  1.00 0.12 ? 64 GLU A N    1 
ATOM 976  C CA   . GLU A 1 64 ? -7.705  -5.803  -2.696  1.00 0.11 ? 64 GLU A CA   1 
ATOM 977  C C    . GLU A 1 64 ? -6.317  -6.050  -3.305  1.00 0.11 ? 64 GLU A C    1 
ATOM 978  O O    . GLU A 1 64 ? -5.995  -5.524  -4.354  1.00 0.20 ? 64 GLU A O    1 
ATOM 979  C CB   . GLU A 1 64 ? -7.705  -4.457  -1.967  1.00 0.12 ? 64 GLU A CB   1 
ATOM 980  C CG   . GLU A 1 64 ? -9.123  -3.884  -1.956  1.00 0.24 ? 64 GLU A CG   1 
ATOM 981  C CD   . GLU A 1 64 ? -9.062  -2.373  -1.720  1.00 0.38 ? 64 GLU A CD   1 
ATOM 982  O OE1  . GLU A 1 64 ? -8.220  -1.949  -0.947  1.00 1.18 ? 64 GLU A OE1  1 
ATOM 983  O OE2  . GLU A 1 64 ? -9.856  -1.668  -2.318  1.00 1.18 ? 64 GLU A OE2  1 
ATOM 984  H H    . GLU A 1 64 ? -7.938  -6.730  -0.767  1.00 0.12 ? 64 GLU A H    1 
ATOM 985  H HA   . GLU A 1 64 ? -8.443  -5.783  -3.484  1.00 0.13 ? 64 GLU A HA   1 
ATOM 986  H HB2  . GLU A 1 64 ? -7.364  -4.598  -0.953  1.00 0.20 ? 64 GLU A HB2  1 
ATOM 987  H HB3  . GLU A 1 64 ? -7.045  -3.772  -2.478  1.00 0.16 ? 64 GLU A HB3  1 
ATOM 988  H HG2  . GLU A 1 64 ? -9.599  -4.082  -2.905  1.00 0.48 ? 64 GLU A HG2  1 
ATOM 989  H HG3  . GLU A 1 64 ? -9.692  -4.346  -1.163  1.00 0.41 ? 64 GLU A HG3  1 
ATOM 990  N N    . LEU A 1 65 ? -5.496  -6.842  -2.657  1.00 0.13 ? 65 LEU A N    1 
ATOM 991  C CA   . LEU A 1 65 ? -4.133  -7.117  -3.202  1.00 0.12 ? 65 LEU A CA   1 
ATOM 992  C C    . LEU A 1 65 ? -4.123  -8.483  -3.890  1.00 0.13 ? 65 LEU A C    1 
ATOM 993  O O    . LEU A 1 65 ? -4.832  -9.391  -3.498  1.00 0.16 ? 65 LEU A O    1 
ATOM 994  C CB   . LEU A 1 65 ? -3.115  -7.120  -2.058  1.00 0.13 ? 65 LEU A CB   1 
ATOM 995  C CG   . LEU A 1 65 ? -3.204  -5.806  -1.281  1.00 0.14 ? 65 LEU A CG   1 
ATOM 996  C CD1  . LEU A 1 65 ? -2.683  -6.020  0.142   1.00 0.19 ? 65 LEU A CD1  1 
ATOM 997  C CD2  . LEU A 1 65 ? -2.353  -4.744  -1.978  1.00 0.15 ? 65 LEU A CD2  1 
ATOM 998  H H    . LEU A 1 65 ? -5.772  -7.254  -1.813  1.00 0.22 ? 65 LEU A H    1 
ATOM 999  H HA   . LEU A 1 65 ? -3.870  -6.352  -3.917  1.00 0.12 ? 65 LEU A HA   1 
ATOM 1000 H HB2  . LEU A 1 65 ? -3.325  -7.946  -1.394  1.00 0.14 ? 65 LEU A HB2  1 
ATOM 1001 H HB3  . LEU A 1 65 ? -2.120  -7.230  -2.463  1.00 0.13 ? 65 LEU A HB3  1 
ATOM 1002 H HG   . LEU A 1 65 ? -4.232  -5.479  -1.241  1.00 0.16 ? 65 LEU A HG   1 
ATOM 1003 H HD11 . LEU A 1 65 ? -1.662  -6.369  0.103   1.00 1.09 ? 65 LEU A HD11 1 
ATOM 1004 H HD12 . LEU A 1 65 ? -2.726  -5.088  0.686   1.00 1.00 ? 65 LEU A HD12 1 
ATOM 1005 H HD13 . LEU A 1 65 ? -3.295  -6.756  0.642   1.00 1.01 ? 65 LEU A HD13 1 
ATOM 1006 H HD21 . LEU A 1 65 ? -1.526  -5.220  -2.485  1.00 1.01 ? 65 LEU A HD21 1 
ATOM 1007 H HD22 . LEU A 1 65 ? -2.959  -4.214  -2.699  1.00 1.05 ? 65 LEU A HD22 1 
ATOM 1008 H HD23 . LEU A 1 65 ? -1.973  -4.048  -1.245  1.00 1.00 ? 65 LEU A HD23 1 
ATOM 1009 N N    . GLU A 1 66 ? -3.319  -8.634  -4.913  1.00 0.14 ? 66 GLU A N    1 
ATOM 1010 C CA   . GLU A 1 66 ? -3.251  -9.938  -5.634  1.00 0.16 ? 66 GLU A CA   1 
ATOM 1011 C C    . GLU A 1 66 ? -1.831  -10.498 -5.531  1.00 0.14 ? 66 GLU A C    1 
ATOM 1012 O O    . GLU A 1 66 ? -0.967  -10.171 -6.323  1.00 0.17 ? 66 GLU A O    1 
ATOM 1013 C CB   . GLU A 1 66 ? -3.612  -9.728  -7.105  1.00 0.23 ? 66 GLU A CB   1 
ATOM 1014 C CG   . GLU A 1 66 ? -3.768  -11.086 -7.792  1.00 0.30 ? 66 GLU A CG   1 
ATOM 1015 C CD   . GLU A 1 66 ? -4.624  -10.928 -9.050  1.00 1.25 ? 66 GLU A CD   1 
ATOM 1016 O OE1  . GLU A 1 66 ? -4.281  -10.098 -9.875  1.00 1.97 ? 66 GLU A OE1  1 
ATOM 1017 O OE2  . GLU A 1 66 ? -5.608  -11.640 -9.166  1.00 2.05 ? 66 GLU A OE2  1 
ATOM 1018 H H    . GLU A 1 66 ? -2.759  -7.886  -5.205  1.00 0.15 ? 66 GLU A H    1 
ATOM 1019 H HA   . GLU A 1 66 ? -3.946  -10.634 -5.188  1.00 0.18 ? 66 GLU A HA   1 
ATOM 1020 H HB2  . GLU A 1 66 ? -4.540  -9.180  -7.173  1.00 0.34 ? 66 GLU A HB2  1 
ATOM 1021 H HB3  . GLU A 1 66 ? -2.826  -9.169  -7.593  1.00 0.29 ? 66 GLU A HB3  1 
ATOM 1022 H HG2  . GLU A 1 66 ? -2.793  -11.466 -8.064  1.00 1.02 ? 66 GLU A HG2  1 
ATOM 1023 H HG3  . GLU A 1 66 ? -4.247  -11.779 -7.117  1.00 0.97 ? 66 GLU A HG3  1 
ATOM 1024 N N    . VAL A 1 67 ? -1.584  -11.339 -4.557  1.00 0.15 ? 67 VAL A N    1 
ATOM 1025 C CA   . VAL A 1 67 ? -0.217  -11.926 -4.389  1.00 0.18 ? 67 VAL A CA   1 
ATOM 1026 C C    . VAL A 1 67 ? 0.184   -12.679 -5.661  1.00 0.20 ? 67 VAL A C    1 
ATOM 1027 O O    . VAL A 1 67 ? -0.318  -13.751 -5.943  1.00 0.29 ? 67 VAL A O    1 
ATOM 1028 C CB   . VAL A 1 67 ? -0.223  -12.897 -3.205  1.00 0.24 ? 67 VAL A CB   1 
ATOM 1029 C CG1  . VAL A 1 67 ? 1.202   -13.382 -2.934  1.00 0.29 ? 67 VAL A CG1  1 
ATOM 1030 C CG2  . VAL A 1 67 ? -0.761  -12.182 -1.963  1.00 0.28 ? 67 VAL A CG2  1 
ATOM 1031 H H    . VAL A 1 67 ? -2.298  -11.585 -3.932  1.00 0.17 ? 67 VAL A H    1 
ATOM 1032 H HA   . VAL A 1 67 ? 0.493   -11.134 -4.199  1.00 0.19 ? 67 VAL A HA   1 
ATOM 1033 H HB   . VAL A 1 67 ? -0.853  -13.743 -3.438  1.00 0.26 ? 67 VAL A HB   1 
ATOM 1034 H HG11 . VAL A 1 67 ? 1.669   -13.667 -3.865  1.00 1.03 ? 67 VAL A HG11 1 
ATOM 1035 H HG12 . VAL A 1 67 ? 1.770   -12.587 -2.473  1.00 0.99 ? 67 VAL A HG12 1 
ATOM 1036 H HG13 . VAL A 1 67 ? 1.172   -14.234 -2.270  1.00 1.09 ? 67 VAL A HG13 1 
ATOM 1037 H HG21 . VAL A 1 67 ? -0.295  -11.213 -1.875  1.00 1.07 ? 67 VAL A HG21 1 
ATOM 1038 H HG22 . VAL A 1 67 ? -1.830  -12.062 -2.052  1.00 1.02 ? 67 VAL A HG22 1 
ATOM 1039 H HG23 . VAL A 1 67 ? -0.538  -12.771 -1.086  1.00 1.05 ? 67 VAL A HG23 1 
ATOM 1040 N N    . VAL A 1 68 ? 1.087   -12.123 -6.429  1.00 0.22 ? 68 VAL A N    1 
ATOM 1041 C CA   . VAL A 1 68 ? 1.530   -12.796 -7.684  1.00 0.28 ? 68 VAL A CA   1 
ATOM 1042 C C    . VAL A 1 68 ? 2.970   -13.289 -7.519  1.00 0.31 ? 68 VAL A C    1 
ATOM 1043 O O    . VAL A 1 68 ? 3.725   -13.352 -8.471  1.00 0.73 ? 68 VAL A O    1 
ATOM 1044 C CB   . VAL A 1 68 ? 1.460   -11.804 -8.847  1.00 0.34 ? 68 VAL A CB   1 
ATOM 1045 C CG1  . VAL A 1 68 ? 0.002   -11.425 -9.110  1.00 0.40 ? 68 VAL A CG1  1 
ATOM 1046 C CG2  . VAL A 1 68 ? 2.254   -10.545 -8.492  1.00 0.38 ? 68 VAL A CG2  1 
ATOM 1047 H H    . VAL A 1 68 ? 1.475   -11.259 -6.175  1.00 0.26 ? 68 VAL A H    1 
ATOM 1048 H HA   . VAL A 1 68 ? 0.883   -13.636 -7.889  1.00 0.31 ? 68 VAL A HA   1 
ATOM 1049 H HB   . VAL A 1 68 ? 1.879   -12.258 -9.734  1.00 0.38 ? 68 VAL A HB   1 
ATOM 1050 H HG11 . VAL A 1 68 ? -0.642  -12.233 -8.793  1.00 1.02 ? 68 VAL A HG11 1 
ATOM 1051 H HG12 . VAL A 1 68 ? -0.244  -10.531 -8.558  1.00 1.10 ? 68 VAL A HG12 1 
ATOM 1052 H HG13 . VAL A 1 68 ? -0.139  -11.246 -10.166 1.00 1.18 ? 68 VAL A HG13 1 
ATOM 1053 H HG21 . VAL A 1 68 ? 3.227   -10.827 -8.116  1.00 1.08 ? 68 VAL A HG21 1 
ATOM 1054 H HG22 . VAL A 1 68 ? 2.373   -9.932  -9.373  1.00 1.06 ? 68 VAL A HG22 1 
ATOM 1055 H HG23 . VAL A 1 68 ? 1.725   -9.986  -7.734  1.00 1.08 ? 68 VAL A HG23 1 
ATOM 1056 N N    . GLY A 1 69 ? 3.351   -13.639 -6.317  1.00 0.47 ? 69 GLY A N    1 
ATOM 1057 C CA   . GLY A 1 69 ? 4.741   -14.128 -6.080  1.00 0.46 ? 69 GLY A CA   1 
ATOM 1058 C C    . GLY A 1 69 ? 4.827   -15.614 -6.433  1.00 1.48 ? 69 GLY A C    1 
ATOM 1059 O O    . GLY A 1 69 ? 3.797   -16.190 -6.745  1.00 2.19 ? 69 GLY A O    1 
ATOM 1060 O OXT  . GLY A 1 69 ? 5.921   -16.152 -6.387  1.00 2.21 ? 69 GLY A OXT  1 
ATOM 1061 H H    . GLY A 1 69 ? 2.721   -13.577 -5.568  1.00 0.84 ? 69 GLY A H    1 
ATOM 1062 H HA2  . GLY A 1 69 ? 5.429   -13.569 -6.696  1.00 0.86 ? 69 GLY A HA2  1 
ATOM 1063 H HA3  . GLY A 1 69 ? 4.997   -13.995 -5.039  1.00 0.90 ? 69 GLY A HA3  1 
# 
